data_2FU0
# 
_entry.id   2FU0 
# 
_audit_conform.dict_name       mmcif_pdbx.dic 
_audit_conform.dict_version    5.377 
_audit_conform.dict_location   http://mmcif.pdb.org/dictionaries/ascii/mmcif_pdbx.dic 
# 
loop_
_database_2.database_id 
_database_2.database_code 
_database_2.pdbx_database_accession 
_database_2.pdbx_DOI 
PDB   2FU0         pdb_00002fu0 10.2210/pdb2fu0/pdb 
RCSB  RCSB036310   ?            ?                   
WWPDB D_1000036310 ?            ?                   
# 
_pdbx_database_status.status_code                     REL 
_pdbx_database_status.entry_id                        2FU0 
_pdbx_database_status.recvd_initial_deposition_date   2006-01-25 
_pdbx_database_status.deposit_site                    RCSB 
_pdbx_database_status.process_site                    RCSB 
_pdbx_database_status.status_code_sf                  REL 
_pdbx_database_status.status_code_mr                  ? 
_pdbx_database_status.SG_entry                        Y 
_pdbx_database_status.pdb_format_compatible           Y 
_pdbx_database_status.status_code_cs                  ? 
_pdbx_database_status.methods_development_category    ? 
_pdbx_database_status.status_code_nmr_data            ? 
# 
loop_
_audit_author.name 
_audit_author.pdbx_ordinal 
'Dong, A.'                             1  
'Lew, J.'                              2  
'Sundararajan, E.'                     3  
'Zhao, Y.'                             4  
'Wasney, G.'                           5  
'Vedadi, M.'                           6  
'Koeieradzki, I.'                      7  
'Edwards, A.M.'                        8  
'Arrowsmith, C.H.'                     9  
'Weigelt, J.'                          10 
'Sundstrom, M.'                        11 
'Bochkarev, A.'                        12 
'Hui, R.'                              13 
'Hills, T.'                            14 
'Structural Genomics Consortium (SGC)' 15 
# 
_citation.id                        primary 
_citation.title                     
'Genome-scale protein expression and structural biology of Plasmodium falciparum and related Apicomplexan organisms.' 
_citation.journal_abbrev            Mol.Biochem.Parasitol. 
_citation.journal_volume            151 
_citation.page_first                100 
_citation.page_last                 110 
_citation.year                      2007 
_citation.journal_id_ASTM           MBIPDP 
_citation.country                   NE 
_citation.journal_id_ISSN           0166-6851 
_citation.journal_id_CSD            2085 
_citation.book_publisher            ? 
_citation.pdbx_database_id_PubMed   17125854 
_citation.pdbx_database_id_DOI      10.1016/j.molbiopara.2006.10.011 
# 
loop_
_citation_author.citation_id 
_citation_author.name 
_citation_author.ordinal 
_citation_author.identifier_ORCID 
primary 'Vedadi, M.'       1  ? 
primary 'Lew, J.'          2  ? 
primary 'Artz, J.'         3  ? 
primary 'Amani, M.'        4  ? 
primary 'Zhao, Y.'         5  ? 
primary 'Dong, A.'         6  ? 
primary 'Wasney, G.A.'     7  ? 
primary 'Gao, M.'          8  ? 
primary 'Hills, T.'        9  ? 
primary 'Brokx, S.'        10 ? 
primary 'Qiu, W.'          11 ? 
primary 'Sharma, S.'       12 ? 
primary 'Diassiti, A.'     13 ? 
primary 'Alam, Z.'         14 ? 
primary 'Melone, M.'       15 ? 
primary 'Mulichak, A.'     16 ? 
primary 'Wernimont, A.'    17 ? 
primary 'Bray, J.'         18 ? 
primary 'Loppnau, P.'      19 ? 
primary 'Plotnikova, O.'   20 ? 
primary 'Newberry, K.'     21 ? 
primary 'Sundararajan, E.' 22 ? 
primary 'Houston, S.'      23 ? 
primary 'Walker, J.'       24 ? 
primary 'Tempel, W.'       25 ? 
primary 'Bochkarev, A.'    26 ? 
primary 'Kozieradzki, I.'  27 ? 
primary 'Edwards, A.'      28 ? 
primary 'Arrowsmith, C.'   29 ? 
primary 'Roos, D.'         30 ? 
primary 'Kain, K.'         31 ? 
primary 'Hui, R.'          32 ? 
# 
_cell.entry_id           2FU0 
_cell.length_a           32.164 
_cell.length_b           56.301 
_cell.length_c           39.712 
_cell.angle_alpha        90.00 
_cell.angle_beta         107.89 
_cell.angle_gamma        90.00 
_cell.Z_PDB              2 
_cell.pdbx_unique_axis   ? 
_cell.length_a_esd       ? 
_cell.length_b_esd       ? 
_cell.length_c_esd       ? 
_cell.angle_alpha_esd    ? 
_cell.angle_beta_esd     ? 
_cell.angle_gamma_esd    ? 
# 
_symmetry.entry_id                         2FU0 
_symmetry.space_group_name_H-M             'P 1 21 1' 
_symmetry.pdbx_full_space_group_name_H-M   ? 
_symmetry.cell_setting                     ? 
_symmetry.Int_Tables_number                4 
_symmetry.space_group_name_Hall            ? 
# 
loop_
_entity.id 
_entity.type 
_entity.src_method 
_entity.pdbx_description 
_entity.formula_weight 
_entity.pdbx_number_of_molecules 
_entity.pdbx_ec 
_entity.pdbx_mutation 
_entity.pdbx_fragment 
_entity.details 
1 polymer man 'cyclophilin, putative' 18188.697 1   5.2.1.8 ? 'residues 589-747' ? 
2 water   nat water                   18.015    185 ?       ? ?                  ? 
# 
_entity_poly.entity_id                      1 
_entity_poly.type                           'polypeptide(L)' 
_entity_poly.nstd_linkage                   no 
_entity_poly.nstd_monomer                   no 
_entity_poly.pdbx_seq_one_letter_code       
;GKNTPKSAIIYTTMGDIHISLFYKECKKTVQNFSVHSINGYYNNCIFHRVIKHFMVQTGDPSGDGTGGESIWGNEFEDEF
FDHLNHSKPFMVSMANCGPNTNGSQFFITTVPCPWLDFKHTVFGKVTQGSKIVLDIEKVRTDKRDKPLEDIKILNIKINN
;
_entity_poly.pdbx_seq_one_letter_code_can   
;GKNTPKSAIIYTTMGDIHISLFYKECKKTVQNFSVHSINGYYNNCIFHRVIKHFMVQTGDPSGDGTGGESIWGNEFEDEF
FDHLNHSKPFMVSMANCGPNTNGSQFFITTVPCPWLDFKHTVFGKVTQGSKIVLDIEKVRTDKRDKPLEDIKILNIKINN
;
_entity_poly.pdbx_strand_id                 A 
_entity_poly.pdbx_target_identifier         ? 
# 
loop_
_entity_poly_seq.entity_id 
_entity_poly_seq.num 
_entity_poly_seq.mon_id 
_entity_poly_seq.hetero 
1 1   GLY n 
1 2   LYS n 
1 3   ASN n 
1 4   THR n 
1 5   PRO n 
1 6   LYS n 
1 7   SER n 
1 8   ALA n 
1 9   ILE n 
1 10  ILE n 
1 11  TYR n 
1 12  THR n 
1 13  THR n 
1 14  MET n 
1 15  GLY n 
1 16  ASP n 
1 17  ILE n 
1 18  HIS n 
1 19  ILE n 
1 20  SER n 
1 21  LEU n 
1 22  PHE n 
1 23  TYR n 
1 24  LYS n 
1 25  GLU n 
1 26  CYS n 
1 27  LYS n 
1 28  LYS n 
1 29  THR n 
1 30  VAL n 
1 31  GLN n 
1 32  ASN n 
1 33  PHE n 
1 34  SER n 
1 35  VAL n 
1 36  HIS n 
1 37  SER n 
1 38  ILE n 
1 39  ASN n 
1 40  GLY n 
1 41  TYR n 
1 42  TYR n 
1 43  ASN n 
1 44  ASN n 
1 45  CYS n 
1 46  ILE n 
1 47  PHE n 
1 48  HIS n 
1 49  ARG n 
1 50  VAL n 
1 51  ILE n 
1 52  LYS n 
1 53  HIS n 
1 54  PHE n 
1 55  MET n 
1 56  VAL n 
1 57  GLN n 
1 58  THR n 
1 59  GLY n 
1 60  ASP n 
1 61  PRO n 
1 62  SER n 
1 63  GLY n 
1 64  ASP n 
1 65  GLY n 
1 66  THR n 
1 67  GLY n 
1 68  GLY n 
1 69  GLU n 
1 70  SER n 
1 71  ILE n 
1 72  TRP n 
1 73  GLY n 
1 74  ASN n 
1 75  GLU n 
1 76  PHE n 
1 77  GLU n 
1 78  ASP n 
1 79  GLU n 
1 80  PHE n 
1 81  PHE n 
1 82  ASP n 
1 83  HIS n 
1 84  LEU n 
1 85  ASN n 
1 86  HIS n 
1 87  SER n 
1 88  LYS n 
1 89  PRO n 
1 90  PHE n 
1 91  MET n 
1 92  VAL n 
1 93  SER n 
1 94  MET n 
1 95  ALA n 
1 96  ASN n 
1 97  CYS n 
1 98  GLY n 
1 99  PRO n 
1 100 ASN n 
1 101 THR n 
1 102 ASN n 
1 103 GLY n 
1 104 SER n 
1 105 GLN n 
1 106 PHE n 
1 107 PHE n 
1 108 ILE n 
1 109 THR n 
1 110 THR n 
1 111 VAL n 
1 112 PRO n 
1 113 CYS n 
1 114 PRO n 
1 115 TRP n 
1 116 LEU n 
1 117 ASP n 
1 118 PHE n 
1 119 LYS n 
1 120 HIS n 
1 121 THR n 
1 122 VAL n 
1 123 PHE n 
1 124 GLY n 
1 125 LYS n 
1 126 VAL n 
1 127 THR n 
1 128 GLN n 
1 129 GLY n 
1 130 SER n 
1 131 LYS n 
1 132 ILE n 
1 133 VAL n 
1 134 LEU n 
1 135 ASP n 
1 136 ILE n 
1 137 GLU n 
1 138 LYS n 
1 139 VAL n 
1 140 ARG n 
1 141 THR n 
1 142 ASP n 
1 143 LYS n 
1 144 ARG n 
1 145 ASP n 
1 146 LYS n 
1 147 PRO n 
1 148 LEU n 
1 149 GLU n 
1 150 ASP n 
1 151 ILE n 
1 152 LYS n 
1 153 ILE n 
1 154 LEU n 
1 155 ASN n 
1 156 ILE n 
1 157 LYS n 
1 158 ILE n 
1 159 ASN n 
1 160 ASN n 
# 
_entity_src_gen.entity_id                          1 
_entity_src_gen.pdbx_src_id                        1 
_entity_src_gen.pdbx_alt_source_flag               sample 
_entity_src_gen.pdbx_seq_type                      ? 
_entity_src_gen.pdbx_beg_seq_num                   ? 
_entity_src_gen.pdbx_end_seq_num                   ? 
_entity_src_gen.gene_src_common_name               ? 
_entity_src_gen.gene_src_genus                     Plasmodium 
_entity_src_gen.pdbx_gene_src_gene                 ? 
_entity_src_gen.gene_src_species                   'Plasmodium falciparum' 
_entity_src_gen.gene_src_strain                    3D7 
_entity_src_gen.gene_src_tissue                    ? 
_entity_src_gen.gene_src_tissue_fraction           ? 
_entity_src_gen.gene_src_details                   ? 
_entity_src_gen.pdbx_gene_src_fragment             ? 
_entity_src_gen.pdbx_gene_src_scientific_name      'Plasmodium falciparum' 
_entity_src_gen.pdbx_gene_src_ncbi_taxonomy_id     36329 
_entity_src_gen.pdbx_gene_src_variant              ? 
_entity_src_gen.pdbx_gene_src_cell_line            ? 
_entity_src_gen.pdbx_gene_src_atcc                 ? 
_entity_src_gen.pdbx_gene_src_organ                ? 
_entity_src_gen.pdbx_gene_src_organelle            ? 
_entity_src_gen.pdbx_gene_src_cell                 ? 
_entity_src_gen.pdbx_gene_src_cellular_location    ? 
_entity_src_gen.host_org_common_name               ? 
_entity_src_gen.pdbx_host_org_scientific_name      'Escherichia coli' 
_entity_src_gen.pdbx_host_org_ncbi_taxonomy_id     562 
_entity_src_gen.host_org_genus                     Escherichia 
_entity_src_gen.pdbx_host_org_gene                 ? 
_entity_src_gen.pdbx_host_org_organ                ? 
_entity_src_gen.host_org_species                   ? 
_entity_src_gen.pdbx_host_org_tissue               ? 
_entity_src_gen.pdbx_host_org_tissue_fraction      ? 
_entity_src_gen.pdbx_host_org_strain               'BL21 Codon plus Ril' 
_entity_src_gen.pdbx_host_org_variant              ? 
_entity_src_gen.pdbx_host_org_cell_line            ? 
_entity_src_gen.pdbx_host_org_atcc                 ? 
_entity_src_gen.pdbx_host_org_culture_collection   ? 
_entity_src_gen.pdbx_host_org_cell                 ? 
_entity_src_gen.pdbx_host_org_organelle            ? 
_entity_src_gen.pdbx_host_org_cellular_location    ? 
_entity_src_gen.pdbx_host_org_vector_type          PLASMID 
_entity_src_gen.pdbx_host_org_vector               ? 
_entity_src_gen.host_org_details                   ? 
_entity_src_gen.expression_system_id               ? 
_entity_src_gen.plasmid_name                       'P28-LIC-THROMBIN DERIVED FROM PET28' 
_entity_src_gen.plasmid_details                    ? 
_entity_src_gen.pdbx_description                   ? 
# 
_struct_ref.id                         1 
_struct_ref.db_name                    GB 
_struct_ref.db_code                    NP_703447 
_struct_ref.pdbx_db_accession          23613125 
_struct_ref.entity_id                  1 
_struct_ref.pdbx_seq_one_letter_code   
;KNTPKSAIIYTTMGDIHISLFYKECKKTVQNFSVHSINGYYNNCIFHRVIKHFMVQTGDPSGDGTGGESIWGNEFEDEFF
DHLNHSKPFMVSMANCGPNTNGSQFFITTVPCPWLDFKHTVFGKVTQGSKIVLDIEKVRTDKRDKPLEDIKILNIKINN
;
_struct_ref.pdbx_align_begin           589 
_struct_ref.pdbx_db_isoform            ? 
# 
_struct_ref_seq.align_id                      1 
_struct_ref_seq.ref_id                        1 
_struct_ref_seq.pdbx_PDB_id_code              2FU0 
_struct_ref_seq.pdbx_strand_id                A 
_struct_ref_seq.seq_align_beg                 2 
_struct_ref_seq.pdbx_seq_align_beg_ins_code   ? 
_struct_ref_seq.seq_align_end                 160 
_struct_ref_seq.pdbx_seq_align_end_ins_code   ? 
_struct_ref_seq.pdbx_db_accession             23613125 
_struct_ref_seq.db_align_beg                  589 
_struct_ref_seq.pdbx_db_align_beg_ins_code    ? 
_struct_ref_seq.db_align_end                  747 
_struct_ref_seq.pdbx_db_align_end_ins_code    ? 
_struct_ref_seq.pdbx_auth_seq_align_beg       2 
_struct_ref_seq.pdbx_auth_seq_align_end       160 
# 
_struct_ref_seq_dif.align_id                     1 
_struct_ref_seq_dif.pdbx_pdb_id_code             2FU0 
_struct_ref_seq_dif.mon_id                       GLY 
_struct_ref_seq_dif.pdbx_pdb_strand_id           A 
_struct_ref_seq_dif.seq_num                      1 
_struct_ref_seq_dif.pdbx_pdb_ins_code            ? 
_struct_ref_seq_dif.pdbx_seq_db_name             GB 
_struct_ref_seq_dif.pdbx_seq_db_accession_code   23613125 
_struct_ref_seq_dif.db_mon_id                    ? 
_struct_ref_seq_dif.pdbx_seq_db_seq_num          ? 
_struct_ref_seq_dif.details                      'cloning artifact' 
_struct_ref_seq_dif.pdbx_auth_seq_num            1 
_struct_ref_seq_dif.pdbx_ordinal                 1 
# 
loop_
_chem_comp.id 
_chem_comp.type 
_chem_comp.mon_nstd_flag 
_chem_comp.name 
_chem_comp.pdbx_synonyms 
_chem_comp.formula 
_chem_comp.formula_weight 
ALA 'L-peptide linking' y ALANINE         ? 'C3 H7 N O2'     89.093  
ARG 'L-peptide linking' y ARGININE        ? 'C6 H15 N4 O2 1' 175.209 
ASN 'L-peptide linking' y ASPARAGINE      ? 'C4 H8 N2 O3'    132.118 
ASP 'L-peptide linking' y 'ASPARTIC ACID' ? 'C4 H7 N O4'     133.103 
CYS 'L-peptide linking' y CYSTEINE        ? 'C3 H7 N O2 S'   121.158 
GLN 'L-peptide linking' y GLUTAMINE       ? 'C5 H10 N2 O3'   146.144 
GLU 'L-peptide linking' y 'GLUTAMIC ACID' ? 'C5 H9 N O4'     147.129 
GLY 'peptide linking'   y GLYCINE         ? 'C2 H5 N O2'     75.067  
HIS 'L-peptide linking' y HISTIDINE       ? 'C6 H10 N3 O2 1' 156.162 
HOH non-polymer         . WATER           ? 'H2 O'           18.015  
ILE 'L-peptide linking' y ISOLEUCINE      ? 'C6 H13 N O2'    131.173 
LEU 'L-peptide linking' y LEUCINE         ? 'C6 H13 N O2'    131.173 
LYS 'L-peptide linking' y LYSINE          ? 'C6 H15 N2 O2 1' 147.195 
MET 'L-peptide linking' y METHIONINE      ? 'C5 H11 N O2 S'  149.211 
PHE 'L-peptide linking' y PHENYLALANINE   ? 'C9 H11 N O2'    165.189 
PRO 'L-peptide linking' y PROLINE         ? 'C5 H9 N O2'     115.130 
SER 'L-peptide linking' y SERINE          ? 'C3 H7 N O3'     105.093 
THR 'L-peptide linking' y THREONINE       ? 'C4 H9 N O3'     119.119 
TRP 'L-peptide linking' y TRYPTOPHAN      ? 'C11 H12 N2 O2'  204.225 
TYR 'L-peptide linking' y TYROSINE        ? 'C9 H11 N O3'    181.189 
VAL 'L-peptide linking' y VALINE          ? 'C5 H11 N O2'    117.146 
# 
_exptl.entry_id          2FU0 
_exptl.method            'X-RAY DIFFRACTION' 
_exptl.crystals_number   1 
# 
_exptl_crystal.id                    1 
_exptl_crystal.density_meas          ? 
_exptl_crystal.density_Matthews      1.88 
_exptl_crystal.density_percent_sol   34.59 
_exptl_crystal.description           ? 
_exptl_crystal.F_000                 ? 
_exptl_crystal.preparation           ? 
# 
_exptl_crystal_grow.crystal_id      1 
_exptl_crystal_grow.method          'VAPOR DIFFUSION, SITTING DROP' 
_exptl_crystal_grow.temp            291 
_exptl_crystal_grow.temp_details    ? 
_exptl_crystal_grow.pH              8.5 
_exptl_crystal_grow.pdbx_details    
;20% PEG 2000 MME  
0.2 M Trimethylamine N-oxide,  0.1 M Tris pH 8.5, VAPOR DIFFUSION, SITTING DROP, temperature 291K
;
_exptl_crystal_grow.pdbx_pH_range   . 
# 
_diffrn.id                     1 
_diffrn.ambient_temp           100 
_diffrn.ambient_temp_details   ? 
_diffrn.crystal_id             1 
# 
_diffrn_detector.diffrn_id              1 
_diffrn_detector.detector               'IMAGE PLATE' 
_diffrn_detector.type                   'RIGAKU RAXIS IV' 
_diffrn_detector.pdbx_collection_date   2006-01-24 
_diffrn_detector.details                'VeriMax HR' 
# 
_diffrn_radiation.diffrn_id                        1 
_diffrn_radiation.wavelength_id                    1 
_diffrn_radiation.pdbx_monochromatic_or_laue_m_l   M 
_diffrn_radiation.monochromator                    'Rigaku VeriMax HR' 
_diffrn_radiation.pdbx_diffrn_protocol             'SINGLE WAVELENGTH' 
_diffrn_radiation.pdbx_scattering_type             x-ray 
# 
_diffrn_radiation_wavelength.id           1 
_diffrn_radiation_wavelength.wavelength   1.54 
_diffrn_radiation_wavelength.wt           1.0 
# 
_diffrn_source.diffrn_id                   1 
_diffrn_source.source                      'ROTATING ANODE' 
_diffrn_source.type                        'RIGAKU FR-E' 
_diffrn_source.pdbx_synchrotron_site       ? 
_diffrn_source.pdbx_synchrotron_beamline   ? 
_diffrn_source.pdbx_wavelength             ? 
_diffrn_source.pdbx_wavelength_list        1.54 
# 
_reflns.entry_id                     2FU0 
_reflns.observed_criterion_sigma_I   0 
_reflns.observed_criterion_sigma_F   0 
_reflns.d_resolution_low             50 
_reflns.d_resolution_high            1.80 
_reflns.number_obs                   12434 
_reflns.number_all                   12434 
_reflns.percent_possible_obs         98.7 
_reflns.pdbx_Rmerge_I_obs            0.047 
_reflns.pdbx_Rsym_value              0.047 
_reflns.pdbx_netI_over_sigmaI        13.8 
_reflns.B_iso_Wilson_estimate        23.8 
_reflns.pdbx_redundancy              3.2 
_reflns.R_free_details               ? 
_reflns.limit_h_max                  ? 
_reflns.limit_h_min                  ? 
_reflns.limit_k_max                  ? 
_reflns.limit_k_min                  ? 
_reflns.limit_l_max                  ? 
_reflns.limit_l_min                  ? 
_reflns.observed_criterion_F_max     ? 
_reflns.observed_criterion_F_min     ? 
_reflns.pdbx_chi_squared             ? 
_reflns.pdbx_scaling_rejects         ? 
_reflns.pdbx_ordinal                 1 
_reflns.pdbx_diffrn_id               1 
# 
_reflns_shell.d_res_high             1.80 
_reflns_shell.d_res_low              1.83 
_reflns_shell.percent_possible_all   82.6 
_reflns_shell.Rmerge_I_obs           0.234 
_reflns_shell.pdbx_Rsym_value        0.234 
_reflns_shell.meanI_over_sigI_obs    2.7 
_reflns_shell.pdbx_redundancy        2.5 
_reflns_shell.percent_possible_obs   ? 
_reflns_shell.number_unique_all      502 
_reflns_shell.number_measured_all    ? 
_reflns_shell.number_measured_obs    ? 
_reflns_shell.number_unique_obs      ? 
_reflns_shell.pdbx_chi_squared       ? 
_reflns_shell.pdbx_ordinal           1 
_reflns_shell.pdbx_diffrn_id         1 
# 
_refine.entry_id                                 2FU0 
_refine.ls_number_reflns_obs                     11552 
_refine.ls_number_reflns_all                     12434 
_refine.pdbx_ls_sigma_I                          0 
_refine.pdbx_ls_sigma_F                          0 
_refine.pdbx_data_cutoff_high_absF               ? 
_refine.pdbx_data_cutoff_low_absF                ? 
_refine.pdbx_data_cutoff_high_rms_absF           ? 
_refine.ls_d_res_low                             37.80 
_refine.ls_d_res_high                            1.80 
_refine.ls_percent_reflns_obs                    98.70 
_refine.ls_R_factor_obs                          0.17437 
_refine.ls_R_factor_all                          0.17437 
_refine.ls_R_factor_R_work                       0.17083 
_refine.ls_R_factor_R_free                       0.2211 
_refine.ls_R_factor_R_free_error                 ? 
_refine.ls_R_factor_R_free_error_details         ? 
_refine.ls_percent_reflns_R_free                 7.0 
_refine.ls_number_reflns_R_free                  867 
_refine.ls_number_parameters                     ? 
_refine.ls_number_restraints                     ? 
_refine.occupancy_min                            ? 
_refine.occupancy_max                            ? 
_refine.correlation_coeff_Fo_to_Fc               0.965 
_refine.correlation_coeff_Fo_to_Fc_free          0.940 
_refine.B_iso_mean                               23.781 
_refine.aniso_B[1][1]                            0.46 
_refine.aniso_B[2][2]                            -0.13 
_refine.aniso_B[3][3]                            -0.54 
_refine.aniso_B[1][2]                            0.00 
_refine.aniso_B[1][3]                            -0.35 
_refine.aniso_B[2][3]                            0.00 
_refine.solvent_model_details                    MASK 
_refine.solvent_model_param_ksol                 ? 
_refine.solvent_model_param_bsol                 ? 
_refine.pdbx_solvent_vdw_probe_radii             1.20 
_refine.pdbx_solvent_ion_probe_radii             0.80 
_refine.pdbx_solvent_shrinkage_radii             0.80 
_refine.pdbx_ls_cross_valid_method               THROUGHOUT 
_refine.details                                  'HYDROGENS HAVE BEEN ADDED IN THE RIDING POSITIONS' 
_refine.pdbx_starting_model                      2B71 
_refine.pdbx_method_to_determine_struct          'MOLECULAR REPLACEMENT' 
_refine.pdbx_isotropic_thermal_model             ? 
_refine.pdbx_stereochemistry_target_values       'MAXIMUM LIKELIHOOD' 
_refine.pdbx_stereochem_target_val_spec_case     ? 
_refine.pdbx_R_Free_selection_details            RANDOM 
_refine.pdbx_overall_ESU_R                       0.156 
_refine.pdbx_overall_ESU_R_Free                  0.144 
_refine.overall_SU_ML                            0.101 
_refine.overall_SU_B                             3.237 
_refine.ls_redundancy_reflns_obs                 ? 
_refine.B_iso_min                                ? 
_refine.B_iso_max                                ? 
_refine.overall_SU_R_Cruickshank_DPI             ? 
_refine.overall_SU_R_free                        ? 
_refine.ls_wR_factor_R_free                      ? 
_refine.ls_wR_factor_R_work                      ? 
_refine.overall_FOM_free_R_set                   ? 
_refine.overall_FOM_work_R_set                   ? 
_refine.pdbx_refine_id                           'X-RAY DIFFRACTION' 
_refine.pdbx_diffrn_id                           1 
_refine.pdbx_TLS_residual_ADP_flag               ? 
_refine.pdbx_overall_phase_error                 ? 
_refine.pdbx_overall_SU_R_free_Cruickshank_DPI   ? 
_refine.pdbx_overall_SU_R_Blow_DPI               ? 
_refine.pdbx_overall_SU_R_free_Blow_DPI          ? 
# 
_refine_hist.pdbx_refine_id                   'X-RAY DIFFRACTION' 
_refine_hist.cycle_id                         LAST 
_refine_hist.pdbx_number_atoms_protein        1242 
_refine_hist.pdbx_number_atoms_nucleic_acid   0 
_refine_hist.pdbx_number_atoms_ligand         0 
_refine_hist.number_atoms_solvent             185 
_refine_hist.number_atoms_total               1427 
_refine_hist.d_res_high                       1.80 
_refine_hist.d_res_low                        37.80 
# 
loop_
_refine_ls_restr.type 
_refine_ls_restr.dev_ideal 
_refine_ls_restr.dev_ideal_target 
_refine_ls_restr.weight 
_refine_ls_restr.number 
_refine_ls_restr.pdbx_refine_id 
_refine_ls_restr.pdbx_restraint_function 
r_bond_refined_d             0.012  0.022  ? 1275 'X-RAY DIFFRACTION' ? 
r_bond_other_d               ?      ?      ? ?    'X-RAY DIFFRACTION' ? 
r_angle_refined_deg          1.271  1.923  ? 1721 'X-RAY DIFFRACTION' ? 
r_angle_other_deg            ?      ?      ? ?    'X-RAY DIFFRACTION' ? 
r_dihedral_angle_1_deg       6.217  5.000  ? 154  'X-RAY DIFFRACTION' ? 
r_dihedral_angle_2_deg       35.191 24.833 ? 60   'X-RAY DIFFRACTION' ? 
r_dihedral_angle_3_deg       13.801 15.000 ? 222  'X-RAY DIFFRACTION' ? 
r_dihedral_angle_4_deg       22.498 15.000 ? 3    'X-RAY DIFFRACTION' ? 
r_chiral_restr               0.094  0.200  ? 185  'X-RAY DIFFRACTION' ? 
r_gen_planes_refined         0.005  0.020  ? 961  'X-RAY DIFFRACTION' ? 
r_gen_planes_other           ?      ?      ? ?    'X-RAY DIFFRACTION' ? 
r_nbd_refined                0.196  0.200  ? 601  'X-RAY DIFFRACTION' ? 
r_nbd_other                  ?      ?      ? ?    'X-RAY DIFFRACTION' ? 
r_nbtor_refined              0.309  0.200  ? 888  'X-RAY DIFFRACTION' ? 
r_nbtor_other                ?      ?      ? ?    'X-RAY DIFFRACTION' ? 
r_xyhbond_nbd_refined        0.149  0.200  ? 137  'X-RAY DIFFRACTION' ? 
r_xyhbond_nbd_other          ?      ?      ? ?    'X-RAY DIFFRACTION' ? 
r_metal_ion_refined          ?      ?      ? ?    'X-RAY DIFFRACTION' ? 
r_metal_ion_other            ?      ?      ? ?    'X-RAY DIFFRACTION' ? 
r_symmetry_vdw_refined       0.261  0.200  ? 33   'X-RAY DIFFRACTION' ? 
r_symmetry_vdw_other         ?      ?      ? ?    'X-RAY DIFFRACTION' ? 
r_symmetry_hbond_refined     0.146  0.200  ? 25   'X-RAY DIFFRACTION' ? 
r_symmetry_hbond_other       ?      ?      ? ?    'X-RAY DIFFRACTION' ? 
r_symmetry_metal_ion_refined ?      ?      ? ?    'X-RAY DIFFRACTION' ? 
r_symmetry_metal_ion_other   ?      ?      ? ?    'X-RAY DIFFRACTION' ? 
r_mcbond_it                  0.803  1.500  ? 794  'X-RAY DIFFRACTION' ? 
r_mcbond_other               ?      ?      ? ?    'X-RAY DIFFRACTION' ? 
r_mcangle_it                 1.320  2.000  ? 1255 'X-RAY DIFFRACTION' ? 
r_scbond_it                  1.999  3.000  ? 548  'X-RAY DIFFRACTION' ? 
r_scangle_it                 3.056  4.500  ? 466  'X-RAY DIFFRACTION' ? 
r_rigid_bond_restr           ?      ?      ? ?    'X-RAY DIFFRACTION' ? 
r_sphericity_free            ?      ?      ? ?    'X-RAY DIFFRACTION' ? 
r_sphericity_bonded          ?      ?      ? ?    'X-RAY DIFFRACTION' ? 
# 
_refine_ls_shell.pdbx_total_number_of_bins_used   20 
_refine_ls_shell.d_res_high                       1.80 
_refine_ls_shell.d_res_low                        1.846 
_refine_ls_shell.number_reflns_R_work             708 
_refine_ls_shell.R_factor_R_work                  0.252 
_refine_ls_shell.percent_reflns_obs               85.06 
_refine_ls_shell.R_factor_R_free                  0.327 
_refine_ls_shell.R_factor_R_free_error            ? 
_refine_ls_shell.percent_reflns_R_free            ? 
_refine_ls_shell.number_reflns_R_free             49 
_refine_ls_shell.number_reflns_all                ? 
_refine_ls_shell.R_factor_all                     ? 
_refine_ls_shell.number_reflns_obs                ? 
_refine_ls_shell.redundancy_reflns_obs            ? 
_refine_ls_shell.pdbx_refine_id                   'X-RAY DIFFRACTION' 
# 
_struct.entry_id                  2FU0 
_struct.title                     'Plasmodium falciparum cyclophilin PFE0505w putative cyclosporin-binding domain' 
_struct.pdbx_model_details        ? 
_struct.pdbx_CASP_flag            ? 
_struct.pdbx_model_type_details   ? 
# 
_struct_keywords.entry_id        2FU0 
_struct_keywords.pdbx_keywords   'STRUCTURAL GENOMICS, UNKNOWN FUNCTION' 
_struct_keywords.text            
'cyclophilin, PFE0505w, cyclosporin-binding domain, Structural Genomics, Structural Genomics Consortium, SGC, UNKNOWN FUNCTION' 
# 
loop_
_struct_asym.id 
_struct_asym.pdbx_blank_PDB_chainid_flag 
_struct_asym.pdbx_modified 
_struct_asym.entity_id 
_struct_asym.details 
A N N 1 ? 
B N N 2 ? 
# 
_struct_biol.id   1 
# 
loop_
_struct_conf.conf_type_id 
_struct_conf.id 
_struct_conf.pdbx_PDB_helix_id 
_struct_conf.beg_label_comp_id 
_struct_conf.beg_label_asym_id 
_struct_conf.beg_label_seq_id 
_struct_conf.pdbx_beg_PDB_ins_code 
_struct_conf.end_label_comp_id 
_struct_conf.end_label_asym_id 
_struct_conf.end_label_seq_id 
_struct_conf.pdbx_end_PDB_ins_code 
_struct_conf.beg_auth_comp_id 
_struct_conf.beg_auth_asym_id 
_struct_conf.beg_auth_seq_id 
_struct_conf.end_auth_comp_id 
_struct_conf.end_auth_asym_id 
_struct_conf.end_auth_seq_id 
_struct_conf.pdbx_PDB_helix_class 
_struct_conf.details 
_struct_conf.pdbx_PDB_helix_length 
HELX_P HELX_P1 1 CYS A 26  ? ASN A 39  ? CYS A 26  ASN A 39  1 ? 14 
HELX_P HELX_P2 2 CYS A 113 ? ASP A 117 ? CYS A 113 ASP A 117 5 ? 5  
HELX_P HELX_P3 3 GLY A 129 ? LYS A 138 ? GLY A 129 LYS A 138 1 ? 10 
# 
_struct_conf_type.id          HELX_P 
_struct_conf_type.criteria    ? 
_struct_conf_type.reference   ? 
# 
_struct_sheet.id               A 
_struct_sheet.type             ? 
_struct_sheet.number_strands   8 
_struct_sheet.details          ? 
# 
loop_
_struct_sheet_order.sheet_id 
_struct_sheet_order.range_id_1 
_struct_sheet_order.range_id_2 
_struct_sheet_order.offset 
_struct_sheet_order.sense 
A 1 2 ? anti-parallel 
A 2 3 ? anti-parallel 
A 3 4 ? anti-parallel 
A 4 5 ? anti-parallel 
A 5 6 ? anti-parallel 
A 6 7 ? anti-parallel 
A 7 8 ? anti-parallel 
# 
loop_
_struct_sheet_range.sheet_id 
_struct_sheet_range.id 
_struct_sheet_range.beg_label_comp_id 
_struct_sheet_range.beg_label_asym_id 
_struct_sheet_range.beg_label_seq_id 
_struct_sheet_range.pdbx_beg_PDB_ins_code 
_struct_sheet_range.end_label_comp_id 
_struct_sheet_range.end_label_asym_id 
_struct_sheet_range.end_label_seq_id 
_struct_sheet_range.pdbx_end_PDB_ins_code 
_struct_sheet_range.beg_auth_comp_id 
_struct_sheet_range.beg_auth_asym_id 
_struct_sheet_range.beg_auth_seq_id 
_struct_sheet_range.end_auth_comp_id 
_struct_sheet_range.end_auth_asym_id 
_struct_sheet_range.end_auth_seq_id 
A 1 ARG A 49  ? ILE A 51  ? ARG A 49  ILE A 51  
A 2 MET A 55  ? THR A 58  ? MET A 55  THR A 58  
A 3 PHE A 106 ? THR A 109 ? PHE A 106 THR A 109 
A 4 MET A 91  ? MET A 94  ? MET A 91  MET A 94  
A 5 VAL A 122 ? GLN A 128 ? VAL A 122 GLN A 128 
A 6 GLY A 15  ? LEU A 21  ? GLY A 15  LEU A 21  
A 7 SER A 7   ? THR A 12  ? SER A 7   THR A 12  
A 8 ILE A 153 ? ASN A 159 ? ILE A 153 ASN A 159 
# 
loop_
_pdbx_struct_sheet_hbond.sheet_id 
_pdbx_struct_sheet_hbond.range_id_1 
_pdbx_struct_sheet_hbond.range_id_2 
_pdbx_struct_sheet_hbond.range_1_label_atom_id 
_pdbx_struct_sheet_hbond.range_1_label_comp_id 
_pdbx_struct_sheet_hbond.range_1_label_asym_id 
_pdbx_struct_sheet_hbond.range_1_label_seq_id 
_pdbx_struct_sheet_hbond.range_1_PDB_ins_code 
_pdbx_struct_sheet_hbond.range_1_auth_atom_id 
_pdbx_struct_sheet_hbond.range_1_auth_comp_id 
_pdbx_struct_sheet_hbond.range_1_auth_asym_id 
_pdbx_struct_sheet_hbond.range_1_auth_seq_id 
_pdbx_struct_sheet_hbond.range_2_label_atom_id 
_pdbx_struct_sheet_hbond.range_2_label_comp_id 
_pdbx_struct_sheet_hbond.range_2_label_asym_id 
_pdbx_struct_sheet_hbond.range_2_label_seq_id 
_pdbx_struct_sheet_hbond.range_2_PDB_ins_code 
_pdbx_struct_sheet_hbond.range_2_auth_atom_id 
_pdbx_struct_sheet_hbond.range_2_auth_comp_id 
_pdbx_struct_sheet_hbond.range_2_auth_asym_id 
_pdbx_struct_sheet_hbond.range_2_auth_seq_id 
A 1 2 N ILE A 51  ? N ILE A 51  O MET A 55  ? O MET A 55  
A 2 3 N THR A 58  ? N THR A 58  O PHE A 106 ? O PHE A 106 
A 3 4 O PHE A 107 ? O PHE A 107 N SER A 93  ? N SER A 93  
A 4 5 N VAL A 92  ? N VAL A 92  O GLY A 124 ? O GLY A 124 
A 5 6 O LYS A 125 ? O LYS A 125 N SER A 20  ? N SER A 20  
A 6 7 O ILE A 17  ? O ILE A 17  N ILE A 10  ? N ILE A 10  
A 7 8 N TYR A 11  ? N TYR A 11  O LEU A 154 ? O LEU A 154 
# 
_atom_sites.entry_id                    2FU0 
_atom_sites.fract_transf_matrix[1][1]   0.02055988 
_atom_sites.fract_transf_matrix[1][2]   -0.02346257 
_atom_sites.fract_transf_matrix[1][3]   0.00970519 
_atom_sites.fract_transf_matrix[2][1]   -0.00812937 
_atom_sites.fract_transf_matrix[2][2]   -0.01156989 
_atom_sites.fract_transf_matrix[2][3]   -0.01074894 
_atom_sites.fract_transf_matrix[3][1]   0.02093206 
_atom_sites.fract_transf_matrix[3][2]   0.00032825 
_atom_sites.fract_transf_matrix[3][3]   -0.01618412 
_atom_sites.fract_transf_vector[1]      0.536160 
_atom_sites.fract_transf_vector[2]      0.365272 
_atom_sites.fract_transf_vector[3]      0.704226 
# 
loop_
_atom_type.symbol 
C 
N 
O 
S 
# 
loop_
_atom_site.group_PDB 
_atom_site.id 
_atom_site.type_symbol 
_atom_site.label_atom_id 
_atom_site.label_alt_id 
_atom_site.label_comp_id 
_atom_site.label_asym_id 
_atom_site.label_entity_id 
_atom_site.label_seq_id 
_atom_site.pdbx_PDB_ins_code 
_atom_site.Cartn_x 
_atom_site.Cartn_y 
_atom_site.Cartn_z 
_atom_site.occupancy 
_atom_site.B_iso_or_equiv 
_atom_site.pdbx_formal_charge 
_atom_site.auth_seq_id 
_atom_site.auth_comp_id 
_atom_site.auth_asym_id 
_atom_site.auth_atom_id 
_atom_site.pdbx_PDB_model_num 
ATOM   1    N N   . PRO A 1 5   ? 16.235  3.778   0.493   1.00 28.36 ? 5   PRO A N   1 
ATOM   2    C CA  . PRO A 1 5   ? 15.247  3.590   1.559   1.00 28.28 ? 5   PRO A CA  1 
ATOM   3    C C   . PRO A 1 5   ? 15.092  2.103   1.857   1.00 27.94 ? 5   PRO A C   1 
ATOM   4    O O   . PRO A 1 5   ? 14.701  1.326   0.982   1.00 28.93 ? 5   PRO A O   1 
ATOM   5    C CB  . PRO A 1 5   ? 13.951  4.193   0.962   1.00 28.56 ? 5   PRO A CB  1 
ATOM   6    C CG  . PRO A 1 5   ? 14.388  4.879   -0.357  1.00 29.09 ? 5   PRO A CG  1 
ATOM   7    C CD  . PRO A 1 5   ? 15.599  4.120   -0.790  1.00 28.79 ? 5   PRO A CD  1 
ATOM   8    N N   . LYS A 1 6   ? 15.385  1.721   3.089   1.00 26.68 ? 6   LYS A N   1 
ATOM   9    C CA  . LYS A 1 6   ? 15.391  0.327   3.490   1.00 26.05 ? 6   LYS A CA  1 
ATOM   10   C C   . LYS A 1 6   ? 14.085  -0.132  4.136   1.00 24.66 ? 6   LYS A C   1 
ATOM   11   O O   . LYS A 1 6   ? 13.706  -1.296  4.020   1.00 24.14 ? 6   LYS A O   1 
ATOM   12   C CB  . LYS A 1 6   ? 16.533  0.094   4.477   1.00 26.78 ? 6   LYS A CB  1 
ATOM   13   C CG  . LYS A 1 6   ? 17.909  0.613   4.008   1.00 29.17 ? 6   LYS A CG  1 
ATOM   14   C CD  . LYS A 1 6   ? 18.696  -0.483  3.323   1.00 32.44 ? 6   LYS A CD  1 
ATOM   15   C CE  . LYS A 1 6   ? 20.060  0.008   2.830   1.00 34.58 ? 6   LYS A CE  1 
ATOM   16   N NZ  . LYS A 1 6   ? 19.919  1.094   1.785   1.00 36.03 ? 6   LYS A NZ  1 
ATOM   17   N N   . SER A 1 7   ? 13.417  0.774   4.840   1.00 23.21 ? 7   SER A N   1 
ATOM   18   C CA  . SER A 1 7   ? 12.205  0.417   5.588   1.00 22.53 ? 7   SER A CA  1 
ATOM   19   C C   . SER A 1 7   ? 11.358  1.644   5.897   1.00 21.64 ? 7   SER A C   1 
ATOM   20   O O   . SER A 1 7   ? 11.794  2.788   5.711   1.00 21.59 ? 7   SER A O   1 
ATOM   21   C CB  . SER A 1 7   ? 12.542  -0.361  6.875   1.00 22.18 ? 7   SER A CB  1 
ATOM   22   O OG  . SER A 1 7   ? 13.273  0.430   7.794   1.00 23.80 ? 7   SER A OG  1 
ATOM   23   N N   . ALA A 1 8   ? 10.131  1.401   6.349   1.00 20.74 ? 8   ALA A N   1 
ATOM   24   C CA  . ALA A 1 8   ? 9.222   2.473   6.663   1.00 19.76 ? 8   ALA A CA  1 
ATOM   25   C C   . ALA A 1 8   ? 8.389   2.105   7.880   1.00 19.08 ? 8   ALA A C   1 
ATOM   26   O O   . ALA A 1 8   ? 8.255   0.930   8.219   1.00 19.51 ? 8   ALA A O   1 
ATOM   27   C CB  . ALA A 1 8   ? 8.333   2.747   5.487   1.00 19.59 ? 8   ALA A CB  1 
ATOM   28   N N   . ILE A 1 9   ? 7.835   3.120   8.524   1.00 19.02 ? 9   ILE A N   1 
ATOM   29   C CA  . ILE A 1 9   ? 6.796   2.910   9.531   1.00 18.33 ? 9   ILE A CA  1 
ATOM   30   C C   . ILE A 1 9   ? 5.609   3.765   9.130   1.00 17.82 ? 9   ILE A C   1 
ATOM   31   O O   . ILE A 1 9   ? 5.732   4.989   8.969   1.00 17.67 ? 9   ILE A O   1 
ATOM   32   C CB  . ILE A 1 9   ? 7.230   3.316   10.953  1.00 18.61 ? 9   ILE A CB  1 
ATOM   33   C CG1 . ILE A 1 9   ? 8.508   2.598   11.394  1.00 19.21 ? 9   ILE A CG1 1 
ATOM   34   C CG2 . ILE A 1 9   ? 6.094   3.049   11.952  1.00 17.45 ? 9   ILE A CG2 1 
ATOM   35   C CD1 . ILE A 1 9   ? 9.063   3.188   12.706  1.00 20.12 ? 9   ILE A CD1 1 
ATOM   36   N N   . ILE A 1 10  ? 4.463   3.113   8.950   1.00 16.96 ? 10  ILE A N   1 
ATOM   37   C CA  . ILE A 1 10  ? 3.224   3.817   8.653   1.00 16.40 ? 10  ILE A CA  1 
ATOM   38   C C   . ILE A 1 10  ? 2.466   3.943   9.959   1.00 15.76 ? 10  ILE A C   1 
ATOM   39   O O   . ILE A 1 10  ? 2.019   2.927   10.510  1.00 15.15 ? 10  ILE A O   1 
ATOM   40   C CB  . ILE A 1 10  ? 2.350   3.047   7.633   1.00 16.11 ? 10  ILE A CB  1 
ATOM   41   C CG1 . ILE A 1 10  ? 3.136   2.774   6.329   1.00 16.73 ? 10  ILE A CG1 1 
ATOM   42   C CG2 . ILE A 1 10  ? 1.052   3.834   7.373   1.00 15.48 ? 10  ILE A CG2 1 
ATOM   43   C CD1 . ILE A 1 10  ? 2.324   2.033   5.221   1.00 17.98 ? 10  ILE A CD1 1 
ATOM   44   N N   . TYR A 1 11  ? 2.354   5.175   10.454  1.00 16.08 ? 11  TYR A N   1 
ATOM   45   C CA  . TYR A 1 11  ? 1.588   5.469   11.662  1.00 16.64 ? 11  TYR A CA  1 
ATOM   46   C C   . TYR A 1 11  ? 0.135   5.698   11.283  1.00 17.01 ? 11  TYR A C   1 
ATOM   47   O O   . TYR A 1 11  ? -0.172  6.569   10.462  1.00 16.72 ? 11  TYR A O   1 
ATOM   48   C CB  . TYR A 1 11  ? 2.163   6.705   12.394  1.00 17.12 ? 11  TYR A CB  1 
ATOM   49   C CG  . TYR A 1 11  ? 3.654   6.635   12.661  1.00 17.82 ? 11  TYR A CG  1 
ATOM   50   C CD1 . TYR A 1 11  ? 4.156   6.074   13.840  1.00 19.32 ? 11  TYR A CD1 1 
ATOM   51   C CD2 . TYR A 1 11  ? 4.560   7.128   11.735  1.00 19.18 ? 11  TYR A CD2 1 
ATOM   52   C CE1 . TYR A 1 11  ? 5.530   6.014   14.077  1.00 21.73 ? 11  TYR A CE1 1 
ATOM   53   C CE2 . TYR A 1 11  ? 5.936   7.081   11.967  1.00 20.63 ? 11  TYR A CE2 1 
ATOM   54   C CZ  . TYR A 1 11  ? 6.417   6.520   13.122  1.00 20.33 ? 11  TYR A CZ  1 
ATOM   55   O OH  . TYR A 1 11  ? 7.784   6.477   13.339  1.00 19.65 ? 11  TYR A OH  1 
ATOM   56   N N   . THR A 1 12  ? -0.767  4.898   11.855  1.00 17.07 ? 12  THR A N   1 
ATOM   57   C CA  . THR A 1 12  ? -2.189  5.033   11.536  1.00 18.19 ? 12  THR A CA  1 
ATOM   58   C C   . THR A 1 12  ? -2.975  5.211   12.823  1.00 18.89 ? 12  THR A C   1 
ATOM   59   O O   . THR A 1 12  ? -2.439  4.996   13.927  1.00 18.48 ? 12  THR A O   1 
ATOM   60   C CB  . THR A 1 12  ? -2.804  3.809   10.767  1.00 17.76 ? 12  THR A CB  1 
ATOM   61   O OG1 . THR A 1 12  ? -3.220  2.800   11.700  1.00 17.72 ? 12  THR A OG1 1 
ATOM   62   C CG2 . THR A 1 12  ? -1.825  3.201   9.741   1.00 18.89 ? 12  THR A CG2 1 
ATOM   63   N N   . THR A 1 13  ? -4.246  5.577   12.657  1.00 19.94 ? 13  THR A N   1 
ATOM   64   C CA  . THR A 1 13  ? -5.157  5.787   13.777  1.00 20.97 ? 13  THR A CA  1 
ATOM   65   C C   . THR A 1 13  ? -5.504  4.481   14.486  1.00 21.78 ? 13  THR A C   1 
ATOM   66   O O   . THR A 1 13  ? -6.086  4.500   15.569  1.00 22.63 ? 13  THR A O   1 
ATOM   67   C CB  . THR A 1 13  ? -6.439  6.536   13.337  1.00 20.54 ? 13  THR A CB  1 
ATOM   68   O OG1 . THR A 1 13  ? -7.075  5.846   12.250  1.00 21.21 ? 13  THR A OG1 1 
ATOM   69   C CG2 . THR A 1 13  ? -6.096  7.950   12.910  1.00 21.55 ? 13  THR A CG2 1 
ATOM   70   N N   . MET A 1 14  ? -5.142  3.346   13.879  1.00 21.78 ? 14  MET A N   1 
ATOM   71   C CA  . MET A 1 14  ? -5.304  2.036   14.526  1.00 23.04 ? 14  MET A CA  1 
ATOM   72   C C   . MET A 1 14  ? -3.995  1.409   14.998  1.00 21.92 ? 14  MET A C   1 
ATOM   73   O O   . MET A 1 14  ? -3.974  0.291   15.551  1.00 21.26 ? 14  MET A O   1 
ATOM   74   C CB  . MET A 1 14  ? -6.104  1.099   13.617  1.00 22.86 ? 14  MET A CB  1 
ATOM   75   C CG  . MET A 1 14  ? -7.541  1.592   13.496  1.00 24.20 ? 14  MET A CG  1 
ATOM   76   S SD  . MET A 1 14  ? -8.672  0.489   12.648  1.00 27.87 ? 14  MET A SD  1 
ATOM   77   C CE  . MET A 1 14  ? -8.425  -0.998  13.584  1.00 25.09 ? 14  MET A CE  1 
ATOM   78   N N   . GLY A 1 15  ? -2.904  2.153   14.836  1.00 20.86 ? 15  GLY A N   1 
ATOM   79   C CA  . GLY A 1 15  ? -1.603  1.654   15.247  1.00 20.04 ? 15  GLY A CA  1 
ATOM   80   C C   . GLY A 1 15  ? -0.621  1.657   14.089  1.00 19.72 ? 15  GLY A C   1 
ATOM   81   O O   . GLY A 1 15  ? -0.937  2.178   13.005  1.00 18.96 ? 15  GLY A O   1 
ATOM   82   N N   . ASP A 1 16  ? 0.548   1.060   14.322  1.00 18.89 ? 16  ASP A N   1 
ATOM   83   C CA  . ASP A 1 16  ? 1.718   1.243   13.432  1.00 18.77 ? 16  ASP A CA  1 
ATOM   84   C C   . ASP A 1 16  ? 2.101   -0.010  12.658  1.00 18.70 ? 16  ASP A C   1 
ATOM   85   O O   . ASP A 1 16  ? 2.152   -1.139  13.206  1.00 18.60 ? 16  ASP A O   1 
ATOM   86   C CB  . ASP A 1 16  ? 2.938   1.732   14.217  1.00 18.91 ? 16  ASP A CB  1 
ATOM   87   C CG  . ASP A 1 16  ? 2.668   3.006   14.992  1.00 20.39 ? 16  ASP A CG  1 
ATOM   88   O OD1 . ASP A 1 16  ? 1.687   3.729   14.682  1.00 19.67 ? 16  ASP A OD1 1 
ATOM   89   O OD2 . ASP A 1 16  ? 3.454   3.286   15.918  1.00 23.04 ? 16  ASP A OD2 1 
ATOM   90   N N   . ILE A 1 17  ? 2.376   0.191   11.372  1.00 17.78 ? 17  ILE A N   1 
ATOM   91   C CA  . ILE A 1 17  ? 2.715   -0.910  10.495  1.00 17.06 ? 17  ILE A CA  1 
ATOM   92   C C   . ILE A 1 17  ? 4.131   -0.658  9.997   1.00 17.91 ? 17  ILE A C   1 
ATOM   93   O O   . ILE A 1 17  ? 4.388   0.344   9.315   1.00 17.54 ? 17  ILE A O   1 
ATOM   94   C CB  . ILE A 1 17  ? 1.732   -1.013  9.310   1.00 17.57 ? 17  ILE A CB  1 
ATOM   95   C CG1 . ILE A 1 17  ? 0.275   -1.153  9.789   1.00 16.72 ? 17  ILE A CG1 1 
ATOM   96   C CG2 . ILE A 1 17  ? 2.109   -2.158  8.383   1.00 16.20 ? 17  ILE A CG2 1 
ATOM   97   C CD1 . ILE A 1 17  ? -0.749  -0.660  8.777   1.00 16.59 ? 17  ILE A CD1 1 
ATOM   98   N N   . HIS A 1 18  ? 5.036   -1.561  10.354  1.00 17.70 ? 18  HIS A N   1 
ATOM   99   C CA  . HIS A 1 18  ? 6.440   -1.465  9.948   1.00 18.70 ? 18  HIS A CA  1 
ATOM   100  C C   . HIS A 1 18  ? 6.645   -2.352  8.726   1.00 18.35 ? 18  HIS A C   1 
ATOM   101  O O   . HIS A 1 18  ? 6.198   -3.502  8.697   1.00 17.84 ? 18  HIS A O   1 
ATOM   102  C CB  . HIS A 1 18  ? 7.353   -1.961  11.061  1.00 18.64 ? 18  HIS A CB  1 
ATOM   103  C CG  . HIS A 1 18  ? 7.301   -1.134  12.311  1.00 21.22 ? 18  HIS A CG  1 
ATOM   104  N ND1 . HIS A 1 18  ? 8.438   -0.652  12.920  1.00 23.60 ? 18  HIS A ND1 1 
ATOM   105  C CD2 . HIS A 1 18  ? 6.259   -0.725  13.075  1.00 22.31 ? 18  HIS A CD2 1 
ATOM   106  C CE1 . HIS A 1 18  ? 8.096   0.035   13.999  1.00 23.97 ? 18  HIS A CE1 1 
ATOM   107  N NE2 . HIS A 1 18  ? 6.781   0.009   14.114  1.00 22.60 ? 18  HIS A NE2 1 
ATOM   108  N N   . ILE A 1 19  ? 7.380   -1.822  7.757   1.00 18.38 ? 19  ILE A N   1 
ATOM   109  C CA  . ILE A 1 19  ? 7.479   -2.384  6.418   1.00 19.05 ? 19  ILE A CA  1 
ATOM   110  C C   . ILE A 1 19  ? 8.964   -2.379  6.003   1.00 19.94 ? 19  ILE A C   1 
ATOM   111  O O   . ILE A 1 19  ? 9.655   -1.374  6.179   1.00 19.98 ? 19  ILE A O   1 
ATOM   112  C CB  . ILE A 1 19  ? 6.613   -1.489  5.485   1.00 19.75 ? 19  ILE A CB  1 
ATOM   113  C CG1 . ILE A 1 19  ? 5.146   -1.912  5.549   1.00 18.07 ? 19  ILE A CG1 1 
ATOM   114  C CG2 . ILE A 1 19  ? 7.132   -1.398  4.062   1.00 22.82 ? 19  ILE A CG2 1 
ATOM   115  C CD1 . ILE A 1 19  ? 4.207   -0.834  4.935   1.00 20.11 ? 19  ILE A CD1 1 
ATOM   116  N N   . SER A 1 20  ? 9.458   -3.503  5.494   1.00 19.83 ? 20  SER A N   1 
ATOM   117  C CA  . SER A 1 20  ? 10.747  -3.483  4.813   1.00 21.38 ? 20  SER A CA  1 
ATOM   118  C C   . SER A 1 20  ? 10.467  -3.209  3.341   1.00 21.62 ? 20  SER A C   1 
ATOM   119  O O   . SER A 1 20  ? 9.449   -3.664  2.806   1.00 22.20 ? 20  SER A O   1 
ATOM   120  C CB  . SER A 1 20  ? 11.504  -4.803  5.010   1.00 21.92 ? 20  SER A CB  1 
ATOM   121  O OG  . SER A 1 20  ? 10.740  -5.880  4.528   1.00 26.98 ? 20  SER A OG  1 
ATOM   122  N N   . LEU A 1 21  ? 11.348  -2.451  2.699   1.00 20.34 ? 21  LEU A N   1 
ATOM   123  C CA  . LEU A 1 21  ? 11.175  -2.063  1.297   1.00 20.42 ? 21  LEU A CA  1 
ATOM   124  C C   . LEU A 1 21  ? 12.150  -2.812  0.388   1.00 21.15 ? 21  LEU A C   1 
ATOM   125  O O   . LEU A 1 21  ? 13.297  -3.086  0.785   1.00 21.64 ? 21  LEU A O   1 
ATOM   126  C CB  . LEU A 1 21  ? 11.319  -0.538  1.136   1.00 20.21 ? 21  LEU A CB  1 
ATOM   127  C CG  . LEU A 1 21  ? 10.267  0.289   1.880   1.00 18.03 ? 21  LEU A CG  1 
ATOM   128  C CD1 . LEU A 1 21  ? 10.721  1.734   2.003   1.00 19.06 ? 21  LEU A CD1 1 
ATOM   129  C CD2 . LEU A 1 21  ? 8.881   0.209   1.174   1.00 17.50 ? 21  LEU A CD2 1 
ATOM   130  N N   . PHE A 1 22  ? 11.709  -3.154  -0.819  1.00 21.78 ? 22  PHE A N   1 
ATOM   131  C CA  . PHE A 1 22  ? 12.567  -3.936  -1.722  1.00 22.99 ? 22  PHE A CA  1 
ATOM   132  C C   . PHE A 1 22  ? 13.329  -2.983  -2.621  1.00 24.16 ? 22  PHE A C   1 
ATOM   133  O O   . PHE A 1 22  ? 13.110  -2.929  -3.821  1.00 24.46 ? 22  PHE A O   1 
ATOM   134  C CB  . PHE A 1 22  ? 11.759  -4.989  -2.484  1.00 22.42 ? 22  PHE A CB  1 
ATOM   135  C CG  . PHE A 1 22  ? 11.061  -5.975  -1.577  1.00 22.26 ? 22  PHE A CG  1 
ATOM   136  C CD1 . PHE A 1 22  ? 11.760  -6.611  -0.558  1.00 23.04 ? 22  PHE A CD1 1 
ATOM   137  C CD2 . PHE A 1 22  ? 9.712   -6.264  -1.737  1.00 21.28 ? 22  PHE A CD2 1 
ATOM   138  C CE1 . PHE A 1 22  ? 11.126  -7.516  0.294   1.00 24.33 ? 22  PHE A CE1 1 
ATOM   139  C CE2 . PHE A 1 22  ? 9.071   -7.181  -0.896  1.00 21.53 ? 22  PHE A CE2 1 
ATOM   140  C CZ  . PHE A 1 22  ? 9.771   -7.792  0.126   1.00 22.62 ? 22  PHE A CZ  1 
ATOM   141  N N   . TYR A 1 23  ? 14.205  -2.201  -1.986  1.00 26.40 ? 23  TYR A N   1 
ATOM   142  C CA  . TYR A 1 23  ? 14.907  -1.076  -2.623  1.00 28.36 ? 23  TYR A CA  1 
ATOM   143  C C   . TYR A 1 23  ? 15.912  -1.534  -3.677  1.00 28.85 ? 23  TYR A C   1 
ATOM   144  O O   . TYR A 1 23  ? 16.180  -0.805  -4.629  1.00 29.63 ? 23  TYR A O   1 
ATOM   145  C CB  . TYR A 1 23  ? 15.642  -0.253  -1.566  1.00 29.56 ? 23  TYR A CB  1 
ATOM   146  C CG  . TYR A 1 23  ? 16.701  -1.034  -0.831  1.00 31.17 ? 23  TYR A CG  1 
ATOM   147  C CD1 . TYR A 1 23  ? 18.057  -0.926  -1.190  1.00 32.52 ? 23  TYR A CD1 1 
ATOM   148  C CD2 . TYR A 1 23  ? 16.355  -1.905  0.206   1.00 32.78 ? 23  TYR A CD2 1 
ATOM   149  C CE1 . TYR A 1 23  ? 19.037  -1.655  -0.517  1.00 33.15 ? 23  TYR A CE1 1 
ATOM   150  C CE2 . TYR A 1 23  ? 17.317  -2.645  0.882   1.00 34.00 ? 23  TYR A CE2 1 
ATOM   151  C CZ  . TYR A 1 23  ? 18.662  -2.515  0.517   1.00 33.57 ? 23  TYR A CZ  1 
ATOM   152  O OH  . TYR A 1 23  ? 19.618  -3.249  1.207   1.00 34.54 ? 23  TYR A OH  1 
ATOM   153  N N   . LYS A 1 24  ? 16.475  -2.726  -3.493  1.00 29.42 ? 24  LYS A N   1 
ATOM   154  C CA  . LYS A 1 24  ? 17.450  -3.279  -4.445  1.00 30.20 ? 24  LYS A CA  1 
ATOM   155  C C   . LYS A 1 24  ? 16.772  -3.507  -5.802  1.00 29.91 ? 24  LYS A C   1 
ATOM   156  O O   . LYS A 1 24  ? 17.334  -3.176  -6.853  1.00 30.69 ? 24  LYS A O   1 
ATOM   157  C CB  . LYS A 1 24  ? 18.060  -4.596  -3.933  1.00 30.07 ? 24  LYS A CB  1 
ATOM   158  C CG  . LYS A 1 24  ? 18.675  -4.537  -2.530  1.00 31.07 ? 24  LYS A CG  1 
ATOM   159  C CD  . LYS A 1 24  ? 19.729  -5.616  -2.293  1.00 31.71 ? 24  LYS A CD  1 
ATOM   160  C CE  . LYS A 1 24  ? 19.251  -7.032  -2.656  1.00 34.83 ? 24  LYS A CE  1 
ATOM   161  N NZ  . LYS A 1 24  ? 18.544  -7.788  -1.566  1.00 36.17 ? 24  LYS A NZ  1 
ATOM   162  N N   . GLU A 1 25  ? 15.548  -4.030  -5.766  1.00 28.47 ? 25  GLU A N   1 
ATOM   163  C CA  . GLU A 1 25  ? 14.873  -4.516  -6.967  1.00 27.77 ? 25  GLU A CA  1 
ATOM   164  C C   . GLU A 1 25  ? 13.966  -3.452  -7.572  1.00 27.12 ? 25  GLU A C   1 
ATOM   165  O O   . GLU A 1 25  ? 14.119  -3.080  -8.732  1.00 27.17 ? 25  GLU A O   1 
ATOM   166  C CB  . GLU A 1 25  ? 14.041  -5.759  -6.640  1.00 27.53 ? 25  GLU A CB  1 
ATOM   167  C CG  . GLU A 1 25  ? 14.839  -6.985  -6.163  1.00 28.39 ? 25  GLU A CG  1 
ATOM   168  C CD  . GLU A 1 25  ? 15.015  -7.083  -4.648  1.00 29.06 ? 25  GLU A CD  1 
ATOM   169  O OE1 . GLU A 1 25  ? 14.652  -6.143  -3.899  1.00 27.86 ? 25  GLU A OE1 1 
ATOM   170  O OE2 . GLU A 1 25  ? 15.544  -8.125  -4.192  1.00 31.31 ? 25  GLU A OE2 1 
ATOM   171  N N   . CYS A 1 26  ? 13.025  -2.960  -6.769  1.00 26.31 ? 26  CYS A N   1 
ATOM   172  C CA  . CYS A 1 26  ? 11.972  -2.066  -7.242  1.00 25.98 ? 26  CYS A CA  1 
ATOM   173  C C   . CYS A 1 26  ? 12.353  -0.607  -7.068  1.00 25.50 ? 26  CYS A C   1 
ATOM   174  O O   . CYS A 1 26  ? 11.649  0.155   -6.389  1.00 23.30 ? 26  CYS A O   1 
ATOM   175  C CB  . CYS A 1 26  ? 10.669  -2.359  -6.485  1.00 26.50 ? 26  CYS A CB  1 
ATOM   176  S SG  . CYS A 1 26  ? 10.210  -4.063  -6.616  1.00 29.36 ? 26  CYS A SG  1 
ATOM   177  N N   . LYS A 1 27  ? 13.446  -0.205  -7.715  1.00 25.40 ? 27  LYS A N   1 
ATOM   178  C CA  . LYS A 1 27  ? 14.045  1.097   -7.435  1.00 25.47 ? 27  LYS A CA  1 
ATOM   179  C C   . LYS A 1 27  ? 13.107  2.284   -7.615  1.00 24.48 ? 27  LYS A C   1 
ATOM   180  O O   . LYS A 1 27  ? 13.053  3.153   -6.755  1.00 24.97 ? 27  LYS A O   1 
ATOM   181  C CB  . LYS A 1 27  ? 15.343  1.287   -8.241  1.00 26.20 ? 27  LYS A CB  1 
ATOM   182  C CG  . LYS A 1 27  ? 16.403  0.279   -7.843  1.00 29.86 ? 27  LYS A CG  1 
ATOM   183  C CD  . LYS A 1 27  ? 17.830  0.788   -8.110  1.00 34.45 ? 27  LYS A CD  1 
ATOM   184  C CE  . LYS A 1 27  ? 18.849  -0.215  -7.600  1.00 36.71 ? 27  LYS A CE  1 
ATOM   185  N NZ  . LYS A 1 27  ? 18.759  -1.522  -8.329  1.00 39.10 ? 27  LYS A NZ  1 
ATOM   186  N N   . LYS A 1 28  ? 12.365  2.314   -8.718  1.00 23.47 ? 28  LYS A N   1 
ATOM   187  C CA  . LYS A 1 28  ? 11.437  3.408   -9.002  1.00 23.44 ? 28  LYS A CA  1 
ATOM   188  C C   . LYS A 1 28  ? 10.227  3.410   -8.070  1.00 21.94 ? 28  LYS A C   1 
ATOM   189  O O   . LYS A 1 28  ? 9.744   4.471   -7.664  1.00 21.14 ? 28  LYS A O   1 
ATOM   190  C CB  . LYS A 1 28  ? 10.942  3.345   -10.448 1.00 23.98 ? 28  LYS A CB  1 
ATOM   191  C CG  . LYS A 1 28  ? 11.626  4.313   -11.405 1.00 26.97 ? 28  LYS A CG  1 
ATOM   192  C CD  . LYS A 1 28  ? 10.756  4.465   -12.644 1.00 30.48 ? 28  LYS A CD  1 
ATOM   193  C CE  . LYS A 1 28  ? 11.198  5.601   -13.534 1.00 32.00 ? 28  LYS A CE  1 
ATOM   194  N NZ  . LYS A 1 28  ? 11.011  5.250   -14.975 1.00 29.76 ? 28  LYS A NZ  1 
ATOM   195  N N   . THR A 1 29  ? 9.732   2.216   -7.765  1.00 21.08 ? 29  THR A N   1 
ATOM   196  C CA  . THR A 1 29  ? 8.518   2.093   -6.944  1.00 20.05 ? 29  THR A CA  1 
ATOM   197  C C   . THR A 1 29  ? 8.846   2.515   -5.524  1.00 20.31 ? 29  THR A C   1 
ATOM   198  O O   . THR A 1 29  ? 8.071   3.222   -4.869  1.00 21.00 ? 29  THR A O   1 
ATOM   199  C CB  . THR A 1 29  ? 7.966   0.652   -6.982  1.00 19.67 ? 29  THR A CB  1 
ATOM   200  O OG1 . THR A 1 29  ? 7.726   0.271   -8.343  1.00 18.73 ? 29  THR A OG1 1 
ATOM   201  C CG2 . THR A 1 29  ? 6.695   0.540   -6.182  1.00 19.28 ? 29  THR A CG2 1 
ATOM   202  N N   . VAL A 1 30  ? 9.995   2.067   -5.040  1.00 20.27 ? 30  VAL A N   1 
ATOM   203  C CA  . VAL A 1 30  ? 10.449  2.461   -3.710  1.00 20.10 ? 30  VAL A CA  1 
ATOM   204  C C   . VAL A 1 30  ? 10.719  3.959   -3.622  1.00 19.58 ? 30  VAL A C   1 
ATOM   205  O O   . VAL A 1 30  ? 10.367  4.593   -2.623  1.00 18.83 ? 30  VAL A O   1 
ATOM   206  C CB  . VAL A 1 30  ? 11.644  1.622   -3.237  1.00 20.64 ? 30  VAL A CB  1 
ATOM   207  C CG1 . VAL A 1 30  ? 12.209  2.174   -1.935  1.00 22.05 ? 30  VAL A CG1 1 
ATOM   208  C CG2 . VAL A 1 30  ? 11.234  0.156   -3.065  1.00 19.88 ? 30  VAL A CG2 1 
ATOM   209  N N   . GLN A 1 31  ? 11.332  4.525   -4.660  1.00 19.18 ? 31  GLN A N   1 
ATOM   210  C CA  . GLN A 1 31  ? 11.516  5.983   -4.750  1.00 20.14 ? 31  GLN A CA  1 
ATOM   211  C C   . GLN A 1 31  ? 10.204  6.779   -4.713  1.00 19.37 ? 31  GLN A C   1 
ATOM   212  O O   . GLN A 1 31  ? 10.083  7.737   -3.946  1.00 19.65 ? 31  GLN A O   1 
ATOM   213  C CB  . GLN A 1 31  ? 12.301  6.370   -6.016  1.00 20.27 ? 31  GLN A CB  1 
ATOM   214  C CG  . GLN A 1 31  ? 12.503  7.879   -6.106  1.00 21.47 ? 31  GLN A CG  1 
ATOM   215  C CD  . GLN A 1 31  ? 13.251  8.330   -7.342  1.00 22.80 ? 31  GLN A CD  1 
ATOM   216  O OE1 . GLN A 1 31  ? 13.097  7.769   -8.431  1.00 25.29 ? 31  GLN A OE1 1 
ATOM   217  N NE2 . GLN A 1 31  ? 14.054  9.383   -7.180  1.00 27.61 ? 31  GLN A NE2 1 
ATOM   218  N N   . ASN A 1 32  ? 9.236   6.405   -5.550  1.00 18.82 ? 32  ASN A N   1 
ATOM   219  C CA  . ASN A 1 32  ? 7.919   7.038   -5.542  1.00 18.30 ? 32  ASN A CA  1 
ATOM   220  C C   . ASN A 1 32  ? 7.343   7.001   -4.135  1.00 18.19 ? 32  ASN A C   1 
ATOM   221  O O   . ASN A 1 32  ? 6.897   8.020   -3.612  1.00 18.22 ? 32  ASN A O   1 
ATOM   222  C CB  . ASN A 1 32  ? 6.971   6.282   -6.502  1.00 18.32 ? 32  ASN A CB  1 
ATOM   223  C CG  . ASN A 1 32  ? 5.585   6.919   -6.613  1.00 19.97 ? 32  ASN A CG  1 
ATOM   224  O OD1 . ASN A 1 32  ? 5.447   8.071   -7.032  1.00 19.43 ? 32  ASN A OD1 1 
ATOM   225  N ND2 . ASN A 1 32  ? 4.533   6.141   -6.272  1.00 18.87 ? 32  ASN A ND2 1 
ATOM   226  N N   . PHE A 1 33  ? 7.381   5.820   -3.520  1.00 18.14 ? 33  PHE A N   1 
ATOM   227  C CA  . PHE A 1 33  ? 6.764   5.636   -2.193  1.00 17.87 ? 33  PHE A CA  1 
ATOM   228  C C   . PHE A 1 33  ? 7.469   6.459   -1.130  1.00 18.10 ? 33  PHE A C   1 
ATOM   229  O O   . PHE A 1 33  ? 6.829   7.129   -0.323  1.00 17.91 ? 33  PHE A O   1 
ATOM   230  C CB  . PHE A 1 33  ? 6.781   4.156   -1.793  1.00 18.24 ? 33  PHE A CB  1 
ATOM   231  C CG  . PHE A 1 33  ? 6.249   3.914   -0.419  1.00 17.97 ? 33  PHE A CG  1 
ATOM   232  C CD1 . PHE A 1 33  ? 4.873   3.943   -0.194  1.00 18.28 ? 33  PHE A CD1 1 
ATOM   233  C CD2 . PHE A 1 33  ? 7.114   3.712   0.656   1.00 19.21 ? 33  PHE A CD2 1 
ATOM   234  C CE1 . PHE A 1 33  ? 4.355   3.736   1.092   1.00 19.35 ? 33  PHE A CE1 1 
ATOM   235  C CE2 . PHE A 1 33  ? 6.610   3.503   1.957   1.00 18.34 ? 33  PHE A CE2 1 
ATOM   236  C CZ  . PHE A 1 33  ? 5.232   3.517   2.167   1.00 17.01 ? 33  PHE A CZ  1 
ATOM   237  N N   . SER A 1 34  ? 8.798   6.383   -1.120  1.00 18.29 ? 34  SER A N   1 
ATOM   238  C CA  . SER A 1 34  ? 9.590   7.053   -0.082  1.00 18.29 ? 34  SER A CA  1 
ATOM   239  C C   . SER A 1 34  ? 9.549   8.582   -0.198  1.00 17.63 ? 34  SER A C   1 
ATOM   240  O O   . SER A 1 34  ? 9.448   9.259   0.809   1.00 16.45 ? 34  SER A O   1 
ATOM   241  C CB  . SER A 1 34  ? 11.012  6.535   -0.081  1.00 18.22 ? 34  SER A CB  1 
ATOM   242  O OG  . SER A 1 34  ? 11.643  6.901   -1.291  1.00 21.67 ? 34  SER A OG  1 
ATOM   243  N N   . VAL A 1 35  ? 9.628   9.117   -1.426  1.00 17.92 ? 35  VAL A N   1 
ATOM   244  C CA  . VAL A 1 35  ? 9.534   10.562  -1.650  1.00 18.24 ? 35  VAL A CA  1 
ATOM   245  C C   . VAL A 1 35  ? 8.168   11.115  -1.245  1.00 18.45 ? 35  VAL A C   1 
ATOM   246  O O   . VAL A 1 35  ? 8.072   12.122  -0.535  1.00 18.68 ? 35  VAL A O   1 
ATOM   247  C CB  . VAL A 1 35  ? 9.883   10.937  -3.116  1.00 17.89 ? 35  VAL A CB  1 
ATOM   248  C CG1 . VAL A 1 35  ? 9.716   12.433  -3.355  1.00 19.39 ? 35  VAL A CG1 1 
ATOM   249  C CG2 . VAL A 1 35  ? 11.322  10.513  -3.427  1.00 19.32 ? 35  VAL A CG2 1 
ATOM   250  N N   . HIS A 1 36  ? 7.099   10.455  -1.686  1.00 18.15 ? 36  HIS A N   1 
ATOM   251  C CA  . HIS A 1 36  ? 5.759   10.829  -1.242  1.00 18.60 ? 36  HIS A CA  1 
ATOM   252  C C   . HIS A 1 36  ? 5.660   10.779  0.282   1.00 18.44 ? 36  HIS A C   1 
ATOM   253  O O   . HIS A 1 36  ? 5.105   11.701  0.900   1.00 18.54 ? 36  HIS A O   1 
ATOM   254  C CB  . HIS A 1 36  ? 4.688   9.891   -1.839  1.00 18.87 ? 36  HIS A CB  1 
ATOM   255  C CG  . HIS A 1 36  ? 4.128   10.343  -3.158  1.00 20.35 ? 36  HIS A CG  1 
ATOM   256  N ND1 . HIS A 1 36  ? 4.024   11.672  -3.520  1.00 22.03 ? 36  HIS A ND1 1 
ATOM   257  C CD2 . HIS A 1 36  ? 3.596   9.633   -4.183  1.00 21.03 ? 36  HIS A CD2 1 
ATOM   258  C CE1 . HIS A 1 36  ? 3.474   11.759  -4.721  1.00 22.10 ? 36  HIS A CE1 1 
ATOM   259  N NE2 . HIS A 1 36  ? 3.209   10.536  -5.149  1.00 20.30 ? 36  HIS A NE2 1 
ATOM   260  N N   . SER A 1 37  ? 6.188   9.706   0.888   1.00 17.62 ? 37  SER A N   1 
ATOM   261  C CA  . SER A 1 37  ? 6.053   9.524   2.340   1.00 17.73 ? 37  SER A CA  1 
ATOM   262  C C   . SER A 1 37  ? 6.704   10.696  3.075   1.00 18.09 ? 37  SER A C   1 
ATOM   263  O O   . SER A 1 37  ? 6.084   11.329  3.926   1.00 17.80 ? 37  SER A O   1 
ATOM   264  C CB  . SER A 1 37  ? 6.682   8.210   2.787   1.00 17.05 ? 37  SER A CB  1 
ATOM   265  O OG  . SER A 1 37  ? 5.896   7.094   2.382   1.00 16.88 ? 37  SER A OG  1 
ATOM   266  N N   . ILE A 1 38  ? 7.949   10.984  2.702   1.00 18.52 ? 38  ILE A N   1 
ATOM   267  C CA  . ILE A 1 38  ? 8.738   12.056  3.312   1.00 19.41 ? 38  ILE A CA  1 
ATOM   268  C C   . ILE A 1 38  ? 8.123   13.439  3.090   1.00 19.80 ? 38  ILE A C   1 
ATOM   269  O O   . ILE A 1 38  ? 8.041   14.222  4.035   1.00 20.29 ? 38  ILE A O   1 
ATOM   270  C CB  . ILE A 1 38  ? 10.225  11.988  2.864   1.00 19.29 ? 38  ILE A CB  1 
ATOM   271  C CG1 . ILE A 1 38  ? 10.871  10.702  3.404   1.00 18.97 ? 38  ILE A CG1 1 
ATOM   272  C CG2 . ILE A 1 38  ? 11.016  13.260  3.340   1.00 19.08 ? 38  ILE A CG2 1 
ATOM   273  C CD1 . ILE A 1 38  ? 12.221  10.344  2.737   1.00 19.59 ? 38  ILE A CD1 1 
ATOM   274  N N   . ASN A 1 39  ? 7.649   13.722  1.870   1.00 20.52 ? 39  ASN A N   1 
ATOM   275  C CA  . ASN A 1 39  ? 6.941   14.993  1.576   1.00 21.14 ? 39  ASN A CA  1 
ATOM   276  C C   . ASN A 1 39  ? 5.571   15.151  2.262   1.00 21.19 ? 39  ASN A C   1 
ATOM   277  O O   . ASN A 1 39  ? 4.919   16.178  2.128   1.00 21.12 ? 39  ASN A O   1 
ATOM   278  C CB  . ASN A 1 39  ? 6.763   15.192  0.064   1.00 21.16 ? 39  ASN A CB  1 
ATOM   279  C CG  . ASN A 1 39  ? 8.097   15.326  -0.681  1.00 22.05 ? 39  ASN A CG  1 
ATOM   280  O OD1 . ASN A 1 39  ? 9.134   15.634  -0.082  1.00 22.02 ? 39  ASN A OD1 1 
ATOM   281  N ND2 . ASN A 1 39  ? 8.066   15.088  -2.001  1.00 23.27 ? 39  ASN A ND2 1 
ATOM   282  N N   . GLY A 1 40  ? 5.118   14.114  2.957   1.00 21.29 ? 40  GLY A N   1 
ATOM   283  C CA  . GLY A 1 40  ? 3.819   14.142  3.622   1.00 20.77 ? 40  GLY A CA  1 
ATOM   284  C C   . GLY A 1 40  ? 2.618   13.836  2.741   1.00 20.54 ? 40  GLY A C   1 
ATOM   285  O O   . GLY A 1 40  ? 1.487   14.036  3.155   1.00 20.52 ? 40  GLY A O   1 
ATOM   286  N N   . TYR A 1 41  ? 2.868   13.361  1.526   1.00 20.79 ? 41  TYR A N   1 
ATOM   287  C CA  . TYR A 1 41  ? 1.816   13.131  0.525   1.00 20.53 ? 41  TYR A CA  1 
ATOM   288  C C   . TYR A 1 41  ? 0.747   12.150  0.992   1.00 20.13 ? 41  TYR A C   1 
ATOM   289  O O   . TYR A 1 41  ? -0.431  12.313  0.663   1.00 20.66 ? 41  TYR A O   1 
ATOM   290  C CB  . TYR A 1 41  ? 2.426   12.646  -0.780  1.00 20.98 ? 41  TYR A CB  1 
ATOM   291  C CG  . TYR A 1 41  ? 1.450   12.573  -1.938  1.00 21.67 ? 41  TYR A CG  1 
ATOM   292  C CD1 . TYR A 1 41  ? 1.169   13.702  -2.716  1.00 22.14 ? 41  TYR A CD1 1 
ATOM   293  C CD2 . TYR A 1 41  ? 0.831   11.363  -2.273  1.00 19.69 ? 41  TYR A CD2 1 
ATOM   294  C CE1 . TYR A 1 41  ? 0.290   13.624  -3.787  1.00 22.73 ? 41  TYR A CE1 1 
ATOM   295  C CE2 . TYR A 1 41  ? -0.040  11.265  -3.340  1.00 20.51 ? 41  TYR A CE2 1 
ATOM   296  C CZ  . TYR A 1 41  ? -0.316  12.399  -4.093  1.00 22.97 ? 41  TYR A CZ  1 
ATOM   297  O OH  . TYR A 1 41  ? -1.200  12.284  -5.141  1.00 23.73 ? 41  TYR A OH  1 
ATOM   298  N N   . TYR A 1 42  ? 1.167   11.158  1.784   1.00 19.18 ? 42  TYR A N   1 
ATOM   299  C CA  . TYR A 1 42  ? 0.279   10.116  2.272   1.00 18.43 ? 42  TYR A CA  1 
ATOM   300  C C   . TYR A 1 42  ? -0.432  10.464  3.593   1.00 18.97 ? 42  TYR A C   1 
ATOM   301  O O   . TYR A 1 42  ? -1.370  9.786   3.990   1.00 18.21 ? 42  TYR A O   1 
ATOM   302  C CB  . TYR A 1 42  ? 1.043   8.795   2.410   1.00 18.04 ? 42  TYR A CB  1 
ATOM   303  C CG  . TYR A 1 42  ? 1.428   8.140   1.099   1.00 17.53 ? 42  TYR A CG  1 
ATOM   304  C CD1 . TYR A 1 42  ? 0.455   7.820   0.142   1.00 15.78 ? 42  TYR A CD1 1 
ATOM   305  C CD2 . TYR A 1 42  ? 2.759   7.814   0.826   1.00 18.20 ? 42  TYR A CD2 1 
ATOM   306  C CE1 . TYR A 1 42  ? 0.795   7.192   -1.058  1.00 16.24 ? 42  TYR A CE1 1 
ATOM   307  C CE2 . TYR A 1 42  ? 3.120   7.180   -0.396  1.00 18.02 ? 42  TYR A CE2 1 
ATOM   308  C CZ  . TYR A 1 42  ? 2.129   6.873   -1.318  1.00 16.91 ? 42  TYR A CZ  1 
ATOM   309  O OH  . TYR A 1 42  ? 2.465   6.253   -2.508  1.00 17.79 ? 42  TYR A OH  1 
ATOM   310  N N   . ASN A 1 43  ? 0.009   11.531  4.259   1.00 19.81 ? 43  ASN A N   1 
ATOM   311  C CA  . ASN A 1 43  ? -0.616  11.949  5.514   1.00 20.50 ? 43  ASN A CA  1 
ATOM   312  C C   . ASN A 1 43  ? -2.078  12.362  5.330   1.00 21.29 ? 43  ASN A C   1 
ATOM   313  O O   . ASN A 1 43  ? -2.430  13.039  4.350   1.00 20.76 ? 43  ASN A O   1 
ATOM   314  C CB  . ASN A 1 43  ? 0.222   13.048  6.178   1.00 21.14 ? 43  ASN A CB  1 
ATOM   315  C CG  . ASN A 1 43  ? 1.660   12.625  6.387   1.00 21.14 ? 43  ASN A CG  1 
ATOM   316  O OD1 . ASN A 1 43  ? 2.005   11.452  6.196   1.00 23.81 ? 43  ASN A OD1 1 
ATOM   317  N ND2 . ASN A 1 43  ? 2.506   13.568  6.771   1.00 22.45 ? 43  ASN A ND2 1 
ATOM   318  N N   . ASN A 1 44  ? -2.930  11.899  6.246   1.00 22.78 ? 44  ASN A N   1 
ATOM   319  C CA  . ASN A 1 44  ? -4.400  12.030  6.131   1.00 23.77 ? 44  ASN A CA  1 
ATOM   320  C C   . ASN A 1 44  ? -5.092  11.209  5.034   1.00 24.14 ? 44  ASN A C   1 
ATOM   321  O O   . ASN A 1 44  ? -6.311  11.354  4.833   1.00 24.06 ? 44  ASN A O   1 
ATOM   322  C CB  . ASN A 1 44  ? -4.810  13.502  6.000   1.00 24.95 ? 44  ASN A CB  1 
ATOM   323  C CG  . ASN A 1 44  ? -4.584  14.268  7.267   1.00 26.57 ? 44  ASN A CG  1 
ATOM   324  O OD1 . ASN A 1 44  ? -3.854  15.261  7.282   1.00 31.94 ? 44  ASN A OD1 1 
ATOM   325  N ND2 . ASN A 1 44  ? -5.189  13.806  8.350   1.00 26.67 ? 44  ASN A ND2 1 
ATOM   326  N N   . CYS A 1 45  ? -4.347  10.379  4.302   1.00 23.38 ? 45  CYS A N   1 
ATOM   327  C CA  . CYS A 1 45  ? -4.996  9.416   3.400   1.00 23.60 ? 45  CYS A CA  1 
ATOM   328  C C   . CYS A 1 45  ? -5.749  8.388   4.249   1.00 22.70 ? 45  CYS A C   1 
ATOM   329  O O   . CYS A 1 45  ? -5.251  7.931   5.287   1.00 23.16 ? 45  CYS A O   1 
ATOM   330  C CB  . CYS A 1 45  ? -3.998  8.672   2.500   1.00 23.75 ? 45  CYS A CB  1 
ATOM   331  S SG  . CYS A 1 45  ? -3.395  9.599   1.092   1.00 27.12 ? 45  CYS A SG  1 
ATOM   332  N N   . ILE A 1 46  ? -6.946  8.021   3.813   1.00 21.57 ? 46  ILE A N   1 
ATOM   333  C CA  . ILE A 1 46  ? -7.689  6.995   4.530   1.00 21.09 ? 46  ILE A CA  1 
ATOM   334  C C   . ILE A 1 46  ? -7.402  5.634   3.883   1.00 19.59 ? 46  ILE A C   1 
ATOM   335  O O   . ILE A 1 46  ? -6.843  5.566   2.792   1.00 19.43 ? 46  ILE A O   1 
ATOM   336  C CB  . ILE A 1 46  ? -9.217  7.294   4.554   1.00 21.23 ? 46  ILE A CB  1 
ATOM   337  C CG1 . ILE A 1 46  ? -9.814  7.202   3.140   1.00 21.95 ? 46  ILE A CG1 1 
ATOM   338  C CG2 . ILE A 1 46  ? -9.488  8.681   5.191   1.00 22.28 ? 46  ILE A CG2 1 
ATOM   339  C CD1 . ILE A 1 46  ? -11.334 7.334   3.089   1.00 21.68 ? 46  ILE A CD1 1 
ATOM   340  N N   . PHE A 1 47  ? -7.757  4.560   4.575   1.00 19.04 ? 47  PHE A N   1 
ATOM   341  C CA  . PHE A 1 47  ? -7.842  3.259   3.938   1.00 17.84 ? 47  PHE A CA  1 
ATOM   342  C C   . PHE A 1 47  ? -9.203  3.189   3.271   1.00 17.40 ? 47  PHE A C   1 
ATOM   343  O O   . PHE A 1 47  ? -10.194 2.849   3.909   1.00 16.95 ? 47  PHE A O   1 
ATOM   344  C CB  . PHE A 1 47  ? -7.625  2.136   4.944   1.00 17.41 ? 47  PHE A CB  1 
ATOM   345  C CG  . PHE A 1 47  ? -6.199  2.039   5.431   1.00 18.56 ? 47  PHE A CG  1 
ATOM   346  C CD1 . PHE A 1 47  ? -5.342  1.060   4.920   1.00 19.01 ? 47  PHE A CD1 1 
ATOM   347  C CD2 . PHE A 1 47  ? -5.709  2.934   6.385   1.00 17.40 ? 47  PHE A CD2 1 
ATOM   348  C CE1 . PHE A 1 47  ? -4.017  0.962   5.375   1.00 18.08 ? 47  PHE A CE1 1 
ATOM   349  C CE2 . PHE A 1 47  ? -4.381  2.853   6.849   1.00 18.16 ? 47  PHE A CE2 1 
ATOM   350  C CZ  . PHE A 1 47  ? -3.536  1.876   6.334   1.00 18.17 ? 47  PHE A CZ  1 
ATOM   351  N N   . HIS A 1 48  ? -9.242  3.530   1.985   1.00 16.85 ? 48  HIS A N   1 
ATOM   352  C CA  . HIS A 1 48  ? -10.529 3.804   1.318   1.00 18.15 ? 48  HIS A CA  1 
ATOM   353  C C   . HIS A 1 48  ? -11.231 2.552   0.812   1.00 18.21 ? 48  HIS A C   1 
ATOM   354  O O   . HIS A 1 48  ? -12.419 2.610   0.469   1.00 17.86 ? 48  HIS A O   1 
ATOM   355  C CB  . HIS A 1 48  ? -10.350 4.776   0.163   1.00 16.95 ? 48  HIS A CB  1 
ATOM   356  C CG  . HIS A 1 48  ? -9.533  4.220   -0.955  1.00 17.16 ? 48  HIS A CG  1 
ATOM   357  N ND1 . HIS A 1 48  ? -8.163  4.353   -1.011  1.00 18.34 ? 48  HIS A ND1 1 
ATOM   358  C CD2 . HIS A 1 48  ? -9.890  3.498   -2.045  1.00 17.32 ? 48  HIS A CD2 1 
ATOM   359  C CE1 . HIS A 1 48  ? -7.712  3.751   -2.098  1.00 17.85 ? 48  HIS A CE1 1 
ATOM   360  N NE2 . HIS A 1 48  ? -8.740  3.224   -2.742  1.00 18.26 ? 48  HIS A NE2 1 
ATOM   361  N N   . ARG A 1 49  ? -10.494 1.444   0.722   1.00 18.93 ? 49  ARG A N   1 
ATOM   362  C CA  . ARG A 1 49  ? -11.049 0.180   0.219   1.00 19.18 ? 49  ARG A CA  1 
ATOM   363  C C   . ARG A 1 49  ? -10.473 -0.948  1.067   1.00 18.85 ? 49  ARG A C   1 
ATOM   364  O O   . ARG A 1 49  ? -9.257  -1.149  1.104   1.00 18.52 ? 49  ARG A O   1 
ATOM   365  C CB  . ARG A 1 49  ? -10.749 -0.021  -1.282  1.00 20.03 ? 49  ARG A CB  1 
ATOM   366  C CG  . ARG A 1 49  ? -11.254 -1.367  -1.876  1.00 20.19 ? 49  ARG A CG  1 
ATOM   367  C CD  . ARG A 1 49  ? -10.860 -1.532  -3.364  1.00 22.29 ? 49  ARG A CD  1 
ATOM   368  N NE  . ARG A 1 49  ? -11.429 -2.720  -4.043  1.00 28.31 ? 49  ARG A NE  1 
ATOM   369  C CZ  . ARG A 1 49  ? -12.740 -3.014  -4.161  1.00 32.95 ? 49  ARG A CZ  1 
ATOM   370  N NH1 . ARG A 1 49  ? -13.680 -2.240  -3.624  1.00 31.23 ? 49  ARG A NH1 1 
ATOM   371  N NH2 . ARG A 1 49  ? -13.134 -4.119  -4.805  1.00 35.38 ? 49  ARG A NH2 1 
ATOM   372  N N   . VAL A 1 50  ? -11.339 -1.638  1.793   1.00 17.54 ? 50  VAL A N   1 
ATOM   373  C CA  . VAL A 1 50  ? -10.909 -2.707  2.692   1.00 17.92 ? 50  VAL A CA  1 
ATOM   374  C C   . VAL A 1 50  ? -11.760 -3.924  2.407   1.00 17.53 ? 50  VAL A C   1 
ATOM   375  O O   . VAL A 1 50  ? -12.996 -3.824  2.392   1.00 17.44 ? 50  VAL A O   1 
ATOM   376  C CB  . VAL A 1 50  ? -11.073 -2.270  4.178   1.00 17.51 ? 50  VAL A CB  1 
ATOM   377  C CG1 . VAL A 1 50  ? -11.098 -3.480  5.130   1.00 17.95 ? 50  VAL A CG1 1 
ATOM   378  C CG2 . VAL A 1 50  ? -9.998  -1.250  4.557   1.00 18.98 ? 50  VAL A CG2 1 
ATOM   379  N N   . ILE A 1 51  ? -11.116 -5.065  2.161   1.00 16.89 ? 51  ILE A N   1 
ATOM   380  C CA  . ILE A 1 51  ? -11.848 -6.304  1.883   1.00 16.62 ? 51  ILE A CA  1 
ATOM   381  C C   . ILE A 1 51  ? -11.333 -7.412  2.772   1.00 16.79 ? 51  ILE A C   1 
ATOM   382  O O   . ILE A 1 51  ? -10.172 -7.847  2.642   1.00 16.57 ? 51  ILE A O   1 
ATOM   383  C CB  . ILE A 1 51  ? -11.786 -6.702  0.396   1.00 16.44 ? 51  ILE A CB  1 
ATOM   384  C CG1 . ILE A 1 51  ? -12.358 -5.577  -0.490  1.00 16.59 ? 51  ILE A CG1 1 
ATOM   385  C CG2 . ILE A 1 51  ? -12.491 -8.072  0.178   1.00 17.64 ? 51  ILE A CG2 1 
ATOM   386  C CD1 . ILE A 1 51  ? -12.110 -5.789  -1.953  1.00 16.52 ? 51  ILE A CD1 1 
ATOM   387  N N   . LYS A 1 52  ? -12.196 -7.861  3.685   1.00 17.15 ? 52  LYS A N   1 
ATOM   388  C CA  . LYS A 1 52  ? -11.805 -8.868  4.674   1.00 19.14 ? 52  LYS A CA  1 
ATOM   389  C C   . LYS A 1 52  ? -11.316 -10.158 4.011   1.00 17.86 ? 52  LYS A C   1 
ATOM   390  O O   . LYS A 1 52  ? -11.891 -10.595 3.025   1.00 18.08 ? 52  LYS A O   1 
ATOM   391  C CB  . LYS A 1 52  ? -12.940 -9.166  5.662   1.00 20.01 ? 52  LYS A CB  1 
ATOM   392  C CG  . LYS A 1 52  ? -12.362 -9.565  7.037   1.00 21.64 ? 52  LYS A CG  1 
ATOM   393  C CD  . LYS A 1 52  ? -13.297 -10.373 7.965   1.00 22.66 ? 52  LYS A CD  1 
ATOM   394  C CE  . LYS A 1 52  ? -14.705 -9.869  8.001   1.00 26.89 ? 52  LYS A CE  1 
ATOM   395  N NZ  . LYS A 1 52  ? -15.421 -10.566 9.129   1.00 32.43 ? 52  LYS A NZ  1 
ATOM   396  N N   . HIS A 1 53  ? -10.239 -10.737 4.552   1.00 17.85 ? 53  HIS A N   1 
ATOM   397  C CA  . HIS A 1 53  ? -9.552  -11.907 3.965   1.00 18.41 ? 53  HIS A CA  1 
ATOM   398  C C   . HIS A 1 53  ? -8.987  -11.629 2.579   1.00 17.46 ? 53  HIS A C   1 
ATOM   399  O O   . HIS A 1 53  ? -8.851  -12.539 1.771   1.00 17.95 ? 53  HIS A O   1 
ATOM   400  C CB  . HIS A 1 53  ? -10.470 -13.155 3.932   1.00 18.78 ? 53  HIS A CB  1 
ATOM   401  C CG  . HIS A 1 53  ? -11.260 -13.347 5.188   1.00 22.14 ? 53  HIS A CG  1 
ATOM   402  N ND1 . HIS A 1 53  ? -10.671 -13.595 6.412   1.00 24.39 ? 53  HIS A ND1 1 
ATOM   403  C CD2 . HIS A 1 53  ? -12.594 -13.306 5.413   1.00 25.59 ? 53  HIS A CD2 1 
ATOM   404  C CE1 . HIS A 1 53  ? -11.610 -13.699 7.336   1.00 25.37 ? 53  HIS A CE1 1 
ATOM   405  N NE2 . HIS A 1 53  ? -12.785 -13.543 6.756   1.00 26.31 ? 53  HIS A NE2 1 
ATOM   406  N N   . PHE A 1 54  ? -8.683  -10.369 2.288   1.00 16.63 ? 54  PHE A N   1 
ATOM   407  C CA  . PHE A 1 54  ? -8.064  -10.039 1.017   1.00 16.51 ? 54  PHE A CA  1 
ATOM   408  C C   . PHE A 1 54  ? -6.990  -8.972  1.200   1.00 16.85 ? 54  PHE A C   1 
ATOM   409  O O   . PHE A 1 54  ? -5.795  -9.294  1.253   1.00 16.19 ? 54  PHE A O   1 
ATOM   410  C CB  . PHE A 1 54  ? -9.107  -9.635  -0.038  1.00 16.55 ? 54  PHE A CB  1 
ATOM   411  C CG  . PHE A 1 54  ? -8.529  -9.282  -1.392  1.00 16.96 ? 54  PHE A CG  1 
ATOM   412  C CD1 . PHE A 1 54  ? -7.236  -9.681  -1.761  1.00 18.94 ? 54  PHE A CD1 1 
ATOM   413  C CD2 . PHE A 1 54  ? -9.306  -8.574  -2.323  1.00 18.58 ? 54  PHE A CD2 1 
ATOM   414  C CE1 . PHE A 1 54  ? -6.714  -9.340  -3.023  1.00 19.32 ? 54  PHE A CE1 1 
ATOM   415  C CE2 . PHE A 1 54  ? -8.787  -8.239  -3.595  1.00 18.14 ? 54  PHE A CE2 1 
ATOM   416  C CZ  . PHE A 1 54  ? -7.499  -8.629  -3.938  1.00 18.55 ? 54  PHE A CZ  1 
ATOM   417  N N   . MET A 1 55  ? -7.402  -7.711  1.321   1.00 16.35 ? 55  MET A N   1 
ATOM   418  C CA  . MET A 1 55  ? -6.428  -6.633  1.392   1.00 16.01 ? 55  MET A CA  1 
ATOM   419  C C   . MET A 1 55  ? -7.018  -5.328  1.933   1.00 15.22 ? 55  MET A C   1 
ATOM   420  O O   . MET A 1 55  ? -8.236  -5.166  2.002   1.00 15.41 ? 55  MET A O   1 
ATOM   421  C CB  . MET A 1 55  ? -5.774  -6.421  0.014   1.00 16.72 ? 55  MET A CB  1 
ATOM   422  C CG  . MET A 1 55  ? -6.743  -6.025  -1.093  1.00 19.48 ? 55  MET A CG  1 
ATOM   423  S SD  . MET A 1 55  ? -6.905  -4.241  -1.115  1.00 21.52 ? 55  MET A SD  1 
ATOM   424  C CE  . MET A 1 55  ? -8.673  -4.085  -1.391  1.00 20.05 ? 55  MET A CE  1 
ATOM   425  N N   . VAL A 1 56  ? -6.138  -4.419  2.336   1.00 14.48 ? 56  VAL A N   1 
ATOM   426  C CA  . VAL A 1 56  ? -6.553  -3.081  2.743   1.00 14.81 ? 56  VAL A CA  1 
ATOM   427  C C   . VAL A 1 56  ? -5.790  -2.131  1.845   1.00 15.24 ? 56  VAL A C   1 
ATOM   428  O O   . VAL A 1 56  ? -4.598  -2.328  1.583   1.00 14.98 ? 56  VAL A O   1 
ATOM   429  C CB  . VAL A 1 56  ? -6.277  -2.793  4.248   1.00 14.44 ? 56  VAL A CB  1 
ATOM   430  C CG1 . VAL A 1 56  ? -6.932  -3.869  5.075   1.00 14.89 ? 56  VAL A CG1 1 
ATOM   431  C CG2 . VAL A 1 56  ? -4.783  -2.716  4.549   1.00 15.43 ? 56  VAL A CG2 1 
ATOM   432  N N   . GLN A 1 57  ? -6.479  -1.127  1.351   1.00 16.04 ? 57  GLN A N   1 
ATOM   433  C CA  . GLN A 1 57  ? -5.910  -0.278  0.309   1.00 16.40 ? 57  GLN A CA  1 
ATOM   434  C C   . GLN A 1 57  ? -5.992  1.206   0.682   1.00 16.34 ? 57  GLN A C   1 
ATOM   435  O O   . GLN A 1 57  ? -6.979  1.661   1.286   1.00 15.73 ? 57  GLN A O   1 
ATOM   436  C CB  . GLN A 1 57  ? -6.602  -0.590  -1.012  1.00 16.17 ? 57  GLN A CB  1 
ATOM   437  C CG  . GLN A 1 57  ? -6.136  0.266   -2.206  1.00 15.86 ? 57  GLN A CG  1 
ATOM   438  C CD  . GLN A 1 57  ? -6.735  -0.220  -3.513  1.00 19.16 ? 57  GLN A CD  1 
ATOM   439  O OE1 . GLN A 1 57  ? -7.136  -1.379  -3.614  1.00 22.17 ? 57  GLN A OE1 1 
ATOM   440  N NE2 . GLN A 1 57  ? -6.787  0.666   -4.534  1.00 18.68 ? 57  GLN A NE2 1 
ATOM   441  N N   . THR A 1 58  ? -4.952  1.956   0.321   1.00 16.12 ? 58  THR A N   1 
ATOM   442  C CA  . THR A 1 58  ? -4.804  3.349   0.775   1.00 16.45 ? 58  THR A CA  1 
ATOM   443  C C   . THR A 1 58  ? -4.031  4.143   -0.292  1.00 16.24 ? 58  THR A C   1 
ATOM   444  O O   . THR A 1 58  ? -3.861  3.674   -1.419  1.00 15.33 ? 58  THR A O   1 
ATOM   445  C CB  . THR A 1 58  ? -4.132  3.407   2.185   1.00 16.28 ? 58  THR A CB  1 
ATOM   446  O OG1 . THR A 1 58  ? -4.183  4.742   2.728   1.00 17.71 ? 58  THR A OG1 1 
ATOM   447  C CG2 . THR A 1 58  ? -2.673  2.872   2.138   1.00 15.98 ? 58  THR A CG2 1 
ATOM   448  N N   . GLY A 1 59  ? -3.564  5.337   0.055   1.00 17.02 ? 59  GLY A N   1 
ATOM   449  C CA  . GLY A 1 59  ? -2.670  6.057   -0.841  1.00 17.95 ? 59  GLY A CA  1 
ATOM   450  C C   . GLY A 1 59  ? -3.353  7.001   -1.809  1.00 18.56 ? 59  GLY A C   1 
ATOM   451  O O   . GLY A 1 59  ? -2.704  7.521   -2.725  1.00 18.36 ? 59  GLY A O   1 
ATOM   452  N N   . ASP A 1 60  ? -4.646  7.246   -1.594  1.00 19.96 ? 60  ASP A N   1 
ATOM   453  C CA  . ASP A 1 60  ? -5.408  8.216   -2.416  1.00 21.50 ? 60  ASP A CA  1 
ATOM   454  C C   . ASP A 1 60  ? -5.783  9.433   -1.571  1.00 22.37 ? 60  ASP A C   1 
ATOM   455  O O   . ASP A 1 60  ? -6.706  9.352   -0.763  1.00 22.22 ? 60  ASP A O   1 
ATOM   456  C CB  . ASP A 1 60  ? -6.682  7.559   -2.966  1.00 21.57 ? 60  ASP A CB  1 
ATOM   457  C CG  . ASP A 1 60  ? -7.510  8.498   -3.862  1.00 23.72 ? 60  ASP A CG  1 
ATOM   458  O OD1 . ASP A 1 60  ? -7.243  9.727   -3.929  1.00 23.85 ? 60  ASP A OD1 1 
ATOM   459  O OD2 . ASP A 1 60  ? -8.425  7.970   -4.524  1.00 24.56 ? 60  ASP A OD2 1 
ATOM   460  N N   . PRO A 1 61  ? -5.076  10.567  -1.753  1.00 23.70 ? 61  PRO A N   1 
ATOM   461  C CA  . PRO A 1 61  ? -5.384  11.738  -0.915  1.00 25.28 ? 61  PRO A CA  1 
ATOM   462  C C   . PRO A 1 61  ? -6.835  12.248  -1.044  1.00 26.52 ? 61  PRO A C   1 
ATOM   463  O O   . PRO A 1 61  ? -7.396  12.762  -0.066  1.00 26.98 ? 61  PRO A O   1 
ATOM   464  C CB  . PRO A 1 61  ? -4.382  12.804  -1.396  1.00 25.52 ? 61  PRO A CB  1 
ATOM   465  C CG  . PRO A 1 61  ? -3.305  12.063  -2.098  1.00 25.41 ? 61  PRO A CG  1 
ATOM   466  C CD  . PRO A 1 61  ? -3.978  10.836  -2.700  1.00 24.38 ? 61  PRO A CD  1 
ATOM   467  N N   . SER A 1 62  ? -7.438  12.082  -2.223  1.00 27.71 ? 62  SER A N   1 
ATOM   468  C CA  . SER A 1 62  ? -8.823  12.487  -2.449  1.00 28.99 ? 62  SER A CA  1 
ATOM   469  C C   . SER A 1 62  ? -9.772  11.603  -1.654  1.00 29.90 ? 62  SER A C   1 
ATOM   470  O O   . SER A 1 62  ? -10.817 12.058  -1.203  1.00 30.24 ? 62  SER A O   1 
ATOM   471  C CB  . SER A 1 62  ? -9.174  12.447  -3.934  1.00 29.15 ? 62  SER A CB  1 
ATOM   472  O OG  . SER A 1 62  ? -9.372  11.115  -4.383  1.00 30.01 ? 62  SER A OG  1 
ATOM   473  N N   . GLY A 1 63  ? -9.380  10.345  -1.460  1.00 30.55 ? 63  GLY A N   1 
ATOM   474  C CA  . GLY A 1 63  ? -10.200 9.376   -0.751  1.00 31.10 ? 63  GLY A CA  1 
ATOM   475  C C   . GLY A 1 63  ? -11.221 8.731   -1.667  1.00 31.63 ? 63  GLY A C   1 
ATOM   476  O O   . GLY A 1 63  ? -11.883 7.786   -1.263  1.00 31.78 ? 63  GLY A O   1 
ATOM   477  N N   . ASP A 1 64  ? -11.338 9.254   -2.896  1.00 32.50 ? 64  ASP A N   1 
ATOM   478  C CA  . ASP A 1 64  ? -12.306 8.788   -3.917  1.00 33.28 ? 64  ASP A CA  1 
ATOM   479  C C   . ASP A 1 64  ? -12.105 7.310   -4.303  1.00 32.84 ? 64  ASP A C   1 
ATOM   480  O O   . ASP A 1 64  ? -13.080 6.556   -4.419  1.00 32.58 ? 64  ASP A O   1 
ATOM   481  C CB  . ASP A 1 64  ? -12.266 9.732   -5.153  1.00 33.85 ? 64  ASP A CB  1 
ATOM   482  C CG  . ASP A 1 64  ? -12.896 9.118   -6.431  1.00 37.18 ? 64  ASP A CG  1 
ATOM   483  O OD1 . ASP A 1 64  ? -14.136 8.951   -6.485  1.00 41.12 ? 64  ASP A OD1 1 
ATOM   484  O OD2 . ASP A 1 64  ? -12.149 8.840   -7.411  1.00 37.57 ? 64  ASP A OD2 1 
ATOM   485  N N   . GLY A 1 65  ? -10.848 6.910   -4.506  1.00 31.95 ? 65  GLY A N   1 
ATOM   486  C CA  . GLY A 1 65  ? -10.532 5.569   -4.986  1.00 31.19 ? 65  GLY A CA  1 
ATOM   487  C C   . GLY A 1 65  ? -9.843  5.564   -6.335  1.00 30.39 ? 65  GLY A C   1 
ATOM   488  O O   . GLY A 1 65  ? -9.252  4.565   -6.721  1.00 30.06 ? 65  GLY A O   1 
ATOM   489  N N   . THR A 1 66  ? -9.937  6.675   -7.068  1.00 30.16 ? 66  THR A N   1 
ATOM   490  C CA  . THR A 1 66  ? -9.278  6.811   -8.370  1.00 30.04 ? 66  THR A CA  1 
ATOM   491  C C   . THR A 1 66  ? -8.164  7.868   -8.321  1.00 29.86 ? 66  THR A C   1 
ATOM   492  O O   . THR A 1 66  ? -7.447  8.074   -9.310  1.00 30.09 ? 66  THR A O   1 
ATOM   493  C CB  . THR A 1 66  ? -10.273 7.284   -9.450  1.00 30.59 ? 66  THR A CB  1 
ATOM   494  O OG1 . THR A 1 66  ? -10.842 8.528   -9.026  1.00 30.51 ? 66  THR A OG1 1 
ATOM   495  C CG2 . THR A 1 66  ? -11.399 6.257   -9.683  1.00 31.50 ? 66  THR A CG2 1 
ATOM   496  N N   . GLY A 1 67  ? -8.037  8.558   -7.192  1.00 29.10 ? 67  GLY A N   1 
ATOM   497  C CA  . GLY A 1 67  ? -7.103  9.681   -7.103  1.00 28.93 ? 67  GLY A CA  1 
ATOM   498  C C   . GLY A 1 67  ? -5.661  9.278   -6.846  1.00 28.31 ? 67  GLY A C   1 
ATOM   499  O O   . GLY A 1 67  ? -5.329  8.093   -6.807  1.00 27.77 ? 67  GLY A O   1 
ATOM   500  N N   . GLY A 1 68  ? -4.805  10.279  -6.652  1.00 27.87 ? 68  GLY A N   1 
ATOM   501  C CA  . GLY A 1 68  ? -3.375  10.043  -6.439  1.00 26.74 ? 68  GLY A CA  1 
ATOM   502  C C   . GLY A 1 68  ? -2.539  10.054  -7.707  1.00 26.03 ? 68  GLY A C   1 
ATOM   503  O O   . GLY A 1 68  ? -2.977  9.623   -8.769  1.00 25.63 ? 68  GLY A O   1 
ATOM   504  N N   . GLU A 1 69  ? -1.308  10.530  -7.587  1.00 25.58 ? 69  GLU A N   1 
ATOM   505  C CA  . GLU A 1 69  ? -0.398  10.585  -8.723  1.00 26.22 ? 69  GLU A CA  1 
ATOM   506  C C   . GLU A 1 69  ? 0.996   10.217  -8.253  1.00 25.00 ? 69  GLU A C   1 
ATOM   507  O O   . GLU A 1 69  ? 1.356   10.471  -7.097  1.00 24.77 ? 69  GLU A O   1 
ATOM   508  C CB  . GLU A 1 69  ? -0.388  11.990  -9.354  1.00 26.32 ? 69  GLU A CB  1 
ATOM   509  C CG  . GLU A 1 69  ? 0.070   13.074  -8.382  1.00 27.90 ? 69  GLU A CG  1 
ATOM   510  C CD  . GLU A 1 69  ? -0.019  14.516  -8.910  1.00 29.55 ? 69  GLU A CD  1 
ATOM   511  O OE1 . GLU A 1 69  ? 0.114   15.443  -8.072  1.00 32.80 ? 69  GLU A OE1 1 
ATOM   512  O OE2 . GLU A 1 69  ? -0.197  14.723  -10.137 1.00 33.99 ? 69  GLU A OE2 1 
ATOM   513  N N   . SER A 1 70  ? 1.781   9.624   -9.148  1.00 24.65 ? 70  SER A N   1 
ATOM   514  C CA  . SER A 1 70  ? 3.187   9.328   -8.869  1.00 24.01 ? 70  SER A CA  1 
ATOM   515  C C   . SER A 1 70  ? 3.983   10.624  -8.713  1.00 24.62 ? 70  SER A C   1 
ATOM   516  O O   . SER A 1 70  ? 3.499   11.698  -9.060  1.00 24.51 ? 70  SER A O   1 
ATOM   517  C CB  . SER A 1 70  ? 3.795   8.493   -9.999  1.00 24.26 ? 70  SER A CB  1 
ATOM   518  O OG  . SER A 1 70  ? 4.091   9.307   -11.126 1.00 23.98 ? 70  SER A OG  1 
ATOM   519  N N   . ILE A 1 71  ? 5.207   10.515  -8.202  1.00 24.54 ? 71  ILE A N   1 
ATOM   520  C CA  . ILE A 1 71  ? 6.076   11.686  -8.057  1.00 25.02 ? 71  ILE A CA  1 
ATOM   521  C C   . ILE A 1 71  ? 6.445   12.310  -9.426  1.00 26.37 ? 71  ILE A C   1 
ATOM   522  O O   . ILE A 1 71  ? 6.845   13.483  -9.484  1.00 26.80 ? 71  ILE A O   1 
ATOM   523  C CB  . ILE A 1 71  ? 7.332   11.393  -7.200  1.00 24.28 ? 71  ILE A CB  1 
ATOM   524  C CG1 . ILE A 1 71  ? 8.174   10.268  -7.815  1.00 24.12 ? 71  ILE A CG1 1 
ATOM   525  C CG2 . ILE A 1 71  ? 6.902   11.102  -5.734  1.00 23.29 ? 71  ILE A CG2 1 
ATOM   526  C CD1 . ILE A 1 71  ? 9.594   10.163  -7.267  1.00 25.16 ? 71  ILE A CD1 1 
ATOM   527  N N   . TRP A 1 72  ? 6.288   11.529  -10.495 1.00 26.63 ? 72  TRP A N   1 
ATOM   528  C CA  . TRP A 1 72  ? 6.518   12.010  -11.867 1.00 27.87 ? 72  TRP A CA  1 
ATOM   529  C C   . TRP A 1 72  ? 5.264   12.666  -12.498 1.00 28.49 ? 72  TRP A C   1 
ATOM   530  O O   . TRP A 1 72  ? 5.313   13.199  -13.627 1.00 28.86 ? 72  TRP A O   1 
ATOM   531  C CB  . TRP A 1 72  ? 7.104   10.879  -12.731 1.00 28.11 ? 72  TRP A CB  1 
ATOM   532  C CG  . TRP A 1 72  ? 8.325   10.243  -12.067 1.00 29.00 ? 72  TRP A CG  1 
ATOM   533  C CD1 . TRP A 1 72  ? 9.598   10.738  -12.044 1.00 28.99 ? 72  TRP A CD1 1 
ATOM   534  C CD2 . TRP A 1 72  ? 8.355   9.033   -11.301 1.00 28.81 ? 72  TRP A CD2 1 
ATOM   535  N NE1 . TRP A 1 72  ? 10.423  9.900   -11.329 1.00 30.52 ? 72  TRP A NE1 1 
ATOM   536  C CE2 . TRP A 1 72  ? 9.685   8.852   -10.853 1.00 28.47 ? 72  TRP A CE2 1 
ATOM   537  C CE3 . TRP A 1 72  ? 7.383   8.085   -10.939 1.00 27.46 ? 72  TRP A CE3 1 
ATOM   538  C CZ2 . TRP A 1 72  ? 10.073  7.760   -10.066 1.00 29.19 ? 72  TRP A CZ2 1 
ATOM   539  C CZ3 . TRP A 1 72  ? 7.775   6.994   -10.158 1.00 28.76 ? 72  TRP A CZ3 1 
ATOM   540  C CH2 . TRP A 1 72  ? 9.107   6.840   -9.735  1.00 28.32 ? 72  TRP A CH2 1 
ATOM   541  N N   . GLY A 1 73  ? 4.158   12.676  -11.756 1.00 28.01 ? 73  GLY A N   1 
ATOM   542  C CA  . GLY A 1 73  ? 2.855   13.130  -12.280 1.00 28.99 ? 73  GLY A CA  1 
ATOM   543  C C   . GLY A 1 73  ? 2.171   12.058  -13.124 1.00 29.29 ? 73  GLY A C   1 
ATOM   544  O O   . GLY A 1 73  ? 1.033   11.649  -12.838 1.00 29.78 ? 73  GLY A O   1 
ATOM   545  N N   . ASN A 1 74  ? 2.870   11.593  -14.154 1.00 29.26 ? 74  ASN A N   1 
ATOM   546  C CA  . ASN A 1 74  ? 2.380   10.536  -15.026 1.00 29.10 ? 74  ASN A CA  1 
ATOM   547  C C   . ASN A 1 74  ? 2.520   9.172   -14.348 1.00 28.30 ? 74  ASN A C   1 
ATOM   548  O O   . ASN A 1 74  ? 3.445   8.956   -13.575 1.00 28.44 ? 74  ASN A O   1 
ATOM   549  C CB  . ASN A 1 74  ? 3.184   10.514  -16.333 1.00 29.26 ? 74  ASN A CB  1 
ATOM   550  C CG  . ASN A 1 74  ? 3.009   11.783  -17.160 1.00 30.84 ? 74  ASN A CG  1 
ATOM   551  O OD1 . ASN A 1 74  ? 1.888   12.151  -17.522 1.00 32.97 ? 74  ASN A OD1 1 
ATOM   552  N ND2 . ASN A 1 74  ? 4.124   12.442  -17.480 1.00 32.68 ? 74  ASN A ND2 1 
ATOM   553  N N   . GLU A 1 75  ? 1.626   8.243   -14.674 1.00 27.52 ? 75  GLU A N   1 
ATOM   554  C CA  . GLU A 1 75  ? 1.739   6.868   -14.163 1.00 26.39 ? 75  GLU A CA  1 
ATOM   555  C C   . GLU A 1 75  ? 3.010   6.186   -14.661 1.00 25.91 ? 75  GLU A C   1 
ATOM   556  O O   . GLU A 1 75  ? 3.497   6.491   -15.751 1.00 25.81 ? 75  GLU A O   1 
ATOM   557  C CB  . GLU A 1 75  ? 0.503   6.062   -14.567 1.00 26.44 ? 75  GLU A CB  1 
ATOM   558  C CG  . GLU A 1 75  ? -0.765  6.616   -13.964 1.00 25.97 ? 75  GLU A CG  1 
ATOM   559  C CD  . GLU A 1 75  ? -2.035  5.907   -14.438 1.00 28.12 ? 75  GLU A CD  1 
ATOM   560  O OE1 . GLU A 1 75  ? -2.047  5.310   -15.547 1.00 30.41 ? 75  GLU A OE1 1 
ATOM   561  O OE2 . GLU A 1 75  ? -3.029  5.952   -13.678 1.00 30.55 ? 75  GLU A OE2 1 
ATOM   562  N N   . PHE A 1 76  ? 3.554   5.266   -13.867 1.00 24.00 ? 76  PHE A N   1 
ATOM   563  C CA  . PHE A 1 76  ? 4.797   4.602   -14.220 1.00 23.53 ? 76  PHE A CA  1 
ATOM   564  C C   . PHE A 1 76  ? 4.667   3.086   -14.300 1.00 23.96 ? 76  PHE A C   1 
ATOM   565  O O   . PHE A 1 76  ? 3.601   2.520   -13.999 1.00 23.71 ? 76  PHE A O   1 
ATOM   566  C CB  . PHE A 1 76  ? 5.953   5.020   -13.283 1.00 22.78 ? 76  PHE A CB  1 
ATOM   567  C CG  . PHE A 1 76  ? 5.777   4.586   -11.830 1.00 21.94 ? 76  PHE A CG  1 
ATOM   568  C CD1 . PHE A 1 76  ? 6.472   3.484   -11.329 1.00 21.64 ? 76  PHE A CD1 1 
ATOM   569  C CD2 . PHE A 1 76  ? 4.944   5.302   -10.970 1.00 21.01 ? 76  PHE A CD2 1 
ATOM   570  C CE1 . PHE A 1 76  ? 6.316   3.097   -9.979  1.00 21.79 ? 76  PHE A CE1 1 
ATOM   571  C CE2 . PHE A 1 76  ? 4.783   4.914   -9.627  1.00 21.33 ? 76  PHE A CE2 1 
ATOM   572  C CZ  . PHE A 1 76  ? 5.466   3.811   -9.143  1.00 20.15 ? 76  PHE A CZ  1 
ATOM   573  N N   . GLU A 1 77  ? 5.777   2.460   -14.688 1.00 23.94 ? 77  GLU A N   1 
ATOM   574  C CA  . GLU A 1 77  ? 5.848   1.053   -15.035 1.00 24.26 ? 77  GLU A CA  1 
ATOM   575  C C   . GLU A 1 77  ? 5.838   0.138   -13.818 1.00 23.86 ? 77  GLU A C   1 
ATOM   576  O O   . GLU A 1 77  ? 6.235   0.541   -12.719 1.00 22.68 ? 77  GLU A O   1 
ATOM   577  C CB  . GLU A 1 77  ? 7.106   0.778   -15.886 1.00 24.80 ? 77  GLU A CB  1 
ATOM   578  C CG  . GLU A 1 77  ? 8.437   0.820   -15.123 1.00 26.97 ? 77  GLU A CG  1 
ATOM   579  C CD  . GLU A 1 77  ? 9.079   2.218   -15.066 1.00 29.77 ? 77  GLU A CD  1 
ATOM   580  O OE1 . GLU A 1 77  ? 8.395   3.231   -15.345 1.00 30.41 ? 77  GLU A OE1 1 
ATOM   581  O OE2 . GLU A 1 77  ? 10.283  2.293   -14.725 1.00 32.32 ? 77  GLU A OE2 1 
ATOM   582  N N   . ASP A 1 78  ? 5.390   -1.095  -14.051 1.00 23.68 ? 78  ASP A N   1 
ATOM   583  C CA  . ASP A 1 78  ? 5.515   -2.174  -13.088 1.00 23.81 ? 78  ASP A CA  1 
ATOM   584  C C   . ASP A 1 78  ? 6.963   -2.603  -12.993 1.00 24.10 ? 78  ASP A C   1 
ATOM   585  O O   . ASP A 1 78  ? 7.754   -2.436  -13.951 1.00 23.57 ? 78  ASP A O   1 
ATOM   586  C CB  . ASP A 1 78  ? 4.655   -3.368  -13.503 1.00 24.20 ? 78  ASP A CB  1 
ATOM   587  C CG  . ASP A 1 78  ? 3.167   -3.026  -13.581 1.00 23.57 ? 78  ASP A CG  1 
ATOM   588  O OD1 . ASP A 1 78  ? 2.625   -2.397  -12.643 1.00 20.64 ? 78  ASP A OD1 1 
ATOM   589  O OD2 . ASP A 1 78  ? 2.533   -3.407  -14.587 1.00 24.29 ? 78  ASP A OD2 1 
ATOM   590  N N   . GLU A 1 79  ? 7.314   -3.135  -11.830 1.00 23.49 ? 79  GLU A N   1 
ATOM   591  C CA  . GLU A 1 79  ? 8.612   -3.736  -11.614 1.00 23.79 ? 79  GLU A CA  1 
ATOM   592  C C   . GLU A 1 79  ? 8.459   -5.116  -10.974 1.00 24.08 ? 79  GLU A C   1 
ATOM   593  O O   . GLU A 1 79  ? 8.398   -5.246  -9.756  1.00 24.34 ? 79  GLU A O   1 
ATOM   594  C CB  . GLU A 1 79  ? 9.490   -2.813  -10.765 1.00 23.75 ? 79  GLU A CB  1 
ATOM   595  C CG  . GLU A 1 79  ? 9.672   -1.383  -11.334 1.00 24.00 ? 79  GLU A CG  1 
ATOM   596  C CD  . GLU A 1 79  ? 10.492  -0.481  -10.406 1.00 24.56 ? 79  GLU A CD  1 
ATOM   597  O OE1 . GLU A 1 79  ? 10.089  -0.295  -9.241  1.00 21.90 ? 79  GLU A OE1 1 
ATOM   598  O OE2 . GLU A 1 79  ? 11.553  0.037   -10.835 1.00 25.56 ? 79  GLU A OE2 1 
ATOM   599  N N   . PHE A 1 80  ? 8.419   -6.145  -11.822 1.00 23.56 ? 80  PHE A N   1 
ATOM   600  C CA  . PHE A 1 80  ? 8.223   -7.521  -11.393 1.00 23.69 ? 80  PHE A CA  1 
ATOM   601  C C   . PHE A 1 80  ? 9.527   -8.289  -11.240 1.00 24.17 ? 80  PHE A C   1 
ATOM   602  O O   . PHE A 1 80  ? 10.460  -8.124  -12.034 1.00 24.04 ? 80  PHE A O   1 
ATOM   603  C CB  . PHE A 1 80  ? 7.346   -8.270  -12.397 1.00 23.41 ? 80  PHE A CB  1 
ATOM   604  C CG  . PHE A 1 80  ? 6.021   -7.621  -12.660 1.00 23.26 ? 80  PHE A CG  1 
ATOM   605  C CD1 . PHE A 1 80  ? 5.285   -7.053  -11.617 1.00 22.05 ? 80  PHE A CD1 1 
ATOM   606  C CD2 . PHE A 1 80  ? 5.487   -7.610  -13.951 1.00 22.62 ? 80  PHE A CD2 1 
ATOM   607  C CE1 . PHE A 1 80  ? 4.057   -6.457  -11.859 1.00 23.95 ? 80  PHE A CE1 1 
ATOM   608  C CE2 . PHE A 1 80  ? 4.248   -7.021  -14.201 1.00 24.31 ? 80  PHE A CE2 1 
ATOM   609  C CZ  . PHE A 1 80  ? 3.531   -6.449  -13.149 1.00 25.05 ? 80  PHE A CZ  1 
ATOM   610  N N   . PHE A 1 81  ? 9.563   -9.150  -10.228 1.00 24.14 ? 81  PHE A N   1 
ATOM   611  C CA  . PHE A 1 81  ? 10.713  -9.995  -9.932  1.00 24.72 ? 81  PHE A CA  1 
ATOM   612  C C   . PHE A 1 81  ? 10.188  -11.332 -9.424  1.00 25.46 ? 81  PHE A C   1 
ATOM   613  O O   . PHE A 1 81  ? 9.323   -11.364 -8.540  1.00 24.57 ? 81  PHE A O   1 
ATOM   614  C CB  . PHE A 1 81  ? 11.624  -9.336  -8.882  1.00 23.91 ? 81  PHE A CB  1 
ATOM   615  C CG  . PHE A 1 81  ? 12.290  -8.086  -9.371  1.00 24.75 ? 81  PHE A CG  1 
ATOM   616  C CD1 . PHE A 1 81  ? 13.569  -8.134  -9.917  1.00 24.72 ? 81  PHE A CD1 1 
ATOM   617  C CD2 . PHE A 1 81  ? 11.621  -6.864  -9.332  1.00 23.64 ? 81  PHE A CD2 1 
ATOM   618  C CE1 . PHE A 1 81  ? 14.182  -6.971  -10.395 1.00 25.55 ? 81  PHE A CE1 1 
ATOM   619  C CE2 . PHE A 1 81  ? 12.224  -5.698  -9.809  1.00 26.67 ? 81  PHE A CE2 1 
ATOM   620  C CZ  . PHE A 1 81  ? 13.522  -5.759  -10.343 1.00 25.19 ? 81  PHE A CZ  1 
ATOM   621  N N   . ASP A 1 82  ? 10.712  -12.428 -9.964  1.00 26.57 ? 82  ASP A N   1 
ATOM   622  C CA  . ASP A 1 82  ? 10.273  -13.769 -9.523  1.00 27.91 ? 82  ASP A CA  1 
ATOM   623  C C   . ASP A 1 82  ? 10.266  -13.930 -8.009  1.00 27.33 ? 82  ASP A C   1 
ATOM   624  O O   . ASP A 1 82  ? 9.296   -14.447 -7.436  1.00 28.14 ? 82  ASP A O   1 
ATOM   625  C CB  . ASP A 1 82  ? 11.111  -14.875 -10.167 1.00 28.78 ? 82  ASP A CB  1 
ATOM   626  C CG  . ASP A 1 82  ? 11.147  -14.767 -11.666 1.00 31.72 ? 82  ASP A CG  1 
ATOM   627  O OD1 . ASP A 1 82  ? 10.079  -14.552 -12.282 1.00 34.69 ? 82  ASP A OD1 1 
ATOM   628  O OD2 . ASP A 1 82  ? 12.253  -14.884 -12.232 1.00 36.14 ? 82  ASP A OD2 1 
ATOM   629  N N   . HIS A 1 83  ? 11.316  -13.447 -7.352  1.00 26.18 ? 83  HIS A N   1 
ATOM   630  C CA  . HIS A 1 83  ? 11.493  -13.720 -5.928  1.00 25.12 ? 83  HIS A CA  1 
ATOM   631  C C   . HIS A 1 83  ? 10.624  -12.805 -5.047  1.00 24.24 ? 83  HIS A C   1 
ATOM   632  O O   . HIS A 1 83  ? 10.550  -12.988 -3.824  1.00 24.09 ? 83  HIS A O   1 
ATOM   633  C CB  . HIS A 1 83  ? 12.981  -13.662 -5.543  1.00 25.11 ? 83  HIS A CB  1 
ATOM   634  C CG  . HIS A 1 83  ? 13.585  -12.300 -5.666  1.00 25.00 ? 83  HIS A CG  1 
ATOM   635  N ND1 . HIS A 1 83  ? 13.881  -11.724 -6.884  1.00 24.63 ? 83  HIS A ND1 1 
ATOM   636  C CD2 . HIS A 1 83  ? 13.951  -11.400 -4.724  1.00 24.74 ? 83  HIS A CD2 1 
ATOM   637  C CE1 . HIS A 1 83  ? 14.394  -10.524 -6.685  1.00 24.79 ? 83  HIS A CE1 1 
ATOM   638  N NE2 . HIS A 1 83  ? 14.454  -10.305 -5.383  1.00 24.53 ? 83  HIS A NE2 1 
ATOM   639  N N   . LEU A 1 84  ? 9.970   -11.838 -5.691  1.00 23.05 ? 84  LEU A N   1 
ATOM   640  C CA  . LEU A 1 84  ? 9.068   -10.896 -5.017  1.00 22.08 ? 84  LEU A CA  1 
ATOM   641  C C   . LEU A 1 84  ? 7.648   -11.259 -5.431  1.00 21.09 ? 84  LEU A C   1 
ATOM   642  O O   . LEU A 1 84  ? 7.243   -11.044 -6.563  1.00 20.83 ? 84  LEU A O   1 
ATOM   643  C CB  . LEU A 1 84  ? 9.428   -9.441  -5.342  1.00 21.51 ? 84  LEU A CB  1 
ATOM   644  C CG  . LEU A 1 84  ? 10.857  -8.993  -4.971  1.00 21.87 ? 84  LEU A CG  1 
ATOM   645  C CD1 . LEU A 1 84  ? 11.022  -7.498  -5.223  1.00 22.81 ? 84  LEU A CD1 1 
ATOM   646  C CD2 . LEU A 1 84  ? 11.247  -9.382  -3.520  1.00 19.74 ? 84  LEU A CD2 1 
ATOM   647  N N   . ASN A 1 85  ? 6.909   -11.859 -4.511  1.00 20.07 ? 85  ASN A N   1 
ATOM   648  C CA  . ASN A 1 85  ? 5.629   -12.422 -4.842  1.00 18.91 ? 85  ASN A CA  1 
ATOM   649  C C   . ASN A 1 85  ? 4.655   -12.321 -3.667  1.00 18.02 ? 85  ASN A C   1 
ATOM   650  O O   . ASN A 1 85  ? 5.006   -11.891 -2.556  1.00 16.43 ? 85  ASN A O   1 
ATOM   651  C CB  . ASN A 1 85  ? 5.800   -13.884 -5.268  1.00 19.56 ? 85  ASN A CB  1 
ATOM   652  C CG  . ASN A 1 85  ? 6.419   -14.739 -4.171  1.00 21.35 ? 85  ASN A CG  1 
ATOM   653  O OD1 . ASN A 1 85  ? 5.862   -14.880 -3.089  1.00 23.55 ? 85  ASN A OD1 1 
ATOM   654  N ND2 . ASN A 1 85  ? 7.590   -15.321 -4.452  1.00 24.75 ? 85  ASN A ND2 1 
ATOM   655  N N   . HIS A 1 86  ? 3.440   -12.765 -3.928  1.00 17.94 ? 86  HIS A N   1 
ATOM   656  C CA  . HIS A 1 86  ? 2.380   -12.742 -2.921  1.00 17.43 ? 86  HIS A CA  1 
ATOM   657  C C   . HIS A 1 86  ? 2.102   -14.134 -2.301  1.00 17.78 ? 86  HIS A C   1 
ATOM   658  O O   . HIS A 1 86  ? 0.978   -14.427 -1.896  1.00 16.62 ? 86  HIS A O   1 
ATOM   659  C CB  . HIS A 1 86  ? 1.100   -12.192 -3.554  1.00 17.24 ? 86  HIS A CB  1 
ATOM   660  C CG  . HIS A 1 86  ? 1.251   -10.845 -4.214  1.00 15.67 ? 86  HIS A CG  1 
ATOM   661  N ND1 . HIS A 1 86  ? 1.646   -10.695 -5.528  1.00 17.40 ? 86  HIS A ND1 1 
ATOM   662  C CD2 . HIS A 1 86  ? 1.000   -9.595  -3.756  1.00 15.75 ? 86  HIS A CD2 1 
ATOM   663  C CE1 . HIS A 1 86  ? 1.630   -9.413  -5.854  1.00 14.62 ? 86  HIS A CE1 1 
ATOM   664  N NE2 . HIS A 1 86  ? 1.243   -8.721  -4.792  1.00 16.05 ? 86  HIS A NE2 1 
ATOM   665  N N   . SER A 1 87  ? 3.120   -14.994 -2.209  1.00 18.08 ? 87  SER A N   1 
ATOM   666  C CA  . SER A 1 87  ? 2.931   -16.345 -1.634  1.00 18.38 ? 87  SER A CA  1 
ATOM   667  C C   . SER A 1 87  ? 2.625   -16.284 -0.129  1.00 18.83 ? 87  SER A C   1 
ATOM   668  O O   . SER A 1 87  ? 2.012   -17.206 0.441   1.00 19.78 ? 87  SER A O   1 
ATOM   669  C CB  . SER A 1 87  ? 4.182   -17.214 -1.866  1.00 18.85 ? 87  SER A CB  1 
ATOM   670  O OG  . SER A 1 87  ? 5.321   -16.614 -1.241  1.00 21.59 ? 87  SER A OG  1 
ATOM   671  N N   . LYS A 1 88  ? 3.098   -15.224 0.516   1.00 18.18 ? 88  LYS A N   1 
ATOM   672  C CA  . LYS A 1 88  ? 2.843   -14.964 1.927   1.00 18.17 ? 88  LYS A CA  1 
ATOM   673  C C   . LYS A 1 88  ? 1.875   -13.788 2.081   1.00 18.19 ? 88  LYS A C   1 
ATOM   674  O O   . LYS A 1 88  ? 1.878   -12.895 1.231   1.00 17.06 ? 88  LYS A O   1 
ATOM   675  C CB  . LYS A 1 88  ? 4.143   -14.625 2.625   1.00 18.43 ? 88  LYS A CB  1 
ATOM   676  C CG  . LYS A 1 88  ? 5.087   -15.816 2.734   1.00 22.57 ? 88  LYS A CG  1 
ATOM   677  C CD  . LYS A 1 88  ? 6.481   -15.362 3.121   1.00 26.95 ? 88  LYS A CD  1 
ATOM   678  C CE  . LYS A 1 88  ? 7.275   -16.526 3.701   1.00 29.45 ? 88  LYS A CE  1 
ATOM   679  N NZ  . LYS A 1 88  ? 7.142   -17.748 2.863   1.00 32.98 ? 88  LYS A NZ  1 
ATOM   680  N N   . PRO A 1 89  ? 1.091   -13.761 3.191   1.00 17.40 ? 89  PRO A N   1 
ATOM   681  C CA  . PRO A 1 89  ? 0.252   -12.585 3.473   1.00 17.16 ? 89  PRO A CA  1 
ATOM   682  C C   . PRO A 1 89  ? 1.123   -11.405 3.913   1.00 16.80 ? 89  PRO A C   1 
ATOM   683  O O   . PRO A 1 89  ? 2.339   -11.578 4.175   1.00 17.04 ? 89  PRO A O   1 
ATOM   684  C CB  . PRO A 1 89  ? -0.616  -13.041 4.669   1.00 17.01 ? 89  PRO A CB  1 
ATOM   685  C CG  . PRO A 1 89  ? 0.266   -14.061 5.401   1.00 17.48 ? 89  PRO A CG  1 
ATOM   686  C CD  . PRO A 1 89  ? 0.982   -14.793 4.252   1.00 17.43 ? 89  PRO A CD  1 
ATOM   687  N N   . PHE A 1 90  ? 0.501   -10.231 4.025   1.00 16.23 ? 90  PHE A N   1 
ATOM   688  C CA  . PHE A 1 90  ? 1.139   -9.004  4.537   1.00 15.43 ? 90  PHE A CA  1 
ATOM   689  C C   . PHE A 1 90  ? 2.250   -8.489  3.633   1.00 15.20 ? 90  PHE A C   1 
ATOM   690  O O   . PHE A 1 90  ? 3.252   -7.942  4.110   1.00 14.95 ? 90  PHE A O   1 
ATOM   691  C CB  . PHE A 1 90  ? 1.592   -9.158  6.007   1.00 16.18 ? 90  PHE A CB  1 
ATOM   692  C CG  . PHE A 1 90  ? 0.528   -9.743  6.890   1.00 16.37 ? 90  PHE A CG  1 
ATOM   693  C CD1 . PHE A 1 90  ? -0.654  -9.054  7.134   1.00 16.89 ? 90  PHE A CD1 1 
ATOM   694  C CD2 . PHE A 1 90  ? 0.695   -11.014 7.437   1.00 17.70 ? 90  PHE A CD2 1 
ATOM   695  C CE1 . PHE A 1 90  ? -1.651  -9.624  7.935   1.00 18.83 ? 90  PHE A CE1 1 
ATOM   696  C CE2 . PHE A 1 90  ? -0.273  -11.590 8.232   1.00 18.09 ? 90  PHE A CE2 1 
ATOM   697  C CZ  . PHE A 1 90  ? -1.450  -10.894 8.490   1.00 17.66 ? 90  PHE A CZ  1 
ATOM   698  N N   . MET A 1 91  ? 2.030   -8.631  2.329   1.00 14.91 ? 91  MET A N   1 
ATOM   699  C CA  . MET A 1 91  ? 2.897   -8.008  1.318   1.00 14.38 ? 91  MET A CA  1 
ATOM   700  C C   . MET A 1 91  ? 2.331   -6.642  0.999   1.00 15.05 ? 91  MET A C   1 
ATOM   701  O O   . MET A 1 91  ? 1.112   -6.411  1.141   1.00 15.27 ? 91  MET A O   1 
ATOM   702  C CB  . MET A 1 91  ? 2.971   -8.860  0.039   1.00 14.37 ? 91  MET A CB  1 
ATOM   703  C CG  . MET A 1 91  ? 3.408   -10.291 0.258   1.00 15.23 ? 91  MET A CG  1 
ATOM   704  S SD  . MET A 1 91  ? 4.944   -10.397 1.202   1.00 16.87 ? 91  MET A SD  1 
ATOM   705  C CE  . MET A 1 91  ? 6.123   -9.732  0.030   1.00 14.38 ? 91  MET A CE  1 
ATOM   706  N N   . VAL A 1 92  ? 3.219   -5.731  0.594   1.00 14.41 ? 92  VAL A N   1 
ATOM   707  C CA  . VAL A 1 92  ? 2.865   -4.348  0.269   1.00 14.97 ? 92  VAL A CA  1 
ATOM   708  C C   . VAL A 1 92  ? 3.061   -4.165  -1.247  1.00 14.54 ? 92  VAL A C   1 
ATOM   709  O O   . VAL A 1 92  ? 4.170   -4.374  -1.746  1.00 14.37 ? 92  VAL A O   1 
ATOM   710  C CB  . VAL A 1 92  ? 3.733   -3.339  1.070   1.00 14.95 ? 92  VAL A CB  1 
ATOM   711  C CG1 . VAL A 1 92  ? 3.230   -1.917  0.852   1.00 15.78 ? 92  VAL A CG1 1 
ATOM   712  C CG2 . VAL A 1 92  ? 3.681   -3.651  2.594   1.00 14.31 ? 92  VAL A CG2 1 
ATOM   713  N N   . SER A 1 93  ? 1.988   -3.805  -1.954  1.00 15.16 ? 93  SER A N   1 
ATOM   714  C CA  . SER A 1 93  ? 1.961   -3.782  -3.421  1.00 15.02 ? 93  SER A CA  1 
ATOM   715  C C   . SER A 1 93  ? 1.280   -2.539  -3.977  1.00 14.46 ? 93  SER A C   1 
ATOM   716  O O   . SER A 1 93  ? 0.445   -1.933  -3.315  1.00 14.51 ? 93  SER A O   1 
ATOM   717  C CB  . SER A 1 93  ? 1.268   -5.036  -3.987  1.00 15.42 ? 93  SER A CB  1 
ATOM   718  O OG  . SER A 1 93  ? 2.001   -6.200  -3.646  1.00 18.10 ? 93  SER A OG  1 
ATOM   719  N N   . MET A 1 94  ? 1.628   -2.171  -5.204  1.00 14.10 ? 94  MET A N   1 
ATOM   720  C CA  . MET A 1 94  ? 0.974   -1.032  -5.841  1.00 14.60 ? 94  MET A CA  1 
ATOM   721  C C   . MET A 1 94  ? -0.378  -1.430  -6.385  1.00 15.55 ? 94  MET A C   1 
ATOM   722  O O   . MET A 1 94  ? -0.497  -2.461  -7.058  1.00 15.74 ? 94  MET A O   1 
ATOM   723  C CB  . MET A 1 94  ? 1.832   -0.452  -6.970  1.00 14.51 ? 94  MET A CB  1 
ATOM   724  C CG  . MET A 1 94  ? 3.140   0.129   -6.466  1.00 14.75 ? 94  MET A CG  1 
ATOM   725  S SD  . MET A 1 94  ? 2.880   1.564   -5.425  1.00 16.68 ? 94  MET A SD  1 
ATOM   726  C CE  . MET A 1 94  ? 2.332   2.769   -6.652  1.00 15.91 ? 94  MET A CE  1 
ATOM   727  N N   . ALA A 1 95  ? -1.381  -0.594  -6.099  1.00 16.00 ? 95  ALA A N   1 
ATOM   728  C CA  . ALA A 1 95  ? -2.675  -0.689  -6.760  1.00 17.43 ? 95  ALA A CA  1 
ATOM   729  C C   . ALA A 1 95  ? -2.468  -0.229  -8.192  1.00 18.72 ? 95  ALA A C   1 
ATOM   730  O O   . ALA A 1 95  ? -1.581  0.604   -8.460  1.00 17.91 ? 95  ALA A O   1 
ATOM   731  C CB  . ALA A 1 95  ? -3.704  0.210   -6.067  1.00 17.89 ? 95  ALA A CB  1 
ATOM   732  N N   . ASN A 1 96  ? -3.250  -0.797  -9.108  1.00 20.20 ? 96  ASN A N   1 
ATOM   733  C CA  . ASN A 1 96  ? -3.262  -0.321  -10.486 1.00 21.74 ? 96  ASN A CA  1 
ATOM   734  C C   . ASN A 1 96  ? -4.564  -0.665  -11.194 1.00 23.10 ? 96  ASN A C   1 
ATOM   735  O O   . ASN A 1 96  ? -5.421  -1.387  -10.647 1.00 23.47 ? 96  ASN A O   1 
ATOM   736  C CB  . ASN A 1 96  ? -2.020  -0.821  -11.278 1.00 21.30 ? 96  ASN A CB  1 
ATOM   737  C CG  . ASN A 1 96  ? -1.976  -2.328  -11.442 1.00 21.65 ? 96  ASN A CG  1 
ATOM   738  O OD1 . ASN A 1 96  ? -2.910  -2.950  -11.951 1.00 21.32 ? 96  ASN A OD1 1 
ATOM   739  N ND2 . ASN A 1 96  ? -0.885  -2.925  -11.008 1.00 21.38 ? 96  ASN A ND2 1 
ATOM   740  N N   . CYS A 1 97  ? -4.691  -0.141  -12.408 1.00 24.22 ? 97  CYS A N   1 
ATOM   741  C CA  . CYS A 1 97  ? -5.808  -0.468  -13.290 1.00 26.26 ? 97  CYS A CA  1 
ATOM   742  C C   . CYS A 1 97  ? -5.320  -1.073  -14.602 1.00 25.87 ? 97  CYS A C   1 
ATOM   743  O O   . CYS A 1 97  ? -5.818  -0.740  -15.673 1.00 27.08 ? 97  CYS A O   1 
ATOM   744  C CB  . CYS A 1 97  ? -6.668  0.774   -13.529 1.00 26.40 ? 97  CYS A CB  1 
ATOM   745  S SG  . CYS A 1 97  ? -7.493  1.304   -12.025 1.00 33.27 ? 97  CYS A SG  1 
ATOM   746  N N   . GLY A 1 98  ? -4.361  -1.987  -14.495 1.00 25.71 ? 98  GLY A N   1 
ATOM   747  C CA  . GLY A 1 98  ? -3.755  -2.652  -15.651 1.00 24.82 ? 98  GLY A CA  1 
ATOM   748  C C   . GLY A 1 98  ? -2.264  -2.405  -15.712 1.00 24.65 ? 98  GLY A C   1 
ATOM   749  O O   . GLY A 1 98  ? -1.721  -1.700  -14.865 1.00 24.01 ? 98  GLY A O   1 
ATOM   750  N N   . PRO A 1 99  ? -1.586  -2.974  -16.728 1.00 24.64 ? 99  PRO A N   1 
ATOM   751  C CA  . PRO A 1 99  ? -0.139  -2.787  -16.878 1.00 25.04 ? 99  PRO A CA  1 
ATOM   752  C C   . PRO A 1 99  ? 0.293   -1.318  -16.960 1.00 25.35 ? 99  PRO A C   1 
ATOM   753  O O   . PRO A 1 99  ? -0.389  -0.488  -17.582 1.00 25.18 ? 99  PRO A O   1 
ATOM   754  C CB  . PRO A 1 99  ? 0.185   -3.536  -18.180 1.00 24.89 ? 99  PRO A CB  1 
ATOM   755  C CG  . PRO A 1 99  ? -0.902  -4.581  -18.293 1.00 24.57 ? 99  PRO A CG  1 
ATOM   756  C CD  . PRO A 1 99  ? -2.135  -3.851  -17.783 1.00 24.36 ? 99  PRO A CD  1 
ATOM   757  N N   . ASN A 1 100 ? 1.402   -1.018  -16.286 1.00 25.87 ? 100 ASN A N   1 
ATOM   758  C CA  . ASN A 1 100 ? 1.990   0.324   -16.253 1.00 26.44 ? 100 ASN A CA  1 
ATOM   759  C C   . ASN A 1 100 ? 1.022   1.477   -15.926 1.00 25.71 ? 100 ASN A C   1 
ATOM   760  O O   . ASN A 1 100 ? 0.985   2.475   -16.639 1.00 25.70 ? 100 ASN A O   1 
ATOM   761  C CB  . ASN A 1 100 ? 2.753   0.583   -17.559 1.00 27.13 ? 100 ASN A CB  1 
ATOM   762  C CG  . ASN A 1 100 ? 3.953   -0.336  -17.729 1.00 29.82 ? 100 ASN A CG  1 
ATOM   763  O OD1 . ASN A 1 100 ? 4.174   -1.273  -16.935 1.00 32.14 ? 100 ASN A OD1 1 
ATOM   764  N ND2 . ASN A 1 100 ? 4.740   -0.082  -18.771 1.00 30.90 ? 100 ASN A ND2 1 
ATOM   765  N N   . THR A 1 101 ? 0.242   1.335   -14.852 1.00 24.23 ? 101 THR A N   1 
ATOM   766  C CA  . THR A 1 101 ? -0.663  2.406   -14.393 1.00 23.14 ? 101 THR A CA  1 
ATOM   767  C C   . THR A 1 101 ? -0.444  2.731   -12.905 1.00 22.46 ? 101 THR A C   1 
ATOM   768  O O   . THR A 1 101 ? -1.353  3.116   -12.191 1.00 22.24 ? 101 THR A O   1 
ATOM   769  C CB  . THR A 1 101 ? -2.175  2.087   -14.657 1.00 24.15 ? 101 THR A CB  1 
ATOM   770  O OG1 . THR A 1 101 ? -2.565  0.882   -13.967 1.00 23.15 ? 101 THR A OG1 1 
ATOM   771  C CG2 . THR A 1 101 ? -2.445  1.932   -16.148 1.00 23.76 ? 101 THR A CG2 1 
ATOM   772  N N   . ASN A 1 102 ? 0.795   2.603   -12.462 1.00 21.91 ? 102 ASN A N   1 
ATOM   773  C CA  . ASN A 1 102 ? 1.160   2.977   -11.104 1.00 21.41 ? 102 ASN A CA  1 
ATOM   774  C C   . ASN A 1 102 ? 1.080   4.471   -10.803 1.00 21.22 ? 102 ASN A C   1 
ATOM   775  O O   . ASN A 1 102 ? 1.657   5.296   -11.523 1.00 21.09 ? 102 ASN A O   1 
ATOM   776  C CB  . ASN A 1 102 ? 2.534   2.413   -10.791 1.00 21.69 ? 102 ASN A CB  1 
ATOM   777  C CG  . ASN A 1 102 ? 2.532   0.912   -10.838 1.00 20.92 ? 102 ASN A CG  1 
ATOM   778  O OD1 . ASN A 1 102 ? 1.894   0.260   -10.008 1.00 21.05 ? 102 ASN A OD1 1 
ATOM   779  N ND2 . ASN A 1 102 ? 3.183   0.353   -11.840 1.00 20.71 ? 102 ASN A ND2 1 
ATOM   780  N N   . GLY A 1 103 ? 0.336   4.799   -9.749  1.00 20.37 ? 103 GLY A N   1 
ATOM   781  C CA  . GLY A 1 103 ? 0.225   6.154   -9.231  1.00 19.78 ? 103 GLY A CA  1 
ATOM   782  C C   . GLY A 1 103 ? 0.814   6.263   -7.834  1.00 19.33 ? 103 GLY A C   1 
ATOM   783  O O   . GLY A 1 103 ? 2.029   6.186   -7.650  1.00 19.43 ? 103 GLY A O   1 
ATOM   784  N N   . SER A 1 104 ? -0.053  6.467   -6.847  1.00 18.74 ? 104 SER A N   1 
ATOM   785  C CA  . SER A 1 104 ? 0.391   6.623   -5.464  1.00 18.60 ? 104 SER A CA  1 
ATOM   786  C C   . SER A 1 104 ? -0.265  5.564   -4.594  1.00 18.11 ? 104 SER A C   1 
ATOM   787  O O   . SER A 1 104 ? 0.205   5.285   -3.501  1.00 17.57 ? 104 SER A O   1 
ATOM   788  C CB  . SER A 1 104 ? 0.073   8.027   -4.922  1.00 18.86 ? 104 SER A CB  1 
ATOM   789  O OG  . SER A 1 104 ? -1.333  8.280   -4.859  1.00 20.65 ? 104 SER A OG  1 
ATOM   790  N N   . GLN A 1 105 ? -1.358  4.986   -5.091  1.00 17.61 ? 105 GLN A N   1 
ATOM   791  C CA  . GLN A 1 105 ? -2.137  4.049   -4.272  1.00 17.44 ? 105 GLN A CA  1 
ATOM   792  C C   . GLN A 1 105 ? -1.412  2.735   -4.104  1.00 15.80 ? 105 GLN A C   1 
ATOM   793  O O   . GLN A 1 105 ? -0.712  2.269   -5.011  1.00 16.27 ? 105 GLN A O   1 
ATOM   794  C CB  . GLN A 1 105 ? -3.520  3.794   -4.859  1.00 16.61 ? 105 GLN A CB  1 
ATOM   795  C CG  . GLN A 1 105 ? -4.471  4.956   -4.693  1.00 19.10 ? 105 GLN A CG  1 
ATOM   796  C CD  . GLN A 1 105 ? -5.846  4.581   -5.175  1.00 22.48 ? 105 GLN A CD  1 
ATOM   797  O OE1 . GLN A 1 105 ? -6.361  3.520   -4.819  1.00 20.07 ? 105 GLN A OE1 1 
ATOM   798  N NE2 . GLN A 1 105 ? -6.443  5.432   -6.008  1.00 19.22 ? 105 GLN A NE2 1 
ATOM   799  N N   . PHE A 1 106 ? -1.561  2.168   -2.917  1.00 14.76 ? 106 PHE A N   1 
ATOM   800  C CA  . PHE A 1 106 ? -0.931  0.882   -2.590  1.00 13.76 ? 106 PHE A CA  1 
ATOM   801  C C   . PHE A 1 106 ? -1.813  0.087   -1.634  1.00 14.23 ? 106 PHE A C   1 
ATOM   802  O O   . PHE A 1 106 ? -2.736  0.657   -0.987  1.00 14.00 ? 106 PHE A O   1 
ATOM   803  C CB  . PHE A 1 106 ? 0.486   1.079   -2.013  1.00 13.74 ? 106 PHE A CB  1 
ATOM   804  C CG  . PHE A 1 106 ? 0.531   1.820   -0.683  1.00 13.37 ? 106 PHE A CG  1 
ATOM   805  C CD1 . PHE A 1 106 ? 0.559   1.111   0.522   1.00 13.97 ? 106 PHE A CD1 1 
ATOM   806  C CD2 . PHE A 1 106 ? 0.542   3.210   -0.643  1.00 14.51 ? 106 PHE A CD2 1 
ATOM   807  C CE1 . PHE A 1 106 ? 0.614   1.790   1.747   1.00 12.18 ? 106 PHE A CE1 1 
ATOM   808  C CE2 . PHE A 1 106 ? 0.576   3.890   0.575   1.00 13.57 ? 106 PHE A CE2 1 
ATOM   809  C CZ  . PHE A 1 106 ? 0.613   3.168   1.768   1.00 14.50 ? 106 PHE A CZ  1 
ATOM   810  N N   . PHE A 1 107 ? -1.522  -1.214  -1.513  1.00 13.54 ? 107 PHE A N   1 
ATOM   811  C CA  . PHE A 1 107 ? -2.296  -2.056  -0.589  1.00 13.87 ? 107 PHE A CA  1 
ATOM   812  C C   . PHE A 1 107 ? -1.402  -3.006  0.183   1.00 13.29 ? 107 PHE A C   1 
ATOM   813  O O   . PHE A 1 107 ? -0.238  -3.203  -0.174  1.00 12.45 ? 107 PHE A O   1 
ATOM   814  C CB  . PHE A 1 107 ? -3.455  -2.802  -1.286  1.00 13.73 ? 107 PHE A CB  1 
ATOM   815  C CG  . PHE A 1 107 ? -3.030  -3.718  -2.417  1.00 15.59 ? 107 PHE A CG  1 
ATOM   816  C CD1 . PHE A 1 107 ? -2.876  -5.079  -2.196  1.00 14.69 ? 107 PHE A CD1 1 
ATOM   817  C CD2 . PHE A 1 107 ? -2.804  -3.218  -3.703  1.00 15.08 ? 107 PHE A CD2 1 
ATOM   818  C CE1 . PHE A 1 107 ? -2.488  -5.942  -3.246  1.00 15.99 ? 107 PHE A CE1 1 
ATOM   819  C CE2 . PHE A 1 107 ? -2.438  -4.069  -4.754  1.00 17.64 ? 107 PHE A CE2 1 
ATOM   820  C CZ  . PHE A 1 107 ? -2.281  -5.441  -4.515  1.00 15.33 ? 107 PHE A CZ  1 
ATOM   821  N N   . ILE A 1 108 ? -1.976  -3.574  1.236   1.00 13.35 ? 108 ILE A N   1 
ATOM   822  C CA  . ILE A 1 108 ? -1.321  -4.603  2.045   1.00 13.32 ? 108 ILE A CA  1 
ATOM   823  C C   . ILE A 1 108 ? -2.267  -5.818  2.062   1.00 13.82 ? 108 ILE A C   1 
ATOM   824  O O   . ILE A 1 108 ? -3.447  -5.699  2.419   1.00 12.04 ? 108 ILE A O   1 
ATOM   825  C CB  . ILE A 1 108 ? -1.053  -4.090  3.474   1.00 13.16 ? 108 ILE A CB  1 
ATOM   826  C CG1 . ILE A 1 108 ? -0.157  -2.838  3.426   1.00 14.09 ? 108 ILE A CG1 1 
ATOM   827  C CG2 . ILE A 1 108 ? -0.404  -5.175  4.314   1.00 13.07 ? 108 ILE A CG2 1 
ATOM   828  C CD1 . ILE A 1 108 ? -0.115  -2.046  4.747   1.00 14.22 ? 108 ILE A CD1 1 
ATOM   829  N N   . THR A 1 109 ? -1.760  -6.974  1.649   1.00 13.26 ? 109 THR A N   1 
ATOM   830  C CA  . THR A 1 109 ? -2.579  -8.181  1.568   1.00 13.86 ? 109 THR A CA  1 
ATOM   831  C C   . THR A 1 109 ? -2.689  -8.800  2.972   1.00 14.51 ? 109 THR A C   1 
ATOM   832  O O   . THR A 1 109 ? -1.839  -8.538  3.826   1.00 13.18 ? 109 THR A O   1 
ATOM   833  C CB  . THR A 1 109 ? -1.961  -9.194  0.597   1.00 14.80 ? 109 THR A CB  1 
ATOM   834  O OG1 . THR A 1 109 ? -0.656  -9.550  1.057   1.00 14.38 ? 109 THR A OG1 1 
ATOM   835  C CG2 . THR A 1 109 ? -1.806  -8.590  -0.836  1.00 13.72 ? 109 THR A CG2 1 
ATOM   836  N N   . THR A 1 110 ? -3.743  -9.573  3.207   1.00 14.86 ? 110 THR A N   1 
ATOM   837  C CA  . THR A 1 110 ? -3.896  -10.278 4.487   1.00 16.67 ? 110 THR A CA  1 
ATOM   838  C C   . THR A 1 110 ? -3.901  -11.798 4.332   1.00 16.47 ? 110 THR A C   1 
ATOM   839  O O   . THR A 1 110 ? -4.003  -12.524 5.319   1.00 16.65 ? 110 THR A O   1 
ATOM   840  C CB  . THR A 1 110 ? -5.145  -9.815  5.246   1.00 16.58 ? 110 THR A CB  1 
ATOM   841  O OG1 . THR A 1 110 ? -6.305  -10.173 4.495   1.00 18.60 ? 110 THR A OG1 1 
ATOM   842  C CG2 . THR A 1 110 ? -5.106  -8.278  5.465   1.00 17.52 ? 110 THR A CG2 1 
ATOM   843  N N   . VAL A 1 111 ? -3.770  -12.257 3.092   1.00 16.81 ? 111 VAL A N   1 
ATOM   844  C CA  . VAL A 1 111 ? -3.776  -13.678 2.726   1.00 17.01 ? 111 VAL A CA  1 
ATOM   845  C C   . VAL A 1 111 ? -2.805  -13.811 1.559   1.00 17.45 ? 111 VAL A C   1 
ATOM   846  O O   . VAL A 1 111 ? -2.491  -12.796 0.905   1.00 17.14 ? 111 VAL A O   1 
ATOM   847  C CB  . VAL A 1 111 ? -5.196  -14.202 2.313   1.00 16.82 ? 111 VAL A CB  1 
ATOM   848  C CG1 . VAL A 1 111 ? -6.231  -13.928 3.425   1.00 18.11 ? 111 VAL A CG1 1 
ATOM   849  C CG2 . VAL A 1 111 ? -5.664  -13.577 0.984   1.00 17.03 ? 111 VAL A CG2 1 
ATOM   850  N N   . PRO A 1 112 ? -2.279  -15.037 1.309   1.00 17.77 ? 112 PRO A N   1 
ATOM   851  C CA  . PRO A 1 112 ? -1.495  -15.243 0.083   1.00 17.59 ? 112 PRO A CA  1 
ATOM   852  C C   . PRO A 1 112 ? -2.325  -14.817 -1.125  1.00 18.31 ? 112 PRO A C   1 
ATOM   853  O O   . PRO A 1 112 ? -3.518  -15.162 -1.196  1.00 18.41 ? 112 PRO A O   1 
ATOM   854  C CB  . PRO A 1 112 ? -1.269  -16.755 0.055   1.00 18.45 ? 112 PRO A CB  1 
ATOM   855  C CG  . PRO A 1 112 ? -1.400  -17.186 1.467   1.00 18.15 ? 112 PRO A CG  1 
ATOM   856  C CD  . PRO A 1 112 ? -2.356  -16.258 2.134   1.00 17.59 ? 112 PRO A CD  1 
ATOM   857  N N   . CYS A 1 113 ? -1.728  -14.056 -2.042  1.00 17.56 ? 113 CYS A N   1 
ATOM   858  C CA  . CYS A 1 113 ? -2.429  -13.641 -3.273  1.00 18.88 ? 113 CYS A CA  1 
ATOM   859  C C   . CYS A 1 113 ? -1.635  -13.934 -4.556  1.00 19.01 ? 113 CYS A C   1 
ATOM   860  O O   . CYS A 1 113 ? -1.383  -13.023 -5.346  1.00 19.17 ? 113 CYS A O   1 
ATOM   861  C CB  . CYS A 1 113 ? -2.785  -12.154 -3.236  1.00 18.56 ? 113 CYS A CB  1 
ATOM   862  S SG  . CYS A 1 113 ? -3.997  -11.716 -1.987  1.00 19.35 ? 113 CYS A SG  1 
ATOM   863  N N   . PRO A 1 114 ? -1.263  -15.204 -4.781  1.00 19.85 ? 114 PRO A N   1 
ATOM   864  C CA  . PRO A 1 114 ? -0.407  -15.516 -5.942  1.00 20.39 ? 114 PRO A CA  1 
ATOM   865  C C   . PRO A 1 114 ? -0.980  -15.124 -7.314  1.00 20.97 ? 114 PRO A C   1 
ATOM   866  O O   . PRO A 1 114 ? -0.212  -14.958 -8.265  1.00 21.12 ? 114 PRO A O   1 
ATOM   867  C CB  . PRO A 1 114 ? -0.207  -17.028 -5.842  1.00 20.80 ? 114 PRO A CB  1 
ATOM   868  C CG  . PRO A 1 114 ? -1.320  -17.528 -4.965  1.00 21.11 ? 114 PRO A CG  1 
ATOM   869  C CD  . PRO A 1 114 ? -1.598  -16.415 -4.000  1.00 20.29 ? 114 PRO A CD  1 
ATOM   870  N N   . TRP A 1 115 ? -2.303  -14.965 -7.417  1.00 20.51 ? 115 TRP A N   1 
ATOM   871  C CA  . TRP A 1 115 ? -2.939  -14.526 -8.669  1.00 20.47 ? 115 TRP A CA  1 
ATOM   872  C C   . TRP A 1 115 ? -2.563  -13.092 -8.993  1.00 19.63 ? 115 TRP A C   1 
ATOM   873  O O   . TRP A 1 115 ? -2.778  -12.629 -10.123 1.00 20.23 ? 115 TRP A O   1 
ATOM   874  C CB  . TRP A 1 115 ? -4.474  -14.698 -8.620  1.00 21.60 ? 115 TRP A CB  1 
ATOM   875  C CG  . TRP A 1 115 ? -5.135  -13.878 -7.562  1.00 22.23 ? 115 TRP A CG  1 
ATOM   876  C CD1 . TRP A 1 115 ? -5.654  -12.624 -7.701  1.00 23.70 ? 115 TRP A CD1 1 
ATOM   877  C CD2 . TRP A 1 115 ? -5.314  -14.242 -6.197  1.00 24.27 ? 115 TRP A CD2 1 
ATOM   878  N NE1 . TRP A 1 115 ? -6.158  -12.186 -6.498  1.00 25.73 ? 115 TRP A NE1 1 
ATOM   879  C CE2 . TRP A 1 115 ? -5.962  -13.164 -5.557  1.00 23.56 ? 115 TRP A CE2 1 
ATOM   880  C CE3 . TRP A 1 115 ? -5.008  -15.388 -5.454  1.00 24.15 ? 115 TRP A CE3 1 
ATOM   881  C CZ2 . TRP A 1 115 ? -6.295  -13.189 -4.211  1.00 24.44 ? 115 TRP A CZ2 1 
ATOM   882  C CZ3 . TRP A 1 115 ? -5.357  -15.427 -4.108  1.00 25.06 ? 115 TRP A CZ3 1 
ATOM   883  C CH2 . TRP A 1 115 ? -5.987  -14.329 -3.496  1.00 24.37 ? 115 TRP A CH2 1 
ATOM   884  N N   . LEU A 1 116 ? -1.988  -12.389 -8.011  1.00 18.24 ? 116 LEU A N   1 
ATOM   885  C CA  . LEU A 1 116 ? -1.531  -11.028 -8.229  1.00 17.65 ? 116 LEU A CA  1 
ATOM   886  C C   . LEU A 1 116 ? -0.067  -10.961 -8.695  1.00 17.67 ? 116 LEU A C   1 
ATOM   887  O O   . LEU A 1 116 ? 0.402   -9.881  -9.048  1.00 17.04 ? 116 LEU A O   1 
ATOM   888  C CB  . LEU A 1 116 ? -1.722  -10.136 -6.991  1.00 17.68 ? 116 LEU A CB  1 
ATOM   889  C CG  . LEU A 1 116 ? -3.166  -9.925  -6.510  1.00 16.89 ? 116 LEU A CG  1 
ATOM   890  C CD1 . LEU A 1 116 ? -3.172  -8.992  -5.309  1.00 18.31 ? 116 LEU A CD1 1 
ATOM   891  C CD2 . LEU A 1 116 ? -4.069  -9.394  -7.623  1.00 18.07 ? 116 LEU A CD2 1 
ATOM   892  N N   . ASP A 1 117 ? 0.644   -12.090 -8.660  1.00 17.67 ? 117 ASP A N   1 
ATOM   893  C CA  . ASP A 1 117 ? 2.064   -12.098 -9.059  1.00 18.43 ? 117 ASP A CA  1 
ATOM   894  C C   . ASP A 1 117 ? 2.127   -11.695 -10.504 1.00 18.53 ? 117 ASP A C   1 
ATOM   895  O O   . ASP A 1 117 ? 1.362   -12.212 -11.318 1.00 18.74 ? 117 ASP A O   1 
ATOM   896  C CB  . ASP A 1 117 ? 2.712   -13.477 -8.906  1.00 17.89 ? 117 ASP A CB  1 
ATOM   897  C CG  . ASP A 1 117 ? 2.830   -13.900 -7.466  1.00 18.84 ? 117 ASP A CG  1 
ATOM   898  O OD1 . ASP A 1 117 ? 2.614   -13.039 -6.574  1.00 18.42 ? 117 ASP A OD1 1 
ATOM   899  O OD2 . ASP A 1 117 ? 3.115   -15.086 -7.232  1.00 20.42 ? 117 ASP A OD2 1 
ATOM   900  N N   . PHE A 1 118 ? 3.043   -10.779 -10.811 1.00 19.57 ? 118 PHE A N   1 
ATOM   901  C CA  . PHE A 1 118 ? 3.221   -10.243 -12.169 1.00 21.35 ? 118 PHE A CA  1 
ATOM   902  C C   . PHE A 1 118 ? 2.008   -9.474  -12.713 1.00 21.39 ? 118 PHE A C   1 
ATOM   903  O O   . PHE A 1 118 ? 1.883   -9.245  -13.929 1.00 21.69 ? 118 PHE A O   1 
ATOM   904  C CB  . PHE A 1 118 ? 3.734   -11.330 -13.147 1.00 21.96 ? 118 PHE A CB  1 
ATOM   905  C CG  . PHE A 1 118 ? 5.207   -11.658 -12.971 1.00 25.26 ? 118 PHE A CG  1 
ATOM   906  C CD1 . PHE A 1 118 ? 6.154   -11.165 -13.859 1.00 27.51 ? 118 PHE A CD1 1 
ATOM   907  C CD2 . PHE A 1 118 ? 5.641   -12.443 -11.903 1.00 29.07 ? 118 PHE A CD2 1 
ATOM   908  C CE1 . PHE A 1 118 ? 7.507   -11.455 -13.700 1.00 28.08 ? 118 PHE A CE1 1 
ATOM   909  C CE2 . PHE A 1 118 ? 7.006   -12.731 -11.732 1.00 28.65 ? 118 PHE A CE2 1 
ATOM   910  C CZ  . PHE A 1 118 ? 7.930   -12.234 -12.629 1.00 27.11 ? 118 PHE A CZ  1 
ATOM   911  N N   . LYS A 1 119 ? 1.146   -9.031  -11.801 1.00 20.71 ? 119 LYS A N   1 
ATOM   912  C CA  . LYS A 1 119 ? 0.112   -8.034  -12.116 1.00 21.65 ? 119 LYS A CA  1 
ATOM   913  C C   . LYS A 1 119 ? 0.290   -6.774  -11.258 1.00 20.09 ? 119 LYS A C   1 
ATOM   914  O O   . LYS A 1 119 ? -0.040  -5.685  -11.696 1.00 20.00 ? 119 LYS A O   1 
ATOM   915  C CB  . LYS A 1 119 ? -1.307  -8.602  -11.937 1.00 21.48 ? 119 LYS A CB  1 
ATOM   916  C CG  . LYS A 1 119 ? -1.611  -9.872  -12.779 1.00 24.93 ? 119 LYS A CG  1 
ATOM   917  C CD  . LYS A 1 119 ? -3.129  -10.185 -12.938 1.00 24.69 ? 119 LYS A CD  1 
ATOM   918  C CE  . LYS A 1 119 ? -3.870  -10.354 -11.601 1.00 29.37 ? 119 LYS A CE  1 
ATOM   919  N NZ  . LYS A 1 119 ? -4.987  -11.415 -11.564 1.00 29.89 ? 119 LYS A NZ  1 
ATOM   920  N N   . HIS A 1 120 ? 0.790   -6.930  -10.033 1.00 18.81 ? 120 HIS A N   1 
ATOM   921  C CA  . HIS A 1 120 ? 1.056   -5.766  -9.162  1.00 18.03 ? 120 HIS A CA  1 
ATOM   922  C C   . HIS A 1 120 ? 2.489   -5.771  -8.675  1.00 17.82 ? 120 HIS A C   1 
ATOM   923  O O   . HIS A 1 120 ? 2.983   -6.804  -8.268  1.00 18.24 ? 120 HIS A O   1 
ATOM   924  C CB  . HIS A 1 120 ? 0.106   -5.755  -7.951  1.00 18.48 ? 120 HIS A CB  1 
ATOM   925  C CG  . HIS A 1 120 ? -1.334  -5.656  -8.331  1.00 16.65 ? 120 HIS A CG  1 
ATOM   926  N ND1 . HIS A 1 120 ? -2.035  -4.474  -8.278  1.00 16.47 ? 120 HIS A ND1 1 
ATOM   927  C CD2 . HIS A 1 120 ? -2.189  -6.585  -8.823  1.00 16.81 ? 120 HIS A CD2 1 
ATOM   928  C CE1 . HIS A 1 120 ? -3.276  -4.686  -8.689  1.00 16.30 ? 120 HIS A CE1 1 
ATOM   929  N NE2 . HIS A 1 120 ? -3.387  -5.954  -9.041  1.00 15.78 ? 120 HIS A NE2 1 
ATOM   930  N N   . THR A 1 121 ? 3.149   -4.609  -8.694  1.00 17.75 ? 121 THR A N   1 
ATOM   931  C CA  . THR A 1 121 ? 4.508   -4.498  -8.149  1.00 17.34 ? 121 THR A CA  1 
ATOM   932  C C   . THR A 1 121 ? 4.493   -4.743  -6.636  1.00 17.30 ? 121 THR A C   1 
ATOM   933  O O   . THR A 1 121 ? 3.800   -4.041  -5.901  1.00 16.51 ? 121 THR A O   1 
ATOM   934  C CB  . THR A 1 121 ? 5.121   -3.145  -8.487  1.00 18.00 ? 121 THR A CB  1 
ATOM   935  O OG1 . THR A 1 121 ? 5.203   -3.036  -9.920  1.00 17.42 ? 121 THR A OG1 1 
ATOM   936  C CG2 . THR A 1 121 ? 6.536   -3.015  -7.877  1.00 16.92 ? 121 THR A CG2 1 
ATOM   937  N N   . VAL A 1 122 ? 5.219   -5.769  -6.202  1.00 16.59 ? 122 VAL A N   1 
ATOM   938  C CA  . VAL A 1 122 ? 5.427   -6.014  -4.788  1.00 17.44 ? 122 VAL A CA  1 
ATOM   939  C C   . VAL A 1 122 ? 6.665   -5.221  -4.403  1.00 17.52 ? 122 VAL A C   1 
ATOM   940  O O   . VAL A 1 122 ? 7.738   -5.486  -4.948  1.00 18.47 ? 122 VAL A O   1 
ATOM   941  C CB  . VAL A 1 122 ? 5.686   -7.513  -4.468  1.00 17.87 ? 122 VAL A CB  1 
ATOM   942  C CG1 . VAL A 1 122 ? 5.974   -7.683  -2.987  1.00 18.06 ? 122 VAL A CG1 1 
ATOM   943  C CG2 . VAL A 1 122 ? 4.521   -8.364  -4.879  1.00 18.27 ? 122 VAL A CG2 1 
ATOM   944  N N   . PHE A 1 123 ? 6.520   -4.261  -3.483  1.00 16.55 ? 123 PHE A N   1 
ATOM   945  C CA  . PHE A 1 123 ? 7.650   -3.388  -3.103  1.00 16.48 ? 123 PHE A CA  1 
ATOM   946  C C   . PHE A 1 123 ? 7.998   -3.366  -1.607  1.00 16.08 ? 123 PHE A C   1 
ATOM   947  O O   . PHE A 1 123 ? 8.931   -2.669  -1.168  1.00 16.10 ? 123 PHE A O   1 
ATOM   948  C CB  . PHE A 1 123 ? 7.469   -1.965  -3.645  1.00 15.90 ? 123 PHE A CB  1 
ATOM   949  C CG  . PHE A 1 123 ? 6.366   -1.163  -2.964  1.00 15.36 ? 123 PHE A CG  1 
ATOM   950  C CD1 . PHE A 1 123 ? 6.664   -0.300  -1.893  1.00 14.94 ? 123 PHE A CD1 1 
ATOM   951  C CD2 . PHE A 1 123 ? 5.041   -1.245  -3.422  1.00 15.90 ? 123 PHE A CD2 1 
ATOM   952  C CE1 . PHE A 1 123 ? 5.637   0.473   -1.276  1.00 16.09 ? 123 PHE A CE1 1 
ATOM   953  C CE2 . PHE A 1 123 ? 4.012   -0.509  -2.811  1.00 15.73 ? 123 PHE A CE2 1 
ATOM   954  C CZ  . PHE A 1 123 ? 4.307   0.354   -1.741  1.00 15.75 ? 123 PHE A CZ  1 
ATOM   955  N N   . GLY A 1 124 ? 7.253   -4.122  -0.823  1.00 17.33 ? 124 GLY A N   1 
ATOM   956  C CA  . GLY A 1 124 ? 7.573   -4.238  0.594   1.00 17.25 ? 124 GLY A CA  1 
ATOM   957  C C   . GLY A 1 124 ? 6.893   -5.414  1.247   1.00 17.52 ? 124 GLY A C   1 
ATOM   958  O O   . GLY A 1 124 ? 6.111   -6.132  0.618   1.00 16.85 ? 124 GLY A O   1 
ATOM   959  N N   . LYS A 1 125 ? 7.193   -5.587  2.531   1.00 17.94 ? 125 LYS A N   1 
ATOM   960  C CA  . LYS A 1 125 ? 6.556   -6.608  3.343   1.00 19.40 ? 125 LYS A CA  1 
ATOM   961  C C   . LYS A 1 125 ? 6.495   -6.137  4.777   1.00 18.31 ? 125 LYS A C   1 
ATOM   962  O O   . LYS A 1 125 ? 7.408   -5.451  5.264   1.00 17.31 ? 125 LYS A O   1 
ATOM   963  C CB  . LYS A 1 125 ? 7.244   -7.979  3.194   1.00 19.58 ? 125 LYS A CB  1 
ATOM   964  C CG  . LYS A 1 125 ? 8.544   -8.203  3.951   1.00 22.70 ? 125 LYS A CG  1 
ATOM   965  C CD  . LYS A 1 125 ? 8.854   -9.738  4.038   1.00 23.08 ? 125 LYS A CD  1 
ATOM   966  C CE  . LYS A 1 125 ? 7.569   -10.530 4.399   1.00 27.91 ? 125 LYS A CE  1 
ATOM   967  N NZ  . LYS A 1 125 ? 7.623   -12.037 4.516   1.00 29.32 ? 125 LYS A NZ  1 
ATOM   968  N N   . VAL A 1 126 ? 5.400   -6.473  5.440   1.00 18.19 ? 126 VAL A N   1 
ATOM   969  C CA  . VAL A 1 126 ? 5.194   -6.043  6.828   1.00 17.76 ? 126 VAL A CA  1 
ATOM   970  C C   . VAL A 1 126 ? 6.113   -6.868  7.722   1.00 18.65 ? 126 VAL A C   1 
ATOM   971  O O   . VAL A 1 126 ? 6.107   -8.097  7.638   1.00 18.69 ? 126 VAL A O   1 
ATOM   972  C CB  . VAL A 1 126 ? 3.740   -6.262  7.279   1.00 18.11 ? 126 VAL A CB  1 
ATOM   973  C CG1 . VAL A 1 126 ? 3.603   -5.925  8.764   1.00 18.40 ? 126 VAL A CG1 1 
ATOM   974  C CG2 . VAL A 1 126 ? 2.780   -5.412  6.402   1.00 17.48 ? 126 VAL A CG2 1 
ATOM   975  N N   . THR A 1 127 ? 6.872   -6.193  8.576   1.00 18.83 ? 127 THR A N   1 
ATOM   976  C CA  . THR A 1 127 ? 7.747   -6.862  9.547   1.00 20.34 ? 127 THR A CA  1 
ATOM   977  C C   . THR A 1 127 ? 7.273   -6.707  11.008  1.00 20.60 ? 127 THR A C   1 
ATOM   978  O O   . THR A 1 127 ? 7.732   -7.435  11.901  1.00 20.83 ? 127 THR A O   1 
ATOM   979  C CB  . THR A 1 127 ? 9.196   -6.344  9.433   1.00 20.51 ? 127 THR A CB  1 
ATOM   980  O OG1 . THR A 1 127 ? 9.196   -4.931  9.652   1.00 21.59 ? 127 THR A OG1 1 
ATOM   981  C CG2 . THR A 1 127 ? 9.779   -6.668  8.057   1.00 21.37 ? 127 THR A CG2 1 
ATOM   982  N N   . GLN A 1 128 ? 6.362   -5.764  11.251  1.00 20.14 ? 128 GLN A N   1 
ATOM   983  C CA  . GLN A 1 128 ? 5.751   -5.574  12.564  1.00 21.01 ? 128 GLN A CA  1 
ATOM   984  C C   . GLN A 1 128 ? 4.409   -4.907  12.373  1.00 20.56 ? 128 GLN A C   1 
ATOM   985  O O   . GLN A 1 128 ? 4.285   -4.016  11.544  1.00 19.87 ? 128 GLN A O   1 
ATOM   986  C CB  . GLN A 1 128 ? 6.640   -4.685  13.442  1.00 21.11 ? 128 GLN A CB  1 
ATOM   987  C CG  . GLN A 1 128 ? 6.273   -4.730  14.904  1.00 25.39 ? 128 GLN A CG  1 
ATOM   988  C CD  . GLN A 1 128 ? 6.964   -3.637  15.686  1.00 29.32 ? 128 GLN A CD  1 
ATOM   989  O OE1 . GLN A 1 128 ? 8.179   -3.675  15.891  1.00 31.85 ? 128 GLN A OE1 1 
ATOM   990  N NE2 . GLN A 1 128 ? 6.200   -2.632  16.090  1.00 31.93 ? 128 GLN A NE2 1 
ATOM   991  N N   . GLY A 1 129 ? 3.390   -5.340  13.118  1.00 20.47 ? 129 GLY A N   1 
ATOM   992  C CA  . GLY A 1 129 ? 2.102   -4.689  13.009  1.00 19.68 ? 129 GLY A CA  1 
ATOM   993  C C   . GLY A 1 129 ? 1.166   -5.364  12.031  1.00 20.07 ? 129 GLY A C   1 
ATOM   994  O O   . GLY A 1 129 ? 0.152   -4.777  11.626  1.00 19.67 ? 129 GLY A O   1 
ATOM   995  N N   . SER A 1 130 ? 1.466   -6.611  11.672  1.00 19.21 ? 130 SER A N   1 
ATOM   996  C CA  . SER A 1 130 ? 0.491   -7.414  10.928  1.00 19.56 ? 130 SER A CA  1 
ATOM   997  C C   . SER A 1 130 ? -0.847  -7.496  11.693  1.00 19.78 ? 130 SER A C   1 
ATOM   998  O O   . SER A 1 130 ? -1.910  -7.513  11.074  1.00 18.53 ? 130 SER A O   1 
ATOM   999  C CB  . SER A 1 130 ? 1.030   -8.817  10.554  1.00 19.61 ? 130 SER A CB  1 
ATOM   1000 O OG  . SER A 1 130 ? 1.116   -9.671  11.694  1.00 20.03 ? 130 SER A OG  1 
ATOM   1001 N N   . LYS A 1 131 ? -0.811  -7.500  13.033  1.00 20.67 ? 131 LYS A N   1 
ATOM   1002 C CA  . LYS A 1 131 ? -2.071  -7.508  13.790  1.00 21.95 ? 131 LYS A CA  1 
ATOM   1003 C C   . LYS A 1 131 ? -2.910  -6.247  13.536  1.00 21.26 ? 131 LYS A C   1 
ATOM   1004 O O   . LYS A 1 131 ? -4.133  -6.293  13.544  1.00 21.30 ? 131 LYS A O   1 
ATOM   1005 C CB  . LYS A 1 131 ? -1.830  -7.717  15.290  1.00 22.66 ? 131 LYS A CB  1 
ATOM   1006 C CG  . LYS A 1 131 ? -3.068  -7.423  16.133  1.00 27.98 ? 131 LYS A CG  1 
ATOM   1007 C CD  . LYS A 1 131 ? -3.715  -8.671  16.689  1.00 34.70 ? 131 LYS A CD  1 
ATOM   1008 C CE  . LYS A 1 131 ? -4.332  -8.374  18.071  1.00 36.53 ? 131 LYS A CE  1 
ATOM   1009 N NZ  . LYS A 1 131 ? -4.508  -9.616  18.874  1.00 39.35 ? 131 LYS A NZ  1 
ATOM   1010 N N   . ILE A 1 132 ? -2.239  -5.126  13.294  1.00 20.82 ? 132 ILE A N   1 
ATOM   1011 C CA  . ILE A 1 132 ? -2.912  -3.876  12.959  1.00 20.52 ? 132 ILE A CA  1 
ATOM   1012 C C   . ILE A 1 132 ? -3.631  -3.982  11.615  1.00 19.91 ? 132 ILE A C   1 
ATOM   1013 O O   . ILE A 1 132 ? -4.772  -3.511  11.473  1.00 19.82 ? 132 ILE A O   1 
ATOM   1014 C CB  . ILE A 1 132 ? -1.927  -2.677  12.966  1.00 20.24 ? 132 ILE A CB  1 
ATOM   1015 C CG1 . ILE A 1 132 ? -1.230  -2.552  14.342  1.00 20.30 ? 132 ILE A CG1 1 
ATOM   1016 C CG2 . ILE A 1 132 ? -2.626  -1.388  12.536  1.00 21.73 ? 132 ILE A CG2 1 
ATOM   1017 C CD1 . ILE A 1 132 ? -2.168  -2.413  15.521  1.00 19.99 ? 132 ILE A CD1 1 
ATOM   1018 N N   . VAL A 1 133 ? -2.964  -4.596  10.642  1.00 19.33 ? 133 VAL A N   1 
ATOM   1019 C CA  . VAL A 1 133 ? -3.559  -4.823  9.317   1.00 18.67 ? 133 VAL A CA  1 
ATOM   1020 C C   . VAL A 1 133 ? -4.799  -5.721  9.473   1.00 18.88 ? 133 VAL A C   1 
ATOM   1021 O O   . VAL A 1 133 ? -5.866  -5.437  8.922   1.00 18.10 ? 133 VAL A O   1 
ATOM   1022 C CB  . VAL A 1 133 ? -2.525  -5.424  8.330   1.00 18.67 ? 133 VAL A CB  1 
ATOM   1023 C CG1 . VAL A 1 133 ? -3.138  -5.629  6.971   1.00 18.43 ? 133 VAL A CG1 1 
ATOM   1024 C CG2 . VAL A 1 133 ? -1.258  -4.541  8.252   1.00 17.21 ? 133 VAL A CG2 1 
ATOM   1025 N N   . LEU A 1 134 ? -4.665  -6.773  10.279  1.00 18.62 ? 134 LEU A N   1 
ATOM   1026 C CA  . LEU A 1 134 ? -5.794  -7.666  10.557  1.00 20.12 ? 134 LEU A CA  1 
ATOM   1027 C C   . LEU A 1 134 ? -6.963  -6.961  11.261  1.00 20.56 ? 134 LEU A C   1 
ATOM   1028 O O   . LEU A 1 134 ? -8.123  -7.274  10.983  1.00 21.41 ? 134 LEU A O   1 
ATOM   1029 C CB  . LEU A 1 134 ? -5.332  -8.904  11.337  1.00 20.02 ? 134 LEU A CB  1 
ATOM   1030 C CG  . LEU A 1 134 ? -4.401  -9.858  10.564  1.00 20.34 ? 134 LEU A CG  1 
ATOM   1031 C CD1 . LEU A 1 134 ? -3.863  -10.935 11.501  1.00 20.85 ? 134 LEU A CD1 1 
ATOM   1032 C CD2 . LEU A 1 134 ? -5.130  -10.485 9.365   1.00 20.21 ? 134 LEU A CD2 1 
ATOM   1033 N N   . ASP A 1 135 ? -6.650  -6.005  12.138  1.00 21.12 ? 135 ASP A N   1 
ATOM   1034 C CA  . ASP A 1 135 ? -7.653  -5.133  12.790  1.00 21.84 ? 135 ASP A CA  1 
ATOM   1035 C C   . ASP A 1 135 ? -8.344  -4.268  11.746  1.00 20.95 ? 135 ASP A C   1 
ATOM   1036 O O   . ASP A 1 135 ? -9.577  -4.144  11.736  1.00 22.06 ? 135 ASP A O   1 
ATOM   1037 C CB  . ASP A 1 135 ? -7.013  -4.185  13.831  1.00 22.58 ? 135 ASP A CB  1 
ATOM   1038 C CG  . ASP A 1 135 ? -6.525  -4.895  15.096  1.00 25.59 ? 135 ASP A CG  1 
ATOM   1039 O OD1 . ASP A 1 135 ? -6.959  -6.043  15.364  1.00 27.16 ? 135 ASP A OD1 1 
ATOM   1040 O OD2 . ASP A 1 135 ? -5.679  -4.293  15.818  1.00 25.99 ? 135 ASP A OD2 1 
ATOM   1041 N N   . ILE A 1 136 ? -7.553  -3.632  10.890  1.00 19.32 ? 136 ILE A N   1 
ATOM   1042 C CA  . ILE A 1 136 ? -8.109  -2.784  9.830   1.00 18.67 ? 136 ILE A CA  1 
ATOM   1043 C C   . ILE A 1 136 ? -9.100  -3.548  8.938   1.00 18.72 ? 136 ILE A C   1 
ATOM   1044 O O   . ILE A 1 136 ? -10.168 -3.031  8.641   1.00 19.51 ? 136 ILE A O   1 
ATOM   1045 C CB  . ILE A 1 136 ? -6.997  -2.093  8.980   1.00 17.70 ? 136 ILE A CB  1 
ATOM   1046 C CG1 . ILE A 1 136 ? -6.205  -1.082  9.840   1.00 17.00 ? 136 ILE A CG1 1 
ATOM   1047 C CG2 . ILE A 1 136 ? -7.608  -1.340  7.801   1.00 17.82 ? 136 ILE A CG2 1 
ATOM   1048 C CD1 . ILE A 1 136 ? -4.857  -0.579  9.222   1.00 17.97 ? 136 ILE A CD1 1 
ATOM   1049 N N   . GLU A 1 137 ? -8.760  -4.765  8.528   1.00 19.64 ? 137 GLU A N   1 
ATOM   1050 C CA  . GLU A 1 137 ? -9.599  -5.500  7.575   1.00 21.81 ? 137 GLU A CA  1 
ATOM   1051 C C   . GLU A 1 137 ? -10.920 -5.997  8.162   1.00 22.95 ? 137 GLU A C   1 
ATOM   1052 O O   . GLU A 1 137 ? -11.818 -6.364  7.408   1.00 23.94 ? 137 GLU A O   1 
ATOM   1053 C CB  . GLU A 1 137 ? -8.841  -6.660  6.901   1.00 21.95 ? 137 GLU A CB  1 
ATOM   1054 C CG  . GLU A 1 137 ? -8.718  -7.901  7.777   1.00 21.65 ? 137 GLU A CG  1 
ATOM   1055 C CD  . GLU A 1 137 ? -8.369  -9.168  7.011   1.00 23.17 ? 137 GLU A CD  1 
ATOM   1056 O OE1 . GLU A 1 137 ? -8.355  -9.141  5.764   1.00 23.62 ? 137 GLU A OE1 1 
ATOM   1057 O OE2 . GLU A 1 137 ? -8.086  -10.187 7.678   1.00 24.06 ? 137 GLU A OE2 1 
ATOM   1058 N N   . LYS A 1 138 ? -11.043 -6.009  9.490   1.00 23.62 ? 138 LYS A N   1 
ATOM   1059 C CA  . LYS A 1 138 ? -12.272 -6.477  10.151  1.00 24.72 ? 138 LYS A CA  1 
ATOM   1060 C C   . LYS A 1 138 ? -13.342 -5.413  10.350  1.00 24.36 ? 138 LYS A C   1 
ATOM   1061 O O   . LYS A 1 138 ? -14.447 -5.730  10.781  1.00 24.91 ? 138 LYS A O   1 
ATOM   1062 C CB  . LYS A 1 138 ? -11.958 -7.121  11.506  1.00 24.66 ? 138 LYS A CB  1 
ATOM   1063 C CG  . LYS A 1 138 ? -11.299 -8.476  11.400  1.00 27.08 ? 138 LYS A CG  1 
ATOM   1064 C CD  . LYS A 1 138 ? -10.957 -9.070  12.769  1.00 26.80 ? 138 LYS A CD  1 
ATOM   1065 C CE  . LYS A 1 138 ? -10.129 -8.141  13.634  1.00 29.66 ? 138 LYS A CE  1 
ATOM   1066 N NZ  . LYS A 1 138 ? -10.044 -8.711  15.006  1.00 34.07 ? 138 LYS A NZ  1 
ATOM   1067 N N   . VAL A 1 139 ? -13.028 -4.160  10.032  1.00 23.78 ? 139 VAL A N   1 
ATOM   1068 C CA  . VAL A 1 139 ? -13.954 -3.063  10.273  1.00 23.59 ? 139 VAL A CA  1 
ATOM   1069 C C   . VAL A 1 139 ? -15.166 -3.132  9.353   1.00 23.83 ? 139 VAL A C   1 
ATOM   1070 O O   . VAL A 1 139 ? -15.102 -3.657  8.226   1.00 22.30 ? 139 VAL A O   1 
ATOM   1071 C CB  . VAL A 1 139 ? -13.279 -1.663  10.195  1.00 23.29 ? 139 VAL A CB  1 
ATOM   1072 C CG1 . VAL A 1 139 ? -12.044 -1.596  11.119  1.00 23.30 ? 139 VAL A CG1 1 
ATOM   1073 C CG2 . VAL A 1 139 ? -12.921 -1.284  8.745   1.00 22.48 ? 139 VAL A CG2 1 
ATOM   1074 N N   . ARG A 1 140 ? -16.281 -2.601  9.856   1.00 23.99 ? 140 ARG A N   1 
ATOM   1075 C CA  . ARG A 1 140 ? -17.494 -2.506  9.072   1.00 24.43 ? 140 ARG A CA  1 
ATOM   1076 C C   . ARG A 1 140 ? -17.325 -1.562  7.892   1.00 24.27 ? 140 ARG A C   1 
ATOM   1077 O O   . ARG A 1 140 ? -16.847 -0.424  8.037   1.00 23.75 ? 140 ARG A O   1 
ATOM   1078 C CB  . ARG A 1 140 ? -18.678 -2.099  9.956   1.00 24.87 ? 140 ARG A CB  1 
ATOM   1079 C CG  . ARG A 1 140 ? -19.926 -2.821  9.552   1.00 27.54 ? 140 ARG A CG  1 
ATOM   1080 C CD  . ARG A 1 140 ? -21.086 -2.388  10.375  1.00 31.12 ? 140 ARG A CD  1 
ATOM   1081 N NE  . ARG A 1 140 ? -22.307 -2.401  9.583   1.00 33.38 ? 140 ARG A NE  1 
ATOM   1082 C CZ  . ARG A 1 140 ? -23.514 -2.200  10.088  1.00 35.51 ? 140 ARG A CZ  1 
ATOM   1083 N NH1 . ARG A 1 140 ? -23.663 -1.973  11.391  1.00 35.56 ? 140 ARG A NH1 1 
ATOM   1084 N NH2 . ARG A 1 140 ? -24.571 -2.228  9.290   1.00 35.77 ? 140 ARG A NH2 1 
ATOM   1085 N N   . THR A 1 141 ? -17.690 -2.056  6.711   1.00 24.07 ? 141 THR A N   1 
ATOM   1086 C CA  . THR A 1 141 ? -17.578 -1.282  5.470   1.00 24.70 ? 141 THR A CA  1 
ATOM   1087 C C   . THR A 1 141 ? -18.935 -1.173  4.791   1.00 25.78 ? 141 THR A C   1 
ATOM   1088 O O   . THR A 1 141 ? -19.828 -1.997  5.043   1.00 25.51 ? 141 THR A O   1 
ATOM   1089 C CB  . THR A 1 141 ? -16.601 -1.955  4.455   1.00 24.48 ? 141 THR A CB  1 
ATOM   1090 O OG1 . THR A 1 141 ? -17.073 -3.273  4.117   1.00 23.29 ? 141 THR A OG1 1 
ATOM   1091 C CG2 . THR A 1 141 ? -15.171 -2.068  5.037   1.00 24.05 ? 141 THR A CG2 1 
ATOM   1092 N N   . ASP A 1 142 ? -19.068 -0.175  3.921   1.00 26.11 ? 142 ASP A N   1 
ATOM   1093 C CA  . ASP A 1 142 ? -20.237 -0.031  3.059   1.00 27.17 ? 142 ASP A CA  1 
ATOM   1094 C C   . ASP A 1 142 ? -20.153 -0.954  1.836   1.00 27.67 ? 142 ASP A C   1 
ATOM   1095 O O   . ASP A 1 142 ? -19.220 -1.760  1.717   1.00 27.37 ? 142 ASP A O   1 
ATOM   1096 C CB  . ASP A 1 142 ? -20.493 1.455   2.689   1.00 27.28 ? 142 ASP A CB  1 
ATOM   1097 C CG  . ASP A 1 142 ? -19.340 2.105   1.895   1.00 28.16 ? 142 ASP A CG  1 
ATOM   1098 O OD1 . ASP A 1 142 ? -18.630 1.391   1.149   1.00 26.78 ? 142 ASP A OD1 1 
ATOM   1099 O OD2 . ASP A 1 142 ? -19.175 3.353   1.992   1.00 25.32 ? 142 ASP A OD2 1 
ATOM   1100 N N   . LYS A 1 143 ? -21.120 -0.833  0.927   1.00 27.91 ? 143 LYS A N   1 
ATOM   1101 C CA  . LYS A 1 143 ? -21.192 -1.689  -0.258  1.00 28.32 ? 143 LYS A CA  1 
ATOM   1102 C C   . LYS A 1 143 ? -20.081 -1.423  -1.258  1.00 28.11 ? 143 LYS A C   1 
ATOM   1103 O O   . LYS A 1 143 ? -19.871 -2.217  -2.175  1.00 29.23 ? 143 LYS A O   1 
ATOM   1104 C CB  . LYS A 1 143 ? -22.557 -1.535  -0.950  1.00 28.54 ? 143 LYS A CB  1 
ATOM   1105 C CG  . LYS A 1 143 ? -23.670 -2.350  -0.312  1.00 30.64 ? 143 LYS A CG  1 
ATOM   1106 C CD  . LYS A 1 143 ? -24.821 -2.581  -1.294  1.00 34.35 ? 143 LYS A CD  1 
ATOM   1107 C CE  . LYS A 1 143 ? -26.036 -3.183  -0.588  1.00 35.07 ? 143 LYS A CE  1 
ATOM   1108 N NZ  . LYS A 1 143 ? -27.170 -3.462  -1.519  1.00 38.17 ? 143 LYS A NZ  1 
ATOM   1109 N N   . ARG A 1 144 ? -19.390 -0.291  -1.103  1.00 27.52 ? 144 ARG A N   1 
ATOM   1110 C CA  . ARG A 1 144 ? -18.228 0.024   -1.921  1.00 26.27 ? 144 ARG A CA  1 
ATOM   1111 C C   . ARG A 1 144 ? -16.914 -0.276  -1.169  1.00 24.64 ? 144 ARG A C   1 
ATOM   1112 O O   . ARG A 1 144 ? -15.848 0.098   -1.649  1.00 23.69 ? 144 ARG A O   1 
ATOM   1113 C CB  . ARG A 1 144 ? -18.235 1.502   -2.336  1.00 26.97 ? 144 ARG A CB  1 
ATOM   1114 C CG  . ARG A 1 144 ? -19.394 1.916   -3.245  1.00 31.26 ? 144 ARG A CG  1 
ATOM   1115 C CD  . ARG A 1 144 ? -18.953 2.034   -4.679  1.00 37.83 ? 144 ARG A CD  1 
ATOM   1116 N NE  . ARG A 1 144 ? -17.667 2.720   -4.795  1.00 42.65 ? 144 ARG A NE  1 
ATOM   1117 C CZ  . ARG A 1 144 ? -16.867 2.626   -5.857  1.00 45.22 ? 144 ARG A CZ  1 
ATOM   1118 N NH1 . ARG A 1 144 ? -17.224 1.887   -6.901  1.00 46.54 ? 144 ARG A NH1 1 
ATOM   1119 N NH2 . ARG A 1 144 ? -15.708 3.273   -5.877  1.00 46.09 ? 144 ARG A NH2 1 
ATOM   1120 N N   . ASP A 1 145 ? -17.008 -0.919  -0.002  1.00 22.66 ? 145 ASP A N   1 
ATOM   1121 C CA  . ASP A 1 145 ? -15.839 -1.430  0.733   1.00 22.11 ? 145 ASP A CA  1 
ATOM   1122 C C   . ASP A 1 145 ? -15.061 -0.320  1.427   1.00 21.99 ? 145 ASP A C   1 
ATOM   1123 O O   . ASP A 1 145 ? -13.912 -0.508  1.810   1.00 19.54 ? 145 ASP A O   1 
ATOM   1124 C CB  . ASP A 1 145 ? -14.906 -2.233  -0.192  1.00 21.68 ? 145 ASP A CB  1 
ATOM   1125 C CG  . ASP A 1 145 ? -15.621 -3.392  -0.869  1.00 22.04 ? 145 ASP A CG  1 
ATOM   1126 O OD1 . ASP A 1 145 ? -16.272 -4.179  -0.157  1.00 21.54 ? 145 ASP A OD1 1 
ATOM   1127 O OD2 . ASP A 1 145 ? -15.532 -3.498  -2.110  1.00 23.30 ? 145 ASP A OD2 1 
ATOM   1128 N N   . LYS A 1 146 ? -15.705 0.838   1.588   1.00 22.51 ? 146 LYS A N   1 
ATOM   1129 C CA  . LYS A 1 146 ? -15.097 1.939   2.314   1.00 22.82 ? 146 LYS A CA  1 
ATOM   1130 C C   . LYS A 1 146 ? -15.524 1.809   3.762   1.00 23.30 ? 146 LYS A C   1 
ATOM   1131 O O   . LYS A 1 146 ? -16.724 1.688   4.040   1.00 23.30 ? 146 LYS A O   1 
ATOM   1132 C CB  . LYS A 1 146 ? -15.547 3.282   1.725   1.00 23.37 ? 146 LYS A CB  1 
ATOM   1133 C CG  . LYS A 1 146 ? -14.725 4.475   2.191   1.00 25.03 ? 146 LYS A CG  1 
ATOM   1134 C CD  . LYS A 1 146 ? -15.278 5.753   1.556   1.00 28.97 ? 146 LYS A CD  1 
ATOM   1135 C CE  . LYS A 1 146 ? -14.723 6.994   2.219   1.00 32.24 ? 146 LYS A CE  1 
ATOM   1136 N NZ  . LYS A 1 146 ? -15.195 7.135   3.633   1.00 34.70 ? 146 LYS A NZ  1 
ATOM   1137 N N   . PRO A 1 147 ? -14.553 1.802   4.701   1.00 23.38 ? 147 PRO A N   1 
ATOM   1138 C CA  . PRO A 1 147 ? -14.915 1.759   6.115   1.00 23.54 ? 147 PRO A CA  1 
ATOM   1139 C C   . PRO A 1 147 ? -15.925 2.849   6.503   1.00 24.28 ? 147 PRO A C   1 
ATOM   1140 O O   . PRO A 1 147 ? -15.845 3.987   6.015   1.00 24.06 ? 147 PRO A O   1 
ATOM   1141 C CB  . PRO A 1 147 ? -13.564 1.961   6.832   1.00 23.55 ? 147 PRO A CB  1 
ATOM   1142 C CG  . PRO A 1 147 ? -12.567 1.385   5.870   1.00 22.27 ? 147 PRO A CG  1 
ATOM   1143 C CD  . PRO A 1 147 ? -13.087 1.780   4.511   1.00 23.78 ? 147 PRO A CD  1 
ATOM   1144 N N   . LEU A 1 148 ? -16.892 2.472   7.342   1.00 25.19 ? 148 LEU A N   1 
ATOM   1145 C CA  . LEU A 1 148 ? -17.882 3.425   7.871   1.00 26.63 ? 148 LEU A CA  1 
ATOM   1146 C C   . LEU A 1 148 ? -17.218 4.560   8.676   1.00 27.79 ? 148 LEU A C   1 
ATOM   1147 O O   . LEU A 1 148 ? -17.537 5.735   8.454   1.00 29.31 ? 148 LEU A O   1 
ATOM   1148 C CB  . LEU A 1 148 ? -18.960 2.709   8.697   1.00 26.00 ? 148 LEU A CB  1 
ATOM   1149 C CG  . LEU A 1 148 ? -19.764 1.601   8.000   1.00 26.18 ? 148 LEU A CG  1 
ATOM   1150 C CD1 . LEU A 1 148 ? -20.832 1.068   8.951   1.00 26.64 ? 148 LEU A CD1 1 
ATOM   1151 C CD2 . LEU A 1 148 ? -20.387 2.037   6.669   1.00 27.59 ? 148 LEU A CD2 1 
ATOM   1152 N N   . GLU A 1 149 ? -16.300 4.205   9.576   1.00 28.71 ? 149 GLU A N   1 
ATOM   1153 C CA  . GLU A 1 149 ? -15.395 5.164   10.236  1.00 29.61 ? 149 GLU A CA  1 
ATOM   1154 C C   . GLU A 1 149 ? -14.053 5.249   9.482   1.00 29.07 ? 149 GLU A C   1 
ATOM   1155 O O   . GLU A 1 149 ? -13.424 4.222   9.241   1.00 28.92 ? 149 GLU A O   1 
ATOM   1156 C CB  . GLU A 1 149 ? -15.079 4.694   11.655  1.00 30.84 ? 149 GLU A CB  1 
ATOM   1157 C CG  . GLU A 1 149 ? -16.057 5.088   12.761  1.00 36.40 ? 149 GLU A CG  1 
ATOM   1158 C CD  . GLU A 1 149 ? -16.166 6.607   12.977  1.00 41.43 ? 149 GLU A CD  1 
ATOM   1159 O OE1 . GLU A 1 149 ? -15.120 7.298   13.101  1.00 41.84 ? 149 GLU A OE1 1 
ATOM   1160 O OE2 . GLU A 1 149 ? -17.317 7.096   13.023  1.00 44.52 ? 149 GLU A OE2 1 
ATOM   1161 N N   . ASP A 1 150 ? -13.604 6.462   9.151   1.00 28.26 ? 150 ASP A N   1 
ATOM   1162 C CA  . ASP A 1 150 ? -12.288 6.669   8.515   1.00 27.03 ? 150 ASP A CA  1 
ATOM   1163 C C   . ASP A 1 150 ? -11.143 6.085   9.372   1.00 25.86 ? 150 ASP A C   1 
ATOM   1164 O O   . ASP A 1 150 ? -11.089 6.310   10.583  1.00 25.16 ? 150 ASP A O   1 
ATOM   1165 C CB  . ASP A 1 150 ? -12.027 8.165   8.283   1.00 27.30 ? 150 ASP A CB  1 
ATOM   1166 C CG  . ASP A 1 150 ? -12.873 8.770   7.158   1.00 26.99 ? 150 ASP A CG  1 
ATOM   1167 O OD1 . ASP A 1 150 ? -13.595 8.052   6.426   1.00 24.55 ? 150 ASP A OD1 1 
ATOM   1168 O OD2 . ASP A 1 150 ? -12.798 10.009  7.000   1.00 29.20 ? 150 ASP A OD2 1 
ATOM   1169 N N   . ILE A 1 151 ? -10.256 5.312   8.739   1.00 24.38 ? 151 ILE A N   1 
ATOM   1170 C CA  . ILE A 1 151 ? -8.976  4.879   9.331   1.00 22.96 ? 151 ILE A CA  1 
ATOM   1171 C C   . ILE A 1 151 ? -7.918  5.637   8.539   1.00 22.36 ? 151 ILE A C   1 
ATOM   1172 O O   . ILE A 1 151 ? -7.895  5.524   7.322   1.00 21.25 ? 151 ILE A O   1 
ATOM   1173 C CB  . ILE A 1 151 ? -8.742  3.349   9.164   1.00 23.43 ? 151 ILE A CB  1 
ATOM   1174 C CG1 . ILE A 1 151 ? -9.934  2.559   9.716   1.00 23.72 ? 151 ILE A CG1 1 
ATOM   1175 C CG2 . ILE A 1 151 ? -7.471  2.896   9.888   1.00 22.38 ? 151 ILE A CG2 1 
ATOM   1176 C CD1 . ILE A 1 151 ? -10.067 1.186   9.130   1.00 24.36 ? 151 ILE A CD1 1 
ATOM   1177 N N   . LYS A 1 152 ? -7.081  6.414   9.228   1.00 20.97 ? 152 LYS A N   1 
ATOM   1178 C CA  . LYS A 1 152 ? -6.177  7.367   8.586   1.00 21.43 ? 152 LYS A CA  1 
ATOM   1179 C C   . LYS A 1 152 ? -4.706  7.052   8.807   1.00 20.05 ? 152 LYS A C   1 
ATOM   1180 O O   . LYS A 1 152 ? -4.310  6.615   9.891   1.00 19.14 ? 152 LYS A O   1 
ATOM   1181 C CB  . LYS A 1 152 ? -6.376  8.789   9.166   1.00 22.28 ? 152 LYS A CB  1 
ATOM   1182 C CG  . LYS A 1 152 ? -7.563  9.555   8.655   1.00 26.98 ? 152 LYS A CG  1 
ATOM   1183 C CD  . LYS A 1 152 ? -7.261  11.063  8.626   1.00 30.09 ? 152 LYS A CD  1 
ATOM   1184 C CE  . LYS A 1 152 ? -7.254  11.708  10.017  1.00 33.68 ? 152 LYS A CE  1 
ATOM   1185 N NZ  . LYS A 1 152 ? -7.436  13.212  9.871   1.00 34.45 ? 152 LYS A NZ  1 
ATOM   1186 N N   . ILE A 1 153 ? -3.904  7.338   7.780   1.00 19.09 ? 153 ILE A N   1 
ATOM   1187 C CA  . ILE A 1 153 ? -2.454  7.433   7.913   1.00 18.62 ? 153 ILE A CA  1 
ATOM   1188 C C   . ILE A 1 153 ? -2.142  8.822   8.468   1.00 18.24 ? 153 ILE A C   1 
ATOM   1189 O O   . ILE A 1 153 ? -2.518  9.837   7.874   1.00 18.43 ? 153 ILE A O   1 
ATOM   1190 C CB  . ILE A 1 153 ? -1.714  7.286   6.541   1.00 18.18 ? 153 ILE A CB  1 
ATOM   1191 C CG1 . ILE A 1 153 ? -1.975  5.911   5.904   1.00 19.22 ? 153 ILE A CG1 1 
ATOM   1192 C CG2 . ILE A 1 153 ? -0.203  7.520   6.714   1.00 18.78 ? 153 ILE A CG2 1 
ATOM   1193 C CD1 . ILE A 1 153 ? -1.339  5.701   4.498   1.00 18.64 ? 153 ILE A CD1 1 
ATOM   1194 N N   . LEU A 1 154 ? -1.404  8.843   9.566   1.00 18.75 ? 154 LEU A N   1 
ATOM   1195 C CA  . LEU A 1 154 ? -0.975  10.068  10.233  1.00 19.12 ? 154 LEU A CA  1 
ATOM   1196 C C   . LEU A 1 154 ? 0.327   10.560  9.625   1.00 19.68 ? 154 LEU A C   1 
ATOM   1197 O O   . LEU A 1 154 ? 0.448   11.723  9.256   1.00 20.25 ? 154 LEU A O   1 
ATOM   1198 C CB  . LEU A 1 154 ? -0.783  9.806   11.736  1.00 19.37 ? 154 LEU A CB  1 
ATOM   1199 C CG  . LEU A 1 154 ? -2.065  9.318   12.439  1.00 20.57 ? 154 LEU A CG  1 
ATOM   1200 C CD1 . LEU A 1 154 ? -1.841  8.873   13.885  1.00 22.27 ? 154 LEU A CD1 1 
ATOM   1201 C CD2 . LEU A 1 154 ? -3.142  10.381  12.324  1.00 23.68 ? 154 LEU A CD2 1 
ATOM   1202 N N   . ASN A 1 155 ? 1.273   9.636   9.498   1.00 19.73 ? 155 ASN A N   1 
ATOM   1203 C CA  . ASN A 1 155 ? 2.623   9.915   9.066   1.00 19.73 ? 155 ASN A CA  1 
ATOM   1204 C C   . ASN A 1 155 ? 3.207   8.637   8.474   1.00 19.19 ? 155 ASN A C   1 
ATOM   1205 O O   . ASN A 1 155 ? 2.782   7.537   8.819   1.00 18.87 ? 155 ASN A O   1 
ATOM   1206 C CB  . ASN A 1 155 ? 3.460   10.352  10.285  1.00 19.66 ? 155 ASN A CB  1 
ATOM   1207 C CG  . ASN A 1 155 ? 4.861   10.827  9.904   1.00 22.19 ? 155 ASN A CG  1 
ATOM   1208 O OD1 . ASN A 1 155 ? 5.041   11.546  8.926   1.00 19.89 ? 155 ASN A OD1 1 
ATOM   1209 N ND2 . ASN A 1 155 ? 5.857   10.410  10.683  1.00 25.92 ? 155 ASN A ND2 1 
ATOM   1210 N N   . ILE A 1 156 ? 4.193   8.792   7.594   1.00 18.75 ? 156 ILE A N   1 
ATOM   1211 C CA  . ILE A 1 156 ? 5.063   7.692   7.231   1.00 18.39 ? 156 ILE A CA  1 
ATOM   1212 C C   . ILE A 1 156 ? 6.520   8.112   7.399   1.00 19.27 ? 156 ILE A C   1 
ATOM   1213 O O   . ILE A 1 156 ? 6.974   9.106   6.786   1.00 18.85 ? 156 ILE A O   1 
ATOM   1214 C CB  . ILE A 1 156 ? 4.815   7.164   5.789   1.00 18.93 ? 156 ILE A CB  1 
ATOM   1215 C CG1 . ILE A 1 156 ? 3.319   6.779   5.598   1.00 17.64 ? 156 ILE A CG1 1 
ATOM   1216 C CG2 . ILE A 1 156 ? 5.781   5.993   5.510   1.00 18.41 ? 156 ILE A CG2 1 
ATOM   1217 C CD1 . ILE A 1 156 ? 2.913   6.296   4.175   1.00 18.27 ? 156 ILE A CD1 1 
ATOM   1218 N N   . LYS A 1 157 ? 7.235   7.349   8.230   1.00 19.47 ? 157 LYS A N   1 
ATOM   1219 C CA  . LYS A 1 157 ? 8.649   7.560   8.504   1.00 20.93 ? 157 LYS A CA  1 
ATOM   1220 C C   . LYS A 1 157 ? 9.428   6.659   7.562   1.00 20.51 ? 157 LYS A C   1 
ATOM   1221 O O   . LYS A 1 157 ? 9.084   5.484   7.390   1.00 20.04 ? 157 LYS A O   1 
ATOM   1222 C CB  . LYS A 1 157 ? 8.933   7.182   9.965   1.00 21.49 ? 157 LYS A CB  1 
ATOM   1223 C CG  . LYS A 1 157 ? 10.398  7.236   10.426  1.00 22.67 ? 157 LYS A CG  1 
ATOM   1224 C CD  . LYS A 1 157 ? 10.412  7.245   11.978  1.00 23.47 ? 157 LYS A CD  1 
ATOM   1225 C CE  . LYS A 1 157 ? 11.769  7.034   12.567  1.00 25.84 ? 157 LYS A CE  1 
ATOM   1226 N NZ  . LYS A 1 157 ? 12.653  8.155   12.230  1.00 24.53 ? 157 LYS A NZ  1 
ATOM   1227 N N   . ILE A 1 158 ? 10.464  7.208   6.936   1.00 19.49 ? 158 ILE A N   1 
ATOM   1228 C CA  . ILE A 1 158 ? 11.302  6.413   6.055   1.00 19.29 ? 158 ILE A CA  1 
ATOM   1229 C C   . ILE A 1 158 ? 12.693  6.294   6.688   1.00 20.74 ? 158 ILE A C   1 
ATOM   1230 O O   . ILE A 1 158 ? 13.303  7.310   7.058   1.00 20.50 ? 158 ILE A O   1 
ATOM   1231 C CB  . ILE A 1 158 ? 11.418  7.032   4.645   1.00 19.13 ? 158 ILE A CB  1 
ATOM   1232 C CG1 . ILE A 1 158 ? 10.044  7.068   3.927   1.00 16.97 ? 158 ILE A CG1 1 
ATOM   1233 C CG2 . ILE A 1 158 ? 12.479  6.279   3.818   1.00 19.11 ? 158 ILE A CG2 1 
ATOM   1234 C CD1 . ILE A 1 158 ? 9.417   5.713   3.644   1.00 17.11 ? 158 ILE A CD1 1 
ATOM   1235 N N   . ASN A 1 159 ? 13.163  5.058   6.825   1.00 21.28 ? 159 ASN A N   1 
ATOM   1236 C CA  . ASN A 1 159 ? 14.490  4.791   7.352   1.00 23.10 ? 159 ASN A CA  1 
ATOM   1237 C C   . ASN A 1 159 ? 15.469  4.590   6.192   1.00 23.51 ? 159 ASN A C   1 
ATOM   1238 O O   . ASN A 1 159 ? 15.225  3.750   5.302   1.00 24.27 ? 159 ASN A O   1 
ATOM   1239 C CB  . ASN A 1 159 ? 14.453  3.561   8.269   1.00 23.51 ? 159 ASN A CB  1 
ATOM   1240 C CG  . ASN A 1 159 ? 13.324  3.631   9.298   1.00 26.43 ? 159 ASN A CG  1 
ATOM   1241 O OD1 . ASN A 1 159 ? 12.531  2.693   9.428   1.00 30.39 ? 159 ASN A OD1 1 
ATOM   1242 N ND2 . ASN A 1 159 ? 13.221  4.762   10.005  1.00 27.09 ? 159 ASN A ND2 1 
HETATM 1243 O O   . HOH B 2 .   ? 7.164   -9.082  -8.514  1.00 19.11 ? 161 HOH A O   1 
HETATM 1244 O O   . HOH B 2 .   ? 1.762   -2.583  -10.077 1.00 15.62 ? 162 HOH A O   1 
HETATM 1245 O O   . HOH B 2 .   ? -6.663  6.634   0.329   1.00 23.27 ? 163 HOH A O   1 
HETATM 1246 O O   . HOH B 2 .   ? 5.260   -13.235 -0.269  1.00 18.02 ? 164 HOH A O   1 
HETATM 1247 O O   . HOH B 2 .   ? 0.357   -0.917  -13.248 1.00 23.18 ? 165 HOH A O   1 
HETATM 1248 O O   . HOH B 2 .   ? -0.020  -11.823 -0.363  1.00 15.99 ? 166 HOH A O   1 
HETATM 1249 O O   . HOH B 2 .   ? 4.415   -9.359  -8.814  1.00 17.81 ? 167 HOH A O   1 
HETATM 1250 O O   . HOH B 2 .   ? 0.972   -0.073  17.094  1.00 20.97 ? 168 HOH A O   1 
HETATM 1251 O O   . HOH B 2 .   ? 7.828   -6.591  -7.445  1.00 19.52 ? 169 HOH A O   1 
HETATM 1252 O O   . HOH B 2 .   ? 15.856  -5.256  -1.497  1.00 30.86 ? 170 HOH A O   1 
HETATM 1253 O O   . HOH B 2 .   ? -5.419  -2.405  -7.576  1.00 20.71 ? 171 HOH A O   1 
HETATM 1254 O O   . HOH B 2 .   ? 5.368   3.493   -5.199  1.00 15.91 ? 172 HOH A O   1 
HETATM 1255 O O   . HOH B 2 .   ? -11.069 4.441   6.215   1.00 18.36 ? 173 HOH A O   1 
HETATM 1256 O O   . HOH B 2 .   ? 8.347   -12.385 -1.920  1.00 21.56 ? 174 HOH A O   1 
HETATM 1257 O O   . HOH B 2 .   ? -14.412 -5.692  6.824   1.00 22.88 ? 175 HOH A O   1 
HETATM 1258 O O   . HOH B 2 .   ? -15.632 -4.663  2.279   1.00 25.37 ? 176 HOH A O   1 
HETATM 1259 O O   . HOH B 2 .   ? -0.996  2.988   -7.761  1.00 20.68 ? 177 HOH A O   1 
HETATM 1260 O O   . HOH B 2 .   ? 11.083  -3.275  8.596   1.00 21.54 ? 178 HOH A O   1 
HETATM 1261 O O   . HOH B 2 .   ? -7.859  9.827   1.685   1.00 22.92 ? 179 HOH A O   1 
HETATM 1262 O O   . HOH B 2 .   ? -15.902 1.136   10.079  1.00 23.84 ? 180 HOH A O   1 
HETATM 1263 O O   . HOH B 2 .   ? 3.255   10.883  3.819   1.00 20.89 ? 181 HOH A O   1 
HETATM 1264 O O   . HOH B 2 .   ? -7.285  -12.527 6.606   1.00 26.41 ? 182 HOH A O   1 
HETATM 1265 O O   . HOH B 2 .   ? 3.571   -16.545 -5.342  1.00 30.08 ? 183 HOH A O   1 
HETATM 1266 O O   . HOH B 2 .   ? 3.871   -8.439  12.132  1.00 25.31 ? 184 HOH A O   1 
HETATM 1267 O O   . HOH B 2 .   ? -13.348 1.866   10.606  1.00 25.45 ? 185 HOH A O   1 
HETATM 1268 O O   . HOH B 2 .   ? 11.503  14.208  -0.460  1.00 24.60 ? 186 HOH A O   1 
HETATM 1269 O O   . HOH B 2 .   ? -9.483  -15.126 1.211   1.00 19.89 ? 187 HOH A O   1 
HETATM 1270 O O   . HOH B 2 .   ? 11.196  10.023  7.473   1.00 23.20 ? 188 HOH A O   1 
HETATM 1271 O O   . HOH B 2 .   ? 10.276  17.160  2.094   1.00 24.88 ? 189 HOH A O   1 
HETATM 1272 O O   . HOH B 2 .   ? 3.632   -4.322  -16.777 1.00 28.00 ? 190 HOH A O   1 
HETATM 1273 O O   . HOH B 2 .   ? 0.341   -5.097  -14.261 1.00 27.57 ? 191 HOH A O   1 
HETATM 1274 O O   . HOH B 2 .   ? 5.505   14.072  -3.215  1.00 22.43 ? 192 HOH A O   1 
HETATM 1275 O O   . HOH B 2 .   ? 0.750   -7.310  -15.863 1.00 27.48 ? 193 HOH A O   1 
HETATM 1276 O O   . HOH B 2 .   ? 7.248   10.737  -16.961 1.00 26.43 ? 194 HOH A O   1 
HETATM 1277 O O   . HOH B 2 .   ? 5.515   -0.107  -9.902  1.00 18.87 ? 195 HOH A O   1 
HETATM 1278 O O   . HOH B 2 .   ? -8.879  -10.053 10.379  1.00 30.83 ? 196 HOH A O   1 
HETATM 1279 O O   . HOH B 2 .   ? 8.776   11.129  6.926   1.00 32.67 ? 197 HOH A O   1 
HETATM 1280 O O   . HOH B 2 .   ? 5.616   1.815   16.166  1.00 25.27 ? 198 HOH A O   1 
HETATM 1281 O O   . HOH B 2 .   ? -1.678  14.620  0.093   1.00 22.23 ? 199 HOH A O   1 
HETATM 1282 O O   . HOH B 2 .   ? 11.848  -6.074  -13.390 1.00 24.32 ? 200 HOH A O   1 
HETATM 1283 O O   . HOH B 2 .   ? 0.274   -12.627 -13.771 1.00 30.03 ? 201 HOH A O   1 
HETATM 1284 O O   . HOH B 2 .   ? -20.057 6.290   7.400   1.00 29.00 ? 202 HOH A O   1 
HETATM 1285 O O   . HOH B 2 .   ? -12.951 -9.225  15.868  1.00 32.43 ? 203 HOH A O   1 
HETATM 1286 O O   . HOH B 2 .   ? -13.900 1.957   -1.780  1.00 30.13 ? 204 HOH A O   1 
HETATM 1287 O O   . HOH B 2 .   ? 7.668   -14.450 -0.342  1.00 27.56 ? 205 HOH A O   1 
HETATM 1288 O O   . HOH B 2 .   ? -18.636 -4.987  6.847   1.00 23.75 ? 206 HOH A O   1 
HETATM 1289 O O   . HOH B 2 .   ? -13.588 5.409   5.507   1.00 24.27 ? 207 HOH A O   1 
HETATM 1290 O O   . HOH B 2 .   ? 10.514  -0.171  9.607   1.00 30.65 ? 208 HOH A O   1 
HETATM 1291 O O   . HOH B 2 .   ? 8.848   10.913  10.388  1.00 27.15 ? 209 HOH A O   1 
HETATM 1292 O O   . HOH B 2 .   ? 14.058  8.088   -2.056  1.00 30.97 ? 210 HOH A O   1 
HETATM 1293 O O   . HOH B 2 .   ? 10.241  14.951  -6.402  1.00 26.33 ? 211 HOH A O   1 
HETATM 1294 O O   . HOH B 2 .   ? -0.061  -14.560 -11.089 1.00 27.04 ? 212 HOH A O   1 
HETATM 1295 O O   . HOH B 2 .   ? 13.722  5.806   -15.460 1.00 27.21 ? 213 HOH A O   1 
HETATM 1296 O O   . HOH B 2 .   ? -18.332 4.688   -0.545  1.00 27.85 ? 214 HOH A O   1 
HETATM 1297 O O   . HOH B 2 .   ? -0.825  5.483   -17.823 1.00 41.55 ? 215 HOH A O   1 
HETATM 1298 O O   . HOH B 2 .   ? 14.002  12.793  -4.410  1.00 27.15 ? 216 HOH A O   1 
HETATM 1299 O O   . HOH B 2 .   ? -5.659  -1.575  16.075  1.00 29.19 ? 217 HOH A O   1 
HETATM 1300 O O   . HOH B 2 .   ? 1.551   -7.209  14.902  1.00 34.73 ? 218 HOH A O   1 
HETATM 1301 O O   . HOH B 2 .   ? -2.817  6.292   -7.305  1.00 24.50 ? 219 HOH A O   1 
HETATM 1302 O O   . HOH B 2 .   ? 0.375   9.143   -11.643 1.00 23.31 ? 220 HOH A O   1 
HETATM 1303 O O   . HOH B 2 .   ? 6.442   -12.552 -8.595  1.00 32.99 ? 221 HOH A O   1 
HETATM 1304 O O   . HOH B 2 .   ? -15.376 -8.030  10.547  1.00 36.57 ? 222 HOH A O   1 
HETATM 1305 O O   . HOH B 2 .   ? -1.113  9.152   -16.108 1.00 32.68 ? 223 HOH A O   1 
HETATM 1306 O O   . HOH B 2 .   ? 2.947   16.560  0.582   1.00 40.63 ? 224 HOH A O   1 
HETATM 1307 O O   . HOH B 2 .   ? 10.382  -4.687  12.043  1.00 36.43 ? 225 HOH A O   1 
HETATM 1308 O O   . HOH B 2 .   ? 1.214   -19.233 -1.407  1.00 34.46 ? 226 HOH A O   1 
HETATM 1309 O O   . HOH B 2 .   ? -17.270 -12.104 8.100   1.00 31.64 ? 227 HOH A O   1 
HETATM 1310 O O   . HOH B 2 .   ? 2.438   -2.141  15.600  1.00 28.76 ? 228 HOH A O   1 
HETATM 1311 O O   . HOH B 2 .   ? 13.432  -12.171 -11.911 1.00 40.64 ? 229 HOH A O   1 
HETATM 1312 O O   . HOH B 2 .   ? 12.204  12.941  -6.471  1.00 30.60 ? 230 HOH A O   1 
HETATM 1313 O O   . HOH B 2 .   ? -14.917 8.556   10.743  1.00 45.39 ? 231 HOH A O   1 
HETATM 1314 O O   . HOH B 2 .   ? -9.524  2.205   -5.206  1.00 33.42 ? 232 HOH A O   1 
HETATM 1315 O O   . HOH B 2 .   ? -7.493  -10.195 -7.169  1.00 41.93 ? 233 HOH A O   1 
HETATM 1316 O O   . HOH B 2 .   ? -7.864  -15.059 6.415   1.00 42.77 ? 234 HOH A O   1 
HETATM 1317 O O   . HOH B 2 .   ? -1.659  15.798  8.817   1.00 30.65 ? 235 HOH A O   1 
HETATM 1318 O O   . HOH B 2 .   ? 8.373   -5.753  -14.618 1.00 26.90 ? 236 HOH A O   1 
HETATM 1319 O O   . HOH B 2 .   ? 5.761   8.422   -15.604 1.00 38.84 ? 237 HOH A O   1 
HETATM 1320 O O   . HOH B 2 .   ? 8.610   -1.125  17.725  1.00 42.96 ? 238 HOH A O   1 
HETATM 1321 O O   . HOH B 2 .   ? 14.735  3.555   -4.815  1.00 38.15 ? 239 HOH A O   1 
HETATM 1322 O O   . HOH B 2 .   ? -7.026  -13.803 -11.604 1.00 39.19 ? 240 HOH A O   1 
HETATM 1323 O O   . HOH B 2 .   ? 14.309  9.601   5.786   1.00 37.25 ? 241 HOH A O   1 
HETATM 1324 O O   . HOH B 2 .   ? 1.970   -17.057 -8.755  1.00 36.72 ? 242 HOH A O   1 
HETATM 1325 O O   . HOH B 2 .   ? -17.774 -3.344  -3.644  1.00 32.92 ? 243 HOH A O   1 
HETATM 1326 O O   . HOH B 2 .   ? -4.066  -5.133  17.732  1.00 38.19 ? 244 HOH A O   1 
HETATM 1327 O O   . HOH B 2 .   ? -5.719  -6.661  -10.225 1.00 32.63 ? 245 HOH A O   1 
HETATM 1328 O O   . HOH B 2 .   ? -3.173  4.096   -8.857  1.00 33.27 ? 246 HOH A O   1 
HETATM 1329 O O   . HOH B 2 .   ? 18.523  3.701   6.138   1.00 46.98 ? 247 HOH A O   1 
HETATM 1330 O O   . HOH B 2 .   ? 2.435   -10.343 -16.463 1.00 37.93 ? 248 HOH A O   1 
HETATM 1331 O O   . HOH B 2 .   ? -6.778  0.272   -7.828  1.00 33.50 ? 249 HOH A O   1 
HETATM 1332 O O   . HOH B 2 .   ? 5.797   12.883  6.284   1.00 37.02 ? 250 HOH A O   1 
HETATM 1333 O O   . HOH B 2 .   ? 11.043  -1.758  12.631  1.00 40.93 ? 251 HOH A O   1 
HETATM 1334 O O   . HOH B 2 .   ? -22.157 -1.960  6.804   1.00 34.32 ? 252 HOH A O   1 
HETATM 1335 O O   . HOH B 2 .   ? 0.355   16.508  3.769   1.00 31.80 ? 253 HOH A O   1 
HETATM 1336 O O   . HOH B 2 .   ? -5.742  -14.139 9.135   1.00 44.35 ? 254 HOH A O   1 
HETATM 1337 O O   . HOH B 2 .   ? -4.060  2.791   -11.772 1.00 34.97 ? 255 HOH A O   1 
HETATM 1338 O O   . HOH B 2 .   ? -9.288  4.646   13.210  1.00 42.53 ? 256 HOH A O   1 
HETATM 1339 O O   . HOH B 2 .   ? 4.108   17.623  5.133   1.00 39.96 ? 257 HOH A O   1 
HETATM 1340 O O   . HOH B 2 .   ? 15.105  6.094   -3.751  1.00 31.92 ? 258 HOH A O   1 
HETATM 1341 O O   . HOH B 2 .   ? 4.156   16.087  -2.016  1.00 30.62 ? 259 HOH A O   1 
HETATM 1342 O O   . HOH B 2 .   ? 5.879   18.184  -2.323  1.00 35.14 ? 260 HOH A O   1 
HETATM 1343 O O   . HOH B 2 .   ? -14.804 -14.685 8.176   1.00 44.14 ? 261 HOH A O   1 
HETATM 1344 O O   . HOH B 2 .   ? 6.246   15.089  -5.513  1.00 31.04 ? 262 HOH A O   1 
HETATM 1345 O O   . HOH B 2 .   ? -21.520 -1.168  -4.690  1.00 37.21 ? 263 HOH A O   1 
HETATM 1346 O O   . HOH B 2 .   ? 4.487   -12.863 5.924   1.00 32.76 ? 264 HOH A O   1 
HETATM 1347 O O   . HOH B 2 .   ? -20.922 4.102   -1.485  1.00 35.15 ? 265 HOH A O   1 
HETATM 1348 O O   . HOH B 2 .   ? -17.765 -11.046 10.386  1.00 39.35 ? 266 HOH A O   1 
HETATM 1349 O O   . HOH B 2 .   ? -8.237  16.020  -1.764  1.00 38.96 ? 267 HOH A O   1 
HETATM 1350 O O   . HOH B 2 .   ? -3.450  -0.444  -18.894 1.00 34.79 ? 268 HOH A O   1 
HETATM 1351 O O   . HOH B 2 .   ? 14.704  10.018  -4.103  1.00 32.51 ? 269 HOH A O   1 
HETATM 1352 O O   . HOH B 2 .   ? -16.902 -2.836  13.240  1.00 43.86 ? 270 HOH A O   1 
HETATM 1353 O O   . HOH B 2 .   ? -6.071  13.376  2.022   1.00 45.08 ? 271 HOH A O   1 
HETATM 1354 O O   . HOH B 2 .   ? -8.714  -3.136  -4.873  1.00 43.16 ? 272 HOH A O   1 
HETATM 1355 O O   . HOH B 2 .   ? -3.039  5.931   -10.947 1.00 41.37 ? 273 HOH A O   1 
HETATM 1356 O O   . HOH B 2 .   ? -2.660  15.788  -2.277  1.00 36.91 ? 274 HOH A O   1 
HETATM 1357 O O   . HOH B 2 .   ? -5.867  -3.740  -5.149  1.00 38.85 ? 275 HOH A O   1 
HETATM 1358 O O   . HOH B 2 .   ? -15.760 10.553  -6.199  1.00 44.50 ? 276 HOH A O   1 
HETATM 1359 O O   . HOH B 2 .   ? 15.195  -9.077  -1.790  1.00 42.01 ? 277 HOH A O   1 
HETATM 1360 O O   . HOH B 2 .   ? -3.737  13.598  10.519  1.00 33.27 ? 278 HOH A O   1 
HETATM 1361 O O   . HOH B 2 .   ? 7.476   17.147  -4.640  1.00 33.38 ? 279 HOH A O   1 
HETATM 1362 O O   . HOH B 2 .   ? 17.487  9.949   -4.675  1.00 45.10 ? 280 HOH A O   1 
HETATM 1363 O O   . HOH B 2 .   ? -1.316  -4.802  18.054  1.00 41.03 ? 281 HOH A O   1 
HETATM 1364 O O   . HOH B 2 .   ? -5.338  -17.044 -0.502  1.00 28.54 ? 282 HOH A O   1 
HETATM 1365 O O   . HOH B 2 .   ? 15.231  -9.365  -12.633 1.00 37.64 ? 283 HOH A O   1 
HETATM 1366 O O   . HOH B 2 .   ? 12.442  12.095  -9.248  1.00 42.01 ? 284 HOH A O   1 
HETATM 1367 O O   . HOH B 2 .   ? -7.781  -0.239  17.701  1.00 45.54 ? 285 HOH A O   1 
HETATM 1368 O O   . HOH B 2 .   ? 2.403   -18.901 -4.265  1.00 41.98 ? 286 HOH A O   1 
HETATM 1369 O O   . HOH B 2 .   ? 16.296  -3.276  -10.161 1.00 39.52 ? 287 HOH A O   1 
HETATM 1370 O O   . HOH B 2 .   ? -1.968  14.427  -6.342  1.00 31.61 ? 288 HOH A O   1 
HETATM 1371 O O   . HOH B 2 .   ? -10.064 11.410  2.622   1.00 30.53 ? 289 HOH A O   1 
HETATM 1372 O O   . HOH B 2 .   ? -12.992 1.019   13.795  1.00 41.91 ? 290 HOH A O   1 
HETATM 1373 O O   . HOH B 2 .   ? 12.802  12.446  -11.904 1.00 50.32 ? 291 HOH A O   1 
HETATM 1374 O O   . HOH B 2 .   ? 1.882   -18.375 3.091   1.00 29.82 ? 292 HOH A O   1 
HETATM 1375 O O   . HOH B 2 .   ? 6.492   -15.249 -8.374  1.00 45.05 ? 293 HOH A O   1 
HETATM 1376 O O   . HOH B 2 .   ? -4.517  2.698   18.201  1.00 46.56 ? 294 HOH A O   1 
HETATM 1377 O O   . HOH B 2 .   ? 14.394  -13.790 -9.172  1.00 34.39 ? 295 HOH A O   1 
HETATM 1378 O O   . HOH B 2 .   ? 3.051   4.044   -17.770 1.00 44.94 ? 296 HOH A O   1 
HETATM 1379 O O   . HOH B 2 .   ? 19.376  4.535   0.025   1.00 38.73 ? 297 HOH A O   1 
HETATM 1380 O O   . HOH B 2 .   ? -14.914 -6.525  4.061   1.00 29.47 ? 298 HOH A O   1 
HETATM 1381 O O   . HOH B 2 .   ? -5.993  12.977  -5.348  1.00 27.67 ? 299 HOH A O   1 
HETATM 1382 O O   . HOH B 2 .   ? 13.900  7.633   -12.624 1.00 43.13 ? 300 HOH A O   1 
HETATM 1383 O O   . HOH B 2 .   ? -1.801  5.772   16.252  1.00 46.90 ? 301 HOH A O   1 
HETATM 1384 O O   . HOH B 2 .   ? -13.120 4.490   -12.529 1.00 42.56 ? 302 HOH A O   1 
HETATM 1385 O O   . HOH B 2 .   ? 19.168  6.027   -1.885  1.00 39.10 ? 303 HOH A O   1 
HETATM 1386 O O   . HOH B 2 .   ? -7.121  -7.166  -7.258  1.00 33.40 ? 304 HOH A O   1 
HETATM 1387 O O   . HOH B 2 .   ? 14.459  5.162   -9.065  1.00 47.20 ? 305 HOH A O   1 
HETATM 1388 O O   . HOH B 2 .   ? 6.093   -17.785 -6.536  1.00 45.99 ? 306 HOH A O   1 
HETATM 1389 O O   . HOH B 2 .   ? -9.387  7.859   12.318  1.00 48.44 ? 307 HOH A O   1 
HETATM 1390 O O   . HOH B 2 .   ? -3.029  -15.936 5.522   1.00 45.65 ? 308 HOH A O   1 
HETATM 1391 O O   . HOH B 2 .   ? -2.433  -13.398 -12.726 1.00 47.64 ? 309 HOH A O   1 
HETATM 1392 O O   . HOH B 2 .   ? -17.550 -1.172  -5.302  1.00 45.34 ? 310 HOH A O   1 
HETATM 1393 O O   . HOH B 2 .   ? -0.184  3.176   -18.934 1.00 43.15 ? 311 HOH A O   1 
HETATM 1394 O O   . HOH B 2 .   ? 9.296   -11.194 0.193   1.00 31.40 ? 312 HOH A O   1 
HETATM 1395 O O   . HOH B 2 .   ? -16.401 -7.337  7.078   1.00 41.33 ? 313 HOH A O   1 
HETATM 1396 O O   . HOH B 2 .   ? 8.617   -16.476 -2.249  1.00 44.60 ? 314 HOH A O   1 
HETATM 1397 O O   . HOH B 2 .   ? 7.827   14.681  -7.517  1.00 38.16 ? 315 HOH A O   1 
HETATM 1398 O O   . HOH B 2 .   ? -13.210 4.271   -7.439  1.00 37.00 ? 316 HOH A O   1 
HETATM 1399 O O   . HOH B 2 .   ? -0.635  -0.418  -20.563 1.00 43.81 ? 317 HOH A O   1 
HETATM 1400 O O   . HOH B 2 .   ? 5.852   -18.674 0.643   1.00 36.26 ? 318 HOH A O   1 
HETATM 1401 O O   . HOH B 2 .   ? 1.149   -4.904  16.477  1.00 34.80 ? 319 HOH A O   1 
HETATM 1402 O O   . HOH B 2 .   ? 17.230  -8.498  -8.297  1.00 40.58 ? 320 HOH A O   1 
HETATM 1403 O O   . HOH B 2 .   ? -10.067 11.842  -6.876  1.00 43.26 ? 321 HOH A O   1 
HETATM 1404 O O   . HOH B 2 .   ? 17.405  6.254   4.313   1.00 50.82 ? 322 HOH A O   1 
HETATM 1405 O O   . HOH B 2 .   ? -3.759  -5.228  -12.569 1.00 38.86 ? 323 HOH A O   1 
HETATM 1406 O O   . HOH B 2 .   ? -8.440  2.363   17.090  1.00 51.07 ? 324 HOH A O   1 
HETATM 1407 O O   . HOH B 2 .   ? 6.750   -2.918  -17.032 1.00 43.34 ? 325 HOH A O   1 
HETATM 1408 O O   . HOH B 2 .   ? -15.880 4.271   -1.952  1.00 36.96 ? 326 HOH A O   1 
HETATM 1409 O O   . HOH B 2 .   ? -4.941  -17.349 4.862   1.00 38.78 ? 327 HOH A O   1 
HETATM 1410 O O   . HOH B 2 .   ? -7.363  -6.926  18.163  1.00 57.59 ? 328 HOH A O   1 
HETATM 1411 O O   . HOH B 2 .   ? 1.054   5.693   16.149  1.00 42.44 ? 329 HOH A O   1 
HETATM 1412 O O   . HOH B 2 .   ? -0.061  10.900  -18.098 1.00 46.85 ? 330 HOH A O   1 
HETATM 1413 O O   . HOH B 2 .   ? 15.068  -3.329  3.878   1.00 40.59 ? 331 HOH A O   1 
HETATM 1414 O O   . HOH B 2 .   ? -11.488 -11.742 11.281  1.00 48.21 ? 332 HOH A O   1 
HETATM 1415 O O   . HOH B 2 .   ? -18.154 4.577   4.066   1.00 36.24 ? 333 HOH A O   1 
HETATM 1416 O O   . HOH B 2 .   ? 3.970   -6.286  17.303  1.00 47.77 ? 334 HOH A O   1 
HETATM 1417 O O   . HOH B 2 .   ? -10.102 -16.495 4.792   1.00 40.73 ? 335 HOH A O   1 
HETATM 1418 O O   . HOH B 2 .   ? -4.286  -0.021  18.292  1.00 48.31 ? 336 HOH A O   1 
HETATM 1419 O O   . HOH B 2 .   ? 17.562  11.806  -7.741  1.00 49.82 ? 337 HOH A O   1 
HETATM 1420 O O   . HOH B 2 .   ? -1.477  -0.491  18.357  1.00 47.94 ? 338 HOH A O   1 
HETATM 1421 O O   . HOH B 2 .   ? 18.151  3.379   1.764   1.00 40.20 ? 339 HOH A O   1 
HETATM 1422 O O   . HOH B 2 .   ? 9.216   -9.530  11.677  1.00 42.08 ? 340 HOH A O   1 
HETATM 1423 O O   . HOH B 2 .   ? 11.739  3.250   11.670  1.00 87.69 ? 341 HOH A O   1 
HETATM 1424 O O   . HOH B 2 .   ? -3.918  17.394  9.662   1.00 39.53 ? 342 HOH A O   1 
HETATM 1425 O O   . HOH B 2 .   ? -5.713  -16.109 -11.444 1.00 55.00 ? 343 HOH A O   1 
HETATM 1426 O O   . HOH B 2 .   ? 8.526   -12.958 1.865   1.00 56.60 ? 344 HOH A O   1 
HETATM 1427 O O   . HOH B 2 .   ? -18.029 3.376   13.648  1.00 50.21 ? 345 HOH A O   1 
# 
loop_
_pdbx_poly_seq_scheme.asym_id 
_pdbx_poly_seq_scheme.entity_id 
_pdbx_poly_seq_scheme.seq_id 
_pdbx_poly_seq_scheme.mon_id 
_pdbx_poly_seq_scheme.ndb_seq_num 
_pdbx_poly_seq_scheme.pdb_seq_num 
_pdbx_poly_seq_scheme.auth_seq_num 
_pdbx_poly_seq_scheme.pdb_mon_id 
_pdbx_poly_seq_scheme.auth_mon_id 
_pdbx_poly_seq_scheme.pdb_strand_id 
_pdbx_poly_seq_scheme.pdb_ins_code 
_pdbx_poly_seq_scheme.hetero 
A 1 1   GLY 1   1   ?   ?   ?   A . n 
A 1 2   LYS 2   2   ?   ?   ?   A . n 
A 1 3   ASN 3   3   ?   ?   ?   A . n 
A 1 4   THR 4   4   ?   ?   ?   A . n 
A 1 5   PRO 5   5   5   PRO PRO A . n 
A 1 6   LYS 6   6   6   LYS LYS A . n 
A 1 7   SER 7   7   7   SER SER A . n 
A 1 8   ALA 8   8   8   ALA ALA A . n 
A 1 9   ILE 9   9   9   ILE ILE A . n 
A 1 10  ILE 10  10  10  ILE ILE A . n 
A 1 11  TYR 11  11  11  TYR TYR A . n 
A 1 12  THR 12  12  12  THR THR A . n 
A 1 13  THR 13  13  13  THR THR A . n 
A 1 14  MET 14  14  14  MET MET A . n 
A 1 15  GLY 15  15  15  GLY GLY A . n 
A 1 16  ASP 16  16  16  ASP ASP A . n 
A 1 17  ILE 17  17  17  ILE ILE A . n 
A 1 18  HIS 18  18  18  HIS HIS A . n 
A 1 19  ILE 19  19  19  ILE ILE A . n 
A 1 20  SER 20  20  20  SER SER A . n 
A 1 21  LEU 21  21  21  LEU LEU A . n 
A 1 22  PHE 22  22  22  PHE PHE A . n 
A 1 23  TYR 23  23  23  TYR TYR A . n 
A 1 24  LYS 24  24  24  LYS LYS A . n 
A 1 25  GLU 25  25  25  GLU GLU A . n 
A 1 26  CYS 26  26  26  CYS CYS A . n 
A 1 27  LYS 27  27  27  LYS LYS A . n 
A 1 28  LYS 28  28  28  LYS LYS A . n 
A 1 29  THR 29  29  29  THR THR A . n 
A 1 30  VAL 30  30  30  VAL VAL A . n 
A 1 31  GLN 31  31  31  GLN GLN A . n 
A 1 32  ASN 32  32  32  ASN ASN A . n 
A 1 33  PHE 33  33  33  PHE PHE A . n 
A 1 34  SER 34  34  34  SER SER A . n 
A 1 35  VAL 35  35  35  VAL VAL A . n 
A 1 36  HIS 36  36  36  HIS HIS A . n 
A 1 37  SER 37  37  37  SER SER A . n 
A 1 38  ILE 38  38  38  ILE ILE A . n 
A 1 39  ASN 39  39  39  ASN ASN A . n 
A 1 40  GLY 40  40  40  GLY GLY A . n 
A 1 41  TYR 41  41  41  TYR TYR A . n 
A 1 42  TYR 42  42  42  TYR TYR A . n 
A 1 43  ASN 43  43  43  ASN ASN A . n 
A 1 44  ASN 44  44  44  ASN ASN A . n 
A 1 45  CYS 45  45  45  CYS CYS A . n 
A 1 46  ILE 46  46  46  ILE ILE A . n 
A 1 47  PHE 47  47  47  PHE PHE A . n 
A 1 48  HIS 48  48  48  HIS HIS A . n 
A 1 49  ARG 49  49  49  ARG ARG A . n 
A 1 50  VAL 50  50  50  VAL VAL A . n 
A 1 51  ILE 51  51  51  ILE ILE A . n 
A 1 52  LYS 52  52  52  LYS LYS A . n 
A 1 53  HIS 53  53  53  HIS HIS A . n 
A 1 54  PHE 54  54  54  PHE PHE A . n 
A 1 55  MET 55  55  55  MET MET A . n 
A 1 56  VAL 56  56  56  VAL VAL A . n 
A 1 57  GLN 57  57  57  GLN GLN A . n 
A 1 58  THR 58  58  58  THR THR A . n 
A 1 59  GLY 59  59  59  GLY GLY A . n 
A 1 60  ASP 60  60  60  ASP ASP A . n 
A 1 61  PRO 61  61  61  PRO PRO A . n 
A 1 62  SER 62  62  62  SER SER A . n 
A 1 63  GLY 63  63  63  GLY GLY A . n 
A 1 64  ASP 64  64  64  ASP ASP A . n 
A 1 65  GLY 65  65  65  GLY GLY A . n 
A 1 66  THR 66  66  66  THR THR A . n 
A 1 67  GLY 67  67  67  GLY GLY A . n 
A 1 68  GLY 68  68  68  GLY GLY A . n 
A 1 69  GLU 69  69  69  GLU GLU A . n 
A 1 70  SER 70  70  70  SER SER A . n 
A 1 71  ILE 71  71  71  ILE ILE A . n 
A 1 72  TRP 72  72  72  TRP TRP A . n 
A 1 73  GLY 73  73  73  GLY GLY A . n 
A 1 74  ASN 74  74  74  ASN ASN A . n 
A 1 75  GLU 75  75  75  GLU GLU A . n 
A 1 76  PHE 76  76  76  PHE PHE A . n 
A 1 77  GLU 77  77  77  GLU GLU A . n 
A 1 78  ASP 78  78  78  ASP ASP A . n 
A 1 79  GLU 79  79  79  GLU GLU A . n 
A 1 80  PHE 80  80  80  PHE PHE A . n 
A 1 81  PHE 81  81  81  PHE PHE A . n 
A 1 82  ASP 82  82  82  ASP ASP A . n 
A 1 83  HIS 83  83  83  HIS HIS A . n 
A 1 84  LEU 84  84  84  LEU LEU A . n 
A 1 85  ASN 85  85  85  ASN ASN A . n 
A 1 86  HIS 86  86  86  HIS HIS A . n 
A 1 87  SER 87  87  87  SER SER A . n 
A 1 88  LYS 88  88  88  LYS LYS A . n 
A 1 89  PRO 89  89  89  PRO PRO A . n 
A 1 90  PHE 90  90  90  PHE PHE A . n 
A 1 91  MET 91  91  91  MET MET A . n 
A 1 92  VAL 92  92  92  VAL VAL A . n 
A 1 93  SER 93  93  93  SER SER A . n 
A 1 94  MET 94  94  94  MET MET A . n 
A 1 95  ALA 95  95  95  ALA ALA A . n 
A 1 96  ASN 96  96  96  ASN ASN A . n 
A 1 97  CYS 97  97  97  CYS CYS A . n 
A 1 98  GLY 98  98  98  GLY GLY A . n 
A 1 99  PRO 99  99  99  PRO PRO A . n 
A 1 100 ASN 100 100 100 ASN ASN A . n 
A 1 101 THR 101 101 101 THR THR A . n 
A 1 102 ASN 102 102 102 ASN ASN A . n 
A 1 103 GLY 103 103 103 GLY GLY A . n 
A 1 104 SER 104 104 104 SER SER A . n 
A 1 105 GLN 105 105 105 GLN GLN A . n 
A 1 106 PHE 106 106 106 PHE PHE A . n 
A 1 107 PHE 107 107 107 PHE PHE A . n 
A 1 108 ILE 108 108 108 ILE ILE A . n 
A 1 109 THR 109 109 109 THR THR A . n 
A 1 110 THR 110 110 110 THR THR A . n 
A 1 111 VAL 111 111 111 VAL VAL A . n 
A 1 112 PRO 112 112 112 PRO PRO A . n 
A 1 113 CYS 113 113 113 CYS CYS A . n 
A 1 114 PRO 114 114 114 PRO PRO A . n 
A 1 115 TRP 115 115 115 TRP TRP A . n 
A 1 116 LEU 116 116 116 LEU LEU A . n 
A 1 117 ASP 117 117 117 ASP ASP A . n 
A 1 118 PHE 118 118 118 PHE PHE A . n 
A 1 119 LYS 119 119 119 LYS LYS A . n 
A 1 120 HIS 120 120 120 HIS HIS A . n 
A 1 121 THR 121 121 121 THR THR A . n 
A 1 122 VAL 122 122 122 VAL VAL A . n 
A 1 123 PHE 123 123 123 PHE PHE A . n 
A 1 124 GLY 124 124 124 GLY GLY A . n 
A 1 125 LYS 125 125 125 LYS LYS A . n 
A 1 126 VAL 126 126 126 VAL VAL A . n 
A 1 127 THR 127 127 127 THR THR A . n 
A 1 128 GLN 128 128 128 GLN GLN A . n 
A 1 129 GLY 129 129 129 GLY GLY A . n 
A 1 130 SER 130 130 130 SER SER A . n 
A 1 131 LYS 131 131 131 LYS LYS A . n 
A 1 132 ILE 132 132 132 ILE ILE A . n 
A 1 133 VAL 133 133 133 VAL VAL A . n 
A 1 134 LEU 134 134 134 LEU LEU A . n 
A 1 135 ASP 135 135 135 ASP ASP A . n 
A 1 136 ILE 136 136 136 ILE ILE A . n 
A 1 137 GLU 137 137 137 GLU GLU A . n 
A 1 138 LYS 138 138 138 LYS LYS A . n 
A 1 139 VAL 139 139 139 VAL VAL A . n 
A 1 140 ARG 140 140 140 ARG ARG A . n 
A 1 141 THR 141 141 141 THR THR A . n 
A 1 142 ASP 142 142 142 ASP ASP A . n 
A 1 143 LYS 143 143 143 LYS LYS A . n 
A 1 144 ARG 144 144 144 ARG ARG A . n 
A 1 145 ASP 145 145 145 ASP ASP A . n 
A 1 146 LYS 146 146 146 LYS LYS A . n 
A 1 147 PRO 147 147 147 PRO PRO A . n 
A 1 148 LEU 148 148 148 LEU LEU A . n 
A 1 149 GLU 149 149 149 GLU GLU A . n 
A 1 150 ASP 150 150 150 ASP ASP A . n 
A 1 151 ILE 151 151 151 ILE ILE A . n 
A 1 152 LYS 152 152 152 LYS LYS A . n 
A 1 153 ILE 153 153 153 ILE ILE A . n 
A 1 154 LEU 154 154 154 LEU LEU A . n 
A 1 155 ASN 155 155 155 ASN ASN A . n 
A 1 156 ILE 156 156 156 ILE ILE A . n 
A 1 157 LYS 157 157 157 LYS LYS A . n 
A 1 158 ILE 158 158 158 ILE ILE A . n 
A 1 159 ASN 159 159 159 ASN ASN A . n 
A 1 160 ASN 160 160 ?   ?   ?   A . n 
# 
_pdbx_SG_project.id                    1 
_pdbx_SG_project.project_name          ? 
_pdbx_SG_project.full_name_of_center   'Structural Genomics Consortium' 
_pdbx_SG_project.initial_of_center     SGC 
# 
loop_
_pdbx_nonpoly_scheme.asym_id 
_pdbx_nonpoly_scheme.entity_id 
_pdbx_nonpoly_scheme.mon_id 
_pdbx_nonpoly_scheme.ndb_seq_num 
_pdbx_nonpoly_scheme.pdb_seq_num 
_pdbx_nonpoly_scheme.auth_seq_num 
_pdbx_nonpoly_scheme.pdb_mon_id 
_pdbx_nonpoly_scheme.auth_mon_id 
_pdbx_nonpoly_scheme.pdb_strand_id 
_pdbx_nonpoly_scheme.pdb_ins_code 
B 2 HOH 1   161 1   HOH HOH A . 
B 2 HOH 2   162 2   HOH HOH A . 
B 2 HOH 3   163 3   HOH HOH A . 
B 2 HOH 4   164 4   HOH HOH A . 
B 2 HOH 5   165 5   HOH HOH A . 
B 2 HOH 6   166 6   HOH HOH A . 
B 2 HOH 7   167 7   HOH HOH A . 
B 2 HOH 8   168 8   HOH HOH A . 
B 2 HOH 9   169 9   HOH HOH A . 
B 2 HOH 10  170 10  HOH HOH A . 
B 2 HOH 11  171 11  HOH HOH A . 
B 2 HOH 12  172 12  HOH HOH A . 
B 2 HOH 13  173 13  HOH HOH A . 
B 2 HOH 14  174 14  HOH HOH A . 
B 2 HOH 15  175 15  HOH HOH A . 
B 2 HOH 16  176 16  HOH HOH A . 
B 2 HOH 17  177 17  HOH HOH A . 
B 2 HOH 18  178 18  HOH HOH A . 
B 2 HOH 19  179 19  HOH HOH A . 
B 2 HOH 20  180 20  HOH HOH A . 
B 2 HOH 21  181 21  HOH HOH A . 
B 2 HOH 22  182 22  HOH HOH A . 
B 2 HOH 23  183 23  HOH HOH A . 
B 2 HOH 24  184 24  HOH HOH A . 
B 2 HOH 25  185 25  HOH HOH A . 
B 2 HOH 26  186 26  HOH HOH A . 
B 2 HOH 27  187 27  HOH HOH A . 
B 2 HOH 28  188 28  HOH HOH A . 
B 2 HOH 29  189 29  HOH HOH A . 
B 2 HOH 30  190 30  HOH HOH A . 
B 2 HOH 31  191 31  HOH HOH A . 
B 2 HOH 32  192 32  HOH HOH A . 
B 2 HOH 33  193 33  HOH HOH A . 
B 2 HOH 34  194 34  HOH HOH A . 
B 2 HOH 35  195 35  HOH HOH A . 
B 2 HOH 36  196 36  HOH HOH A . 
B 2 HOH 37  197 37  HOH HOH A . 
B 2 HOH 38  198 38  HOH HOH A . 
B 2 HOH 39  199 39  HOH HOH A . 
B 2 HOH 40  200 40  HOH HOH A . 
B 2 HOH 41  201 41  HOH HOH A . 
B 2 HOH 42  202 42  HOH HOH A . 
B 2 HOH 43  203 43  HOH HOH A . 
B 2 HOH 44  204 44  HOH HOH A . 
B 2 HOH 45  205 45  HOH HOH A . 
B 2 HOH 46  206 46  HOH HOH A . 
B 2 HOH 47  207 47  HOH HOH A . 
B 2 HOH 48  208 48  HOH HOH A . 
B 2 HOH 49  209 49  HOH HOH A . 
B 2 HOH 50  210 50  HOH HOH A . 
B 2 HOH 51  211 51  HOH HOH A . 
B 2 HOH 52  212 52  HOH HOH A . 
B 2 HOH 53  213 53  HOH HOH A . 
B 2 HOH 54  214 54  HOH HOH A . 
B 2 HOH 55  215 55  HOH HOH A . 
B 2 HOH 56  216 56  HOH HOH A . 
B 2 HOH 57  217 57  HOH HOH A . 
B 2 HOH 58  218 58  HOH HOH A . 
B 2 HOH 59  219 59  HOH HOH A . 
B 2 HOH 60  220 60  HOH HOH A . 
B 2 HOH 61  221 61  HOH HOH A . 
B 2 HOH 62  222 62  HOH HOH A . 
B 2 HOH 63  223 63  HOH HOH A . 
B 2 HOH 64  224 64  HOH HOH A . 
B 2 HOH 65  225 65  HOH HOH A . 
B 2 HOH 66  226 66  HOH HOH A . 
B 2 HOH 67  227 67  HOH HOH A . 
B 2 HOH 68  228 68  HOH HOH A . 
B 2 HOH 69  229 69  HOH HOH A . 
B 2 HOH 70  230 70  HOH HOH A . 
B 2 HOH 71  231 71  HOH HOH A . 
B 2 HOH 72  232 72  HOH HOH A . 
B 2 HOH 73  233 73  HOH HOH A . 
B 2 HOH 74  234 74  HOH HOH A . 
B 2 HOH 75  235 75  HOH HOH A . 
B 2 HOH 76  236 76  HOH HOH A . 
B 2 HOH 77  237 78  HOH HOH A . 
B 2 HOH 78  238 79  HOH HOH A . 
B 2 HOH 79  239 80  HOH HOH A . 
B 2 HOH 80  240 81  HOH HOH A . 
B 2 HOH 81  241 82  HOH HOH A . 
B 2 HOH 82  242 83  HOH HOH A . 
B 2 HOH 83  243 84  HOH HOH A . 
B 2 HOH 84  244 85  HOH HOH A . 
B 2 HOH 85  245 86  HOH HOH A . 
B 2 HOH 86  246 87  HOH HOH A . 
B 2 HOH 87  247 88  HOH HOH A . 
B 2 HOH 88  248 89  HOH HOH A . 
B 2 HOH 89  249 90  HOH HOH A . 
B 2 HOH 90  250 91  HOH HOH A . 
B 2 HOH 91  251 93  HOH HOH A . 
B 2 HOH 92  252 94  HOH HOH A . 
B 2 HOH 93  253 95  HOH HOH A . 
B 2 HOH 94  254 96  HOH HOH A . 
B 2 HOH 95  255 97  HOH HOH A . 
B 2 HOH 96  256 98  HOH HOH A . 
B 2 HOH 97  257 99  HOH HOH A . 
B 2 HOH 98  258 100 HOH HOH A . 
B 2 HOH 99  259 101 HOH HOH A . 
B 2 HOH 100 260 102 HOH HOH A . 
B 2 HOH 101 261 103 HOH HOH A . 
B 2 HOH 102 262 104 HOH HOH A . 
B 2 HOH 103 263 105 HOH HOH A . 
B 2 HOH 104 264 106 HOH HOH A . 
B 2 HOH 105 265 107 HOH HOH A . 
B 2 HOH 106 266 108 HOH HOH A . 
B 2 HOH 107 267 109 HOH HOH A . 
B 2 HOH 108 268 110 HOH HOH A . 
B 2 HOH 109 269 111 HOH HOH A . 
B 2 HOH 110 270 112 HOH HOH A . 
B 2 HOH 111 271 113 HOH HOH A . 
B 2 HOH 112 272 114 HOH HOH A . 
B 2 HOH 113 273 115 HOH HOH A . 
B 2 HOH 114 274 116 HOH HOH A . 
B 2 HOH 115 275 117 HOH HOH A . 
B 2 HOH 116 276 118 HOH HOH A . 
B 2 HOH 117 277 119 HOH HOH A . 
B 2 HOH 118 278 120 HOH HOH A . 
B 2 HOH 119 279 121 HOH HOH A . 
B 2 HOH 120 280 122 HOH HOH A . 
B 2 HOH 121 281 123 HOH HOH A . 
B 2 HOH 122 282 124 HOH HOH A . 
B 2 HOH 123 283 125 HOH HOH A . 
B 2 HOH 124 284 126 HOH HOH A . 
B 2 HOH 125 285 127 HOH HOH A . 
B 2 HOH 126 286 128 HOH HOH A . 
B 2 HOH 127 287 129 HOH HOH A . 
B 2 HOH 128 288 131 HOH HOH A . 
B 2 HOH 129 289 132 HOH HOH A . 
B 2 HOH 130 290 133 HOH HOH A . 
B 2 HOH 131 291 134 HOH HOH A . 
B 2 HOH 132 292 136 HOH HOH A . 
B 2 HOH 133 293 139 HOH HOH A . 
B 2 HOH 134 294 140 HOH HOH A . 
B 2 HOH 135 295 141 HOH HOH A . 
B 2 HOH 136 296 142 HOH HOH A . 
B 2 HOH 137 297 143 HOH HOH A . 
B 2 HOH 138 298 144 HOH HOH A . 
B 2 HOH 139 299 145 HOH HOH A . 
B 2 HOH 140 300 146 HOH HOH A . 
B 2 HOH 141 301 147 HOH HOH A . 
B 2 HOH 142 302 148 HOH HOH A . 
B 2 HOH 143 303 149 HOH HOH A . 
B 2 HOH 144 304 152 HOH HOH A . 
B 2 HOH 145 305 153 HOH HOH A . 
B 2 HOH 146 306 154 HOH HOH A . 
B 2 HOH 147 307 155 HOH HOH A . 
B 2 HOH 148 308 156 HOH HOH A . 
B 2 HOH 149 309 157 HOH HOH A . 
B 2 HOH 150 310 158 HOH HOH A . 
B 2 HOH 151 311 159 HOH HOH A . 
B 2 HOH 152 312 160 HOH HOH A . 
B 2 HOH 153 313 161 HOH HOH A . 
B 2 HOH 154 314 162 HOH HOH A . 
B 2 HOH 155 315 165 HOH HOH A . 
B 2 HOH 156 316 166 HOH HOH A . 
B 2 HOH 157 317 167 HOH HOH A . 
B 2 HOH 158 318 169 HOH HOH A . 
B 2 HOH 159 319 170 HOH HOH A . 
B 2 HOH 160 320 172 HOH HOH A . 
B 2 HOH 161 321 174 HOH HOH A . 
B 2 HOH 162 322 175 HOH HOH A . 
B 2 HOH 163 323 176 HOH HOH A . 
B 2 HOH 164 324 177 HOH HOH A . 
B 2 HOH 165 325 178 HOH HOH A . 
B 2 HOH 166 326 180 HOH HOH A . 
B 2 HOH 167 327 181 HOH HOH A . 
B 2 HOH 168 328 183 HOH HOH A . 
B 2 HOH 169 329 184 HOH HOH A . 
B 2 HOH 170 330 185 HOH HOH A . 
B 2 HOH 171 331 186 HOH HOH A . 
B 2 HOH 172 332 188 HOH HOH A . 
B 2 HOH 173 333 189 HOH HOH A . 
B 2 HOH 174 334 190 HOH HOH A . 
B 2 HOH 175 335 191 HOH HOH A . 
B 2 HOH 176 336 193 HOH HOH A . 
B 2 HOH 177 337 194 HOH HOH A . 
B 2 HOH 178 338 196 HOH HOH A . 
B 2 HOH 179 339 197 HOH HOH A . 
B 2 HOH 180 340 200 HOH HOH A . 
B 2 HOH 181 341 201 HOH HOH A . 
B 2 HOH 182 342 202 HOH HOH A . 
B 2 HOH 183 343 203 HOH HOH A . 
B 2 HOH 184 344 204 HOH HOH A . 
B 2 HOH 185 345 205 HOH HOH A . 
# 
_pdbx_struct_assembly.id                   1 
_pdbx_struct_assembly.details              author_defined_assembly 
_pdbx_struct_assembly.method_details       ? 
_pdbx_struct_assembly.oligomeric_details   monomeric 
_pdbx_struct_assembly.oligomeric_count     1 
# 
_pdbx_struct_assembly_gen.assembly_id       1 
_pdbx_struct_assembly_gen.oper_expression   1 
_pdbx_struct_assembly_gen.asym_id_list      A,B 
# 
_pdbx_struct_oper_list.id                   1 
_pdbx_struct_oper_list.type                 'identity operation' 
_pdbx_struct_oper_list.name                 1_555 
_pdbx_struct_oper_list.symmetry_operation   x,y,z 
_pdbx_struct_oper_list.matrix[1][1]         1.0000000000 
_pdbx_struct_oper_list.matrix[1][2]         0.0000000000 
_pdbx_struct_oper_list.matrix[1][3]         0.0000000000 
_pdbx_struct_oper_list.vector[1]            0.0000000000 
_pdbx_struct_oper_list.matrix[2][1]         0.0000000000 
_pdbx_struct_oper_list.matrix[2][2]         1.0000000000 
_pdbx_struct_oper_list.matrix[2][3]         0.0000000000 
_pdbx_struct_oper_list.vector[2]            0.0000000000 
_pdbx_struct_oper_list.matrix[3][1]         0.0000000000 
_pdbx_struct_oper_list.matrix[3][2]         0.0000000000 
_pdbx_struct_oper_list.matrix[3][3]         1.0000000000 
_pdbx_struct_oper_list.vector[3]            0.0000000000 
# 
loop_
_pdbx_audit_revision_history.ordinal 
_pdbx_audit_revision_history.data_content_type 
_pdbx_audit_revision_history.major_revision 
_pdbx_audit_revision_history.minor_revision 
_pdbx_audit_revision_history.revision_date 
1 'Structure model' 1 0 2006-02-07 
2 'Structure model' 1 1 2008-05-01 
3 'Structure model' 1 2 2011-07-13 
4 'Structure model' 1 3 2017-10-18 
5 'Structure model' 1 4 2023-08-30 
# 
_pdbx_audit_revision_details.ordinal             1 
_pdbx_audit_revision_details.revision_ordinal    1 
_pdbx_audit_revision_details.data_content_type   'Structure model' 
_pdbx_audit_revision_details.provider            repository 
_pdbx_audit_revision_details.type                'Initial release' 
_pdbx_audit_revision_details.description         ? 
_pdbx_audit_revision_details.details             ? 
# 
loop_
_pdbx_audit_revision_group.ordinal 
_pdbx_audit_revision_group.revision_ordinal 
_pdbx_audit_revision_group.data_content_type 
_pdbx_audit_revision_group.group 
1 2 'Structure model' 'Version format compliance' 
2 3 'Structure model' 'Source and taxonomy'       
3 3 'Structure model' 'Version format compliance' 
4 4 'Structure model' 'Refinement description'    
5 5 'Structure model' 'Data collection'           
6 5 'Structure model' 'Database references'       
7 5 'Structure model' 'Refinement description'    
# 
loop_
_pdbx_audit_revision_category.ordinal 
_pdbx_audit_revision_category.revision_ordinal 
_pdbx_audit_revision_category.data_content_type 
_pdbx_audit_revision_category.category 
1 4 'Structure model' software                      
2 5 'Structure model' chem_comp_atom                
3 5 'Structure model' chem_comp_bond                
4 5 'Structure model' database_2                    
5 5 'Structure model' pdbx_initial_refinement_model 
6 5 'Structure model' struct_ref_seq_dif            
# 
loop_
_pdbx_audit_revision_item.ordinal 
_pdbx_audit_revision_item.revision_ordinal 
_pdbx_audit_revision_item.data_content_type 
_pdbx_audit_revision_item.item 
1 4 'Structure model' '_software.classification'            
2 4 'Structure model' '_software.name'                      
3 5 'Structure model' '_database_2.pdbx_DOI'                
4 5 'Structure model' '_database_2.pdbx_database_accession' 
5 5 'Structure model' '_struct_ref_seq_dif.details'         
# 
loop_
_software.name 
_software.classification 
_software.version 
_software.citation_id 
_software.pdbx_ordinal 
REFMAC      refinement        5.2.0019   ? 1 
SBC-Collect 'data collection' .          ? 2 
HKL-2000    'data scaling'    .          ? 3 
PHASER      phasing           'V. 1.3.1' ? 4 
Coot        'model building'  0.0.33     ? 5 
ARP/wARP    'model building'  .          ? 6 
# 
_pdbx_validate_close_contact.id               1 
_pdbx_validate_close_contact.PDB_model_num    1 
_pdbx_validate_close_contact.auth_atom_id_1   OD2 
_pdbx_validate_close_contact.auth_asym_id_1   A 
_pdbx_validate_close_contact.auth_comp_id_1   ASP 
_pdbx_validate_close_contact.auth_seq_id_1    64 
_pdbx_validate_close_contact.PDB_ins_code_1   ? 
_pdbx_validate_close_contact.label_alt_id_1   ? 
_pdbx_validate_close_contact.auth_atom_id_2   OG1 
_pdbx_validate_close_contact.auth_asym_id_2   A 
_pdbx_validate_close_contact.auth_comp_id_2   THR 
_pdbx_validate_close_contact.auth_seq_id_2    66 
_pdbx_validate_close_contact.PDB_ins_code_2   ? 
_pdbx_validate_close_contact.label_alt_id_2   ? 
_pdbx_validate_close_contact.dist             2.10 
# 
_pdbx_validate_torsion.id              1 
_pdbx_validate_torsion.PDB_model_num   1 
_pdbx_validate_torsion.auth_comp_id    PHE 
_pdbx_validate_torsion.auth_asym_id    A 
_pdbx_validate_torsion.auth_seq_id     54 
_pdbx_validate_torsion.PDB_ins_code    ? 
_pdbx_validate_torsion.label_alt_id    ? 
_pdbx_validate_torsion.phi             -140.09 
_pdbx_validate_torsion.psi             -79.11 
# 
loop_
_pdbx_unobs_or_zero_occ_residues.id 
_pdbx_unobs_or_zero_occ_residues.PDB_model_num 
_pdbx_unobs_or_zero_occ_residues.polymer_flag 
_pdbx_unobs_or_zero_occ_residues.occupancy_flag 
_pdbx_unobs_or_zero_occ_residues.auth_asym_id 
_pdbx_unobs_or_zero_occ_residues.auth_comp_id 
_pdbx_unobs_or_zero_occ_residues.auth_seq_id 
_pdbx_unobs_or_zero_occ_residues.PDB_ins_code 
_pdbx_unobs_or_zero_occ_residues.label_asym_id 
_pdbx_unobs_or_zero_occ_residues.label_comp_id 
_pdbx_unobs_or_zero_occ_residues.label_seq_id 
1 1 Y 1 A GLY 1   ? A GLY 1   
2 1 Y 1 A LYS 2   ? A LYS 2   
3 1 Y 1 A ASN 3   ? A ASN 3   
4 1 Y 1 A THR 4   ? A THR 4   
5 1 Y 1 A ASN 160 ? A ASN 160 
# 
loop_
_chem_comp_atom.comp_id 
_chem_comp_atom.atom_id 
_chem_comp_atom.type_symbol 
_chem_comp_atom.pdbx_aromatic_flag 
_chem_comp_atom.pdbx_stereo_config 
_chem_comp_atom.pdbx_ordinal 
ALA N    N N N 1   
ALA CA   C N S 2   
ALA C    C N N 3   
ALA O    O N N 4   
ALA CB   C N N 5   
ALA OXT  O N N 6   
ALA H    H N N 7   
ALA H2   H N N 8   
ALA HA   H N N 9   
ALA HB1  H N N 10  
ALA HB2  H N N 11  
ALA HB3  H N N 12  
ALA HXT  H N N 13  
ARG N    N N N 14  
ARG CA   C N S 15  
ARG C    C N N 16  
ARG O    O N N 17  
ARG CB   C N N 18  
ARG CG   C N N 19  
ARG CD   C N N 20  
ARG NE   N N N 21  
ARG CZ   C N N 22  
ARG NH1  N N N 23  
ARG NH2  N N N 24  
ARG OXT  O N N 25  
ARG H    H N N 26  
ARG H2   H N N 27  
ARG HA   H N N 28  
ARG HB2  H N N 29  
ARG HB3  H N N 30  
ARG HG2  H N N 31  
ARG HG3  H N N 32  
ARG HD2  H N N 33  
ARG HD3  H N N 34  
ARG HE   H N N 35  
ARG HH11 H N N 36  
ARG HH12 H N N 37  
ARG HH21 H N N 38  
ARG HH22 H N N 39  
ARG HXT  H N N 40  
ASN N    N N N 41  
ASN CA   C N S 42  
ASN C    C N N 43  
ASN O    O N N 44  
ASN CB   C N N 45  
ASN CG   C N N 46  
ASN OD1  O N N 47  
ASN ND2  N N N 48  
ASN OXT  O N N 49  
ASN H    H N N 50  
ASN H2   H N N 51  
ASN HA   H N N 52  
ASN HB2  H N N 53  
ASN HB3  H N N 54  
ASN HD21 H N N 55  
ASN HD22 H N N 56  
ASN HXT  H N N 57  
ASP N    N N N 58  
ASP CA   C N S 59  
ASP C    C N N 60  
ASP O    O N N 61  
ASP CB   C N N 62  
ASP CG   C N N 63  
ASP OD1  O N N 64  
ASP OD2  O N N 65  
ASP OXT  O N N 66  
ASP H    H N N 67  
ASP H2   H N N 68  
ASP HA   H N N 69  
ASP HB2  H N N 70  
ASP HB3  H N N 71  
ASP HD2  H N N 72  
ASP HXT  H N N 73  
CYS N    N N N 74  
CYS CA   C N R 75  
CYS C    C N N 76  
CYS O    O N N 77  
CYS CB   C N N 78  
CYS SG   S N N 79  
CYS OXT  O N N 80  
CYS H    H N N 81  
CYS H2   H N N 82  
CYS HA   H N N 83  
CYS HB2  H N N 84  
CYS HB3  H N N 85  
CYS HG   H N N 86  
CYS HXT  H N N 87  
GLN N    N N N 88  
GLN CA   C N S 89  
GLN C    C N N 90  
GLN O    O N N 91  
GLN CB   C N N 92  
GLN CG   C N N 93  
GLN CD   C N N 94  
GLN OE1  O N N 95  
GLN NE2  N N N 96  
GLN OXT  O N N 97  
GLN H    H N N 98  
GLN H2   H N N 99  
GLN HA   H N N 100 
GLN HB2  H N N 101 
GLN HB3  H N N 102 
GLN HG2  H N N 103 
GLN HG3  H N N 104 
GLN HE21 H N N 105 
GLN HE22 H N N 106 
GLN HXT  H N N 107 
GLU N    N N N 108 
GLU CA   C N S 109 
GLU C    C N N 110 
GLU O    O N N 111 
GLU CB   C N N 112 
GLU CG   C N N 113 
GLU CD   C N N 114 
GLU OE1  O N N 115 
GLU OE2  O N N 116 
GLU OXT  O N N 117 
GLU H    H N N 118 
GLU H2   H N N 119 
GLU HA   H N N 120 
GLU HB2  H N N 121 
GLU HB3  H N N 122 
GLU HG2  H N N 123 
GLU HG3  H N N 124 
GLU HE2  H N N 125 
GLU HXT  H N N 126 
GLY N    N N N 127 
GLY CA   C N N 128 
GLY C    C N N 129 
GLY O    O N N 130 
GLY OXT  O N N 131 
GLY H    H N N 132 
GLY H2   H N N 133 
GLY HA2  H N N 134 
GLY HA3  H N N 135 
GLY HXT  H N N 136 
HIS N    N N N 137 
HIS CA   C N S 138 
HIS C    C N N 139 
HIS O    O N N 140 
HIS CB   C N N 141 
HIS CG   C Y N 142 
HIS ND1  N Y N 143 
HIS CD2  C Y N 144 
HIS CE1  C Y N 145 
HIS NE2  N Y N 146 
HIS OXT  O N N 147 
HIS H    H N N 148 
HIS H2   H N N 149 
HIS HA   H N N 150 
HIS HB2  H N N 151 
HIS HB3  H N N 152 
HIS HD1  H N N 153 
HIS HD2  H N N 154 
HIS HE1  H N N 155 
HIS HE2  H N N 156 
HIS HXT  H N N 157 
HOH O    O N N 158 
HOH H1   H N N 159 
HOH H2   H N N 160 
ILE N    N N N 161 
ILE CA   C N S 162 
ILE C    C N N 163 
ILE O    O N N 164 
ILE CB   C N S 165 
ILE CG1  C N N 166 
ILE CG2  C N N 167 
ILE CD1  C N N 168 
ILE OXT  O N N 169 
ILE H    H N N 170 
ILE H2   H N N 171 
ILE HA   H N N 172 
ILE HB   H N N 173 
ILE HG12 H N N 174 
ILE HG13 H N N 175 
ILE HG21 H N N 176 
ILE HG22 H N N 177 
ILE HG23 H N N 178 
ILE HD11 H N N 179 
ILE HD12 H N N 180 
ILE HD13 H N N 181 
ILE HXT  H N N 182 
LEU N    N N N 183 
LEU CA   C N S 184 
LEU C    C N N 185 
LEU O    O N N 186 
LEU CB   C N N 187 
LEU CG   C N N 188 
LEU CD1  C N N 189 
LEU CD2  C N N 190 
LEU OXT  O N N 191 
LEU H    H N N 192 
LEU H2   H N N 193 
LEU HA   H N N 194 
LEU HB2  H N N 195 
LEU HB3  H N N 196 
LEU HG   H N N 197 
LEU HD11 H N N 198 
LEU HD12 H N N 199 
LEU HD13 H N N 200 
LEU HD21 H N N 201 
LEU HD22 H N N 202 
LEU HD23 H N N 203 
LEU HXT  H N N 204 
LYS N    N N N 205 
LYS CA   C N S 206 
LYS C    C N N 207 
LYS O    O N N 208 
LYS CB   C N N 209 
LYS CG   C N N 210 
LYS CD   C N N 211 
LYS CE   C N N 212 
LYS NZ   N N N 213 
LYS OXT  O N N 214 
LYS H    H N N 215 
LYS H2   H N N 216 
LYS HA   H N N 217 
LYS HB2  H N N 218 
LYS HB3  H N N 219 
LYS HG2  H N N 220 
LYS HG3  H N N 221 
LYS HD2  H N N 222 
LYS HD3  H N N 223 
LYS HE2  H N N 224 
LYS HE3  H N N 225 
LYS HZ1  H N N 226 
LYS HZ2  H N N 227 
LYS HZ3  H N N 228 
LYS HXT  H N N 229 
MET N    N N N 230 
MET CA   C N S 231 
MET C    C N N 232 
MET O    O N N 233 
MET CB   C N N 234 
MET CG   C N N 235 
MET SD   S N N 236 
MET CE   C N N 237 
MET OXT  O N N 238 
MET H    H N N 239 
MET H2   H N N 240 
MET HA   H N N 241 
MET HB2  H N N 242 
MET HB3  H N N 243 
MET HG2  H N N 244 
MET HG3  H N N 245 
MET HE1  H N N 246 
MET HE2  H N N 247 
MET HE3  H N N 248 
MET HXT  H N N 249 
PHE N    N N N 250 
PHE CA   C N S 251 
PHE C    C N N 252 
PHE O    O N N 253 
PHE CB   C N N 254 
PHE CG   C Y N 255 
PHE CD1  C Y N 256 
PHE CD2  C Y N 257 
PHE CE1  C Y N 258 
PHE CE2  C Y N 259 
PHE CZ   C Y N 260 
PHE OXT  O N N 261 
PHE H    H N N 262 
PHE H2   H N N 263 
PHE HA   H N N 264 
PHE HB2  H N N 265 
PHE HB3  H N N 266 
PHE HD1  H N N 267 
PHE HD2  H N N 268 
PHE HE1  H N N 269 
PHE HE2  H N N 270 
PHE HZ   H N N 271 
PHE HXT  H N N 272 
PRO N    N N N 273 
PRO CA   C N S 274 
PRO C    C N N 275 
PRO O    O N N 276 
PRO CB   C N N 277 
PRO CG   C N N 278 
PRO CD   C N N 279 
PRO OXT  O N N 280 
PRO H    H N N 281 
PRO HA   H N N 282 
PRO HB2  H N N 283 
PRO HB3  H N N 284 
PRO HG2  H N N 285 
PRO HG3  H N N 286 
PRO HD2  H N N 287 
PRO HD3  H N N 288 
PRO HXT  H N N 289 
SER N    N N N 290 
SER CA   C N S 291 
SER C    C N N 292 
SER O    O N N 293 
SER CB   C N N 294 
SER OG   O N N 295 
SER OXT  O N N 296 
SER H    H N N 297 
SER H2   H N N 298 
SER HA   H N N 299 
SER HB2  H N N 300 
SER HB3  H N N 301 
SER HG   H N N 302 
SER HXT  H N N 303 
THR N    N N N 304 
THR CA   C N S 305 
THR C    C N N 306 
THR O    O N N 307 
THR CB   C N R 308 
THR OG1  O N N 309 
THR CG2  C N N 310 
THR OXT  O N N 311 
THR H    H N N 312 
THR H2   H N N 313 
THR HA   H N N 314 
THR HB   H N N 315 
THR HG1  H N N 316 
THR HG21 H N N 317 
THR HG22 H N N 318 
THR HG23 H N N 319 
THR HXT  H N N 320 
TRP N    N N N 321 
TRP CA   C N S 322 
TRP C    C N N 323 
TRP O    O N N 324 
TRP CB   C N N 325 
TRP CG   C Y N 326 
TRP CD1  C Y N 327 
TRP CD2  C Y N 328 
TRP NE1  N Y N 329 
TRP CE2  C Y N 330 
TRP CE3  C Y N 331 
TRP CZ2  C Y N 332 
TRP CZ3  C Y N 333 
TRP CH2  C Y N 334 
TRP OXT  O N N 335 
TRP H    H N N 336 
TRP H2   H N N 337 
TRP HA   H N N 338 
TRP HB2  H N N 339 
TRP HB3  H N N 340 
TRP HD1  H N N 341 
TRP HE1  H N N 342 
TRP HE3  H N N 343 
TRP HZ2  H N N 344 
TRP HZ3  H N N 345 
TRP HH2  H N N 346 
TRP HXT  H N N 347 
TYR N    N N N 348 
TYR CA   C N S 349 
TYR C    C N N 350 
TYR O    O N N 351 
TYR CB   C N N 352 
TYR CG   C Y N 353 
TYR CD1  C Y N 354 
TYR CD2  C Y N 355 
TYR CE1  C Y N 356 
TYR CE2  C Y N 357 
TYR CZ   C Y N 358 
TYR OH   O N N 359 
TYR OXT  O N N 360 
TYR H    H N N 361 
TYR H2   H N N 362 
TYR HA   H N N 363 
TYR HB2  H N N 364 
TYR HB3  H N N 365 
TYR HD1  H N N 366 
TYR HD2  H N N 367 
TYR HE1  H N N 368 
TYR HE2  H N N 369 
TYR HH   H N N 370 
TYR HXT  H N N 371 
VAL N    N N N 372 
VAL CA   C N S 373 
VAL C    C N N 374 
VAL O    O N N 375 
VAL CB   C N N 376 
VAL CG1  C N N 377 
VAL CG2  C N N 378 
VAL OXT  O N N 379 
VAL H    H N N 380 
VAL H2   H N N 381 
VAL HA   H N N 382 
VAL HB   H N N 383 
VAL HG11 H N N 384 
VAL HG12 H N N 385 
VAL HG13 H N N 386 
VAL HG21 H N N 387 
VAL HG22 H N N 388 
VAL HG23 H N N 389 
VAL HXT  H N N 390 
# 
loop_
_chem_comp_bond.comp_id 
_chem_comp_bond.atom_id_1 
_chem_comp_bond.atom_id_2 
_chem_comp_bond.value_order 
_chem_comp_bond.pdbx_aromatic_flag 
_chem_comp_bond.pdbx_stereo_config 
_chem_comp_bond.pdbx_ordinal 
ALA N   CA   sing N N 1   
ALA N   H    sing N N 2   
ALA N   H2   sing N N 3   
ALA CA  C    sing N N 4   
ALA CA  CB   sing N N 5   
ALA CA  HA   sing N N 6   
ALA C   O    doub N N 7   
ALA C   OXT  sing N N 8   
ALA CB  HB1  sing N N 9   
ALA CB  HB2  sing N N 10  
ALA CB  HB3  sing N N 11  
ALA OXT HXT  sing N N 12  
ARG N   CA   sing N N 13  
ARG N   H    sing N N 14  
ARG N   H2   sing N N 15  
ARG CA  C    sing N N 16  
ARG CA  CB   sing N N 17  
ARG CA  HA   sing N N 18  
ARG C   O    doub N N 19  
ARG C   OXT  sing N N 20  
ARG CB  CG   sing N N 21  
ARG CB  HB2  sing N N 22  
ARG CB  HB3  sing N N 23  
ARG CG  CD   sing N N 24  
ARG CG  HG2  sing N N 25  
ARG CG  HG3  sing N N 26  
ARG CD  NE   sing N N 27  
ARG CD  HD2  sing N N 28  
ARG CD  HD3  sing N N 29  
ARG NE  CZ   sing N N 30  
ARG NE  HE   sing N N 31  
ARG CZ  NH1  sing N N 32  
ARG CZ  NH2  doub N N 33  
ARG NH1 HH11 sing N N 34  
ARG NH1 HH12 sing N N 35  
ARG NH2 HH21 sing N N 36  
ARG NH2 HH22 sing N N 37  
ARG OXT HXT  sing N N 38  
ASN N   CA   sing N N 39  
ASN N   H    sing N N 40  
ASN N   H2   sing N N 41  
ASN CA  C    sing N N 42  
ASN CA  CB   sing N N 43  
ASN CA  HA   sing N N 44  
ASN C   O    doub N N 45  
ASN C   OXT  sing N N 46  
ASN CB  CG   sing N N 47  
ASN CB  HB2  sing N N 48  
ASN CB  HB3  sing N N 49  
ASN CG  OD1  doub N N 50  
ASN CG  ND2  sing N N 51  
ASN ND2 HD21 sing N N 52  
ASN ND2 HD22 sing N N 53  
ASN OXT HXT  sing N N 54  
ASP N   CA   sing N N 55  
ASP N   H    sing N N 56  
ASP N   H2   sing N N 57  
ASP CA  C    sing N N 58  
ASP CA  CB   sing N N 59  
ASP CA  HA   sing N N 60  
ASP C   O    doub N N 61  
ASP C   OXT  sing N N 62  
ASP CB  CG   sing N N 63  
ASP CB  HB2  sing N N 64  
ASP CB  HB3  sing N N 65  
ASP CG  OD1  doub N N 66  
ASP CG  OD2  sing N N 67  
ASP OD2 HD2  sing N N 68  
ASP OXT HXT  sing N N 69  
CYS N   CA   sing N N 70  
CYS N   H    sing N N 71  
CYS N   H2   sing N N 72  
CYS CA  C    sing N N 73  
CYS CA  CB   sing N N 74  
CYS CA  HA   sing N N 75  
CYS C   O    doub N N 76  
CYS C   OXT  sing N N 77  
CYS CB  SG   sing N N 78  
CYS CB  HB2  sing N N 79  
CYS CB  HB3  sing N N 80  
CYS SG  HG   sing N N 81  
CYS OXT HXT  sing N N 82  
GLN N   CA   sing N N 83  
GLN N   H    sing N N 84  
GLN N   H2   sing N N 85  
GLN CA  C    sing N N 86  
GLN CA  CB   sing N N 87  
GLN CA  HA   sing N N 88  
GLN C   O    doub N N 89  
GLN C   OXT  sing N N 90  
GLN CB  CG   sing N N 91  
GLN CB  HB2  sing N N 92  
GLN CB  HB3  sing N N 93  
GLN CG  CD   sing N N 94  
GLN CG  HG2  sing N N 95  
GLN CG  HG3  sing N N 96  
GLN CD  OE1  doub N N 97  
GLN CD  NE2  sing N N 98  
GLN NE2 HE21 sing N N 99  
GLN NE2 HE22 sing N N 100 
GLN OXT HXT  sing N N 101 
GLU N   CA   sing N N 102 
GLU N   H    sing N N 103 
GLU N   H2   sing N N 104 
GLU CA  C    sing N N 105 
GLU CA  CB   sing N N 106 
GLU CA  HA   sing N N 107 
GLU C   O    doub N N 108 
GLU C   OXT  sing N N 109 
GLU CB  CG   sing N N 110 
GLU CB  HB2  sing N N 111 
GLU CB  HB3  sing N N 112 
GLU CG  CD   sing N N 113 
GLU CG  HG2  sing N N 114 
GLU CG  HG3  sing N N 115 
GLU CD  OE1  doub N N 116 
GLU CD  OE2  sing N N 117 
GLU OE2 HE2  sing N N 118 
GLU OXT HXT  sing N N 119 
GLY N   CA   sing N N 120 
GLY N   H    sing N N 121 
GLY N   H2   sing N N 122 
GLY CA  C    sing N N 123 
GLY CA  HA2  sing N N 124 
GLY CA  HA3  sing N N 125 
GLY C   O    doub N N 126 
GLY C   OXT  sing N N 127 
GLY OXT HXT  sing N N 128 
HIS N   CA   sing N N 129 
HIS N   H    sing N N 130 
HIS N   H2   sing N N 131 
HIS CA  C    sing N N 132 
HIS CA  CB   sing N N 133 
HIS CA  HA   sing N N 134 
HIS C   O    doub N N 135 
HIS C   OXT  sing N N 136 
HIS CB  CG   sing N N 137 
HIS CB  HB2  sing N N 138 
HIS CB  HB3  sing N N 139 
HIS CG  ND1  sing Y N 140 
HIS CG  CD2  doub Y N 141 
HIS ND1 CE1  doub Y N 142 
HIS ND1 HD1  sing N N 143 
HIS CD2 NE2  sing Y N 144 
HIS CD2 HD2  sing N N 145 
HIS CE1 NE2  sing Y N 146 
HIS CE1 HE1  sing N N 147 
HIS NE2 HE2  sing N N 148 
HIS OXT HXT  sing N N 149 
HOH O   H1   sing N N 150 
HOH O   H2   sing N N 151 
ILE N   CA   sing N N 152 
ILE N   H    sing N N 153 
ILE N   H2   sing N N 154 
ILE CA  C    sing N N 155 
ILE CA  CB   sing N N 156 
ILE CA  HA   sing N N 157 
ILE C   O    doub N N 158 
ILE C   OXT  sing N N 159 
ILE CB  CG1  sing N N 160 
ILE CB  CG2  sing N N 161 
ILE CB  HB   sing N N 162 
ILE CG1 CD1  sing N N 163 
ILE CG1 HG12 sing N N 164 
ILE CG1 HG13 sing N N 165 
ILE CG2 HG21 sing N N 166 
ILE CG2 HG22 sing N N 167 
ILE CG2 HG23 sing N N 168 
ILE CD1 HD11 sing N N 169 
ILE CD1 HD12 sing N N 170 
ILE CD1 HD13 sing N N 171 
ILE OXT HXT  sing N N 172 
LEU N   CA   sing N N 173 
LEU N   H    sing N N 174 
LEU N   H2   sing N N 175 
LEU CA  C    sing N N 176 
LEU CA  CB   sing N N 177 
LEU CA  HA   sing N N 178 
LEU C   O    doub N N 179 
LEU C   OXT  sing N N 180 
LEU CB  CG   sing N N 181 
LEU CB  HB2  sing N N 182 
LEU CB  HB3  sing N N 183 
LEU CG  CD1  sing N N 184 
LEU CG  CD2  sing N N 185 
LEU CG  HG   sing N N 186 
LEU CD1 HD11 sing N N 187 
LEU CD1 HD12 sing N N 188 
LEU CD1 HD13 sing N N 189 
LEU CD2 HD21 sing N N 190 
LEU CD2 HD22 sing N N 191 
LEU CD2 HD23 sing N N 192 
LEU OXT HXT  sing N N 193 
LYS N   CA   sing N N 194 
LYS N   H    sing N N 195 
LYS N   H2   sing N N 196 
LYS CA  C    sing N N 197 
LYS CA  CB   sing N N 198 
LYS CA  HA   sing N N 199 
LYS C   O    doub N N 200 
LYS C   OXT  sing N N 201 
LYS CB  CG   sing N N 202 
LYS CB  HB2  sing N N 203 
LYS CB  HB3  sing N N 204 
LYS CG  CD   sing N N 205 
LYS CG  HG2  sing N N 206 
LYS CG  HG3  sing N N 207 
LYS CD  CE   sing N N 208 
LYS CD  HD2  sing N N 209 
LYS CD  HD3  sing N N 210 
LYS CE  NZ   sing N N 211 
LYS CE  HE2  sing N N 212 
LYS CE  HE3  sing N N 213 
LYS NZ  HZ1  sing N N 214 
LYS NZ  HZ2  sing N N 215 
LYS NZ  HZ3  sing N N 216 
LYS OXT HXT  sing N N 217 
MET N   CA   sing N N 218 
MET N   H    sing N N 219 
MET N   H2   sing N N 220 
MET CA  C    sing N N 221 
MET CA  CB   sing N N 222 
MET CA  HA   sing N N 223 
MET C   O    doub N N 224 
MET C   OXT  sing N N 225 
MET CB  CG   sing N N 226 
MET CB  HB2  sing N N 227 
MET CB  HB3  sing N N 228 
MET CG  SD   sing N N 229 
MET CG  HG2  sing N N 230 
MET CG  HG3  sing N N 231 
MET SD  CE   sing N N 232 
MET CE  HE1  sing N N 233 
MET CE  HE2  sing N N 234 
MET CE  HE3  sing N N 235 
MET OXT HXT  sing N N 236 
PHE N   CA   sing N N 237 
PHE N   H    sing N N 238 
PHE N   H2   sing N N 239 
PHE CA  C    sing N N 240 
PHE CA  CB   sing N N 241 
PHE CA  HA   sing N N 242 
PHE C   O    doub N N 243 
PHE C   OXT  sing N N 244 
PHE CB  CG   sing N N 245 
PHE CB  HB2  sing N N 246 
PHE CB  HB3  sing N N 247 
PHE CG  CD1  doub Y N 248 
PHE CG  CD2  sing Y N 249 
PHE CD1 CE1  sing Y N 250 
PHE CD1 HD1  sing N N 251 
PHE CD2 CE2  doub Y N 252 
PHE CD2 HD2  sing N N 253 
PHE CE1 CZ   doub Y N 254 
PHE CE1 HE1  sing N N 255 
PHE CE2 CZ   sing Y N 256 
PHE CE2 HE2  sing N N 257 
PHE CZ  HZ   sing N N 258 
PHE OXT HXT  sing N N 259 
PRO N   CA   sing N N 260 
PRO N   CD   sing N N 261 
PRO N   H    sing N N 262 
PRO CA  C    sing N N 263 
PRO CA  CB   sing N N 264 
PRO CA  HA   sing N N 265 
PRO C   O    doub N N 266 
PRO C   OXT  sing N N 267 
PRO CB  CG   sing N N 268 
PRO CB  HB2  sing N N 269 
PRO CB  HB3  sing N N 270 
PRO CG  CD   sing N N 271 
PRO CG  HG2  sing N N 272 
PRO CG  HG3  sing N N 273 
PRO CD  HD2  sing N N 274 
PRO CD  HD3  sing N N 275 
PRO OXT HXT  sing N N 276 
SER N   CA   sing N N 277 
SER N   H    sing N N 278 
SER N   H2   sing N N 279 
SER CA  C    sing N N 280 
SER CA  CB   sing N N 281 
SER CA  HA   sing N N 282 
SER C   O    doub N N 283 
SER C   OXT  sing N N 284 
SER CB  OG   sing N N 285 
SER CB  HB2  sing N N 286 
SER CB  HB3  sing N N 287 
SER OG  HG   sing N N 288 
SER OXT HXT  sing N N 289 
THR N   CA   sing N N 290 
THR N   H    sing N N 291 
THR N   H2   sing N N 292 
THR CA  C    sing N N 293 
THR CA  CB   sing N N 294 
THR CA  HA   sing N N 295 
THR C   O    doub N N 296 
THR C   OXT  sing N N 297 
THR CB  OG1  sing N N 298 
THR CB  CG2  sing N N 299 
THR CB  HB   sing N N 300 
THR OG1 HG1  sing N N 301 
THR CG2 HG21 sing N N 302 
THR CG2 HG22 sing N N 303 
THR CG2 HG23 sing N N 304 
THR OXT HXT  sing N N 305 
TRP N   CA   sing N N 306 
TRP N   H    sing N N 307 
TRP N   H2   sing N N 308 
TRP CA  C    sing N N 309 
TRP CA  CB   sing N N 310 
TRP CA  HA   sing N N 311 
TRP C   O    doub N N 312 
TRP C   OXT  sing N N 313 
TRP CB  CG   sing N N 314 
TRP CB  HB2  sing N N 315 
TRP CB  HB3  sing N N 316 
TRP CG  CD1  doub Y N 317 
TRP CG  CD2  sing Y N 318 
TRP CD1 NE1  sing Y N 319 
TRP CD1 HD1  sing N N 320 
TRP CD2 CE2  doub Y N 321 
TRP CD2 CE3  sing Y N 322 
TRP NE1 CE2  sing Y N 323 
TRP NE1 HE1  sing N N 324 
TRP CE2 CZ2  sing Y N 325 
TRP CE3 CZ3  doub Y N 326 
TRP CE3 HE3  sing N N 327 
TRP CZ2 CH2  doub Y N 328 
TRP CZ2 HZ2  sing N N 329 
TRP CZ3 CH2  sing Y N 330 
TRP CZ3 HZ3  sing N N 331 
TRP CH2 HH2  sing N N 332 
TRP OXT HXT  sing N N 333 
TYR N   CA   sing N N 334 
TYR N   H    sing N N 335 
TYR N   H2   sing N N 336 
TYR CA  C    sing N N 337 
TYR CA  CB   sing N N 338 
TYR CA  HA   sing N N 339 
TYR C   O    doub N N 340 
TYR C   OXT  sing N N 341 
TYR CB  CG   sing N N 342 
TYR CB  HB2  sing N N 343 
TYR CB  HB3  sing N N 344 
TYR CG  CD1  doub Y N 345 
TYR CG  CD2  sing Y N 346 
TYR CD1 CE1  sing Y N 347 
TYR CD1 HD1  sing N N 348 
TYR CD2 CE2  doub Y N 349 
TYR CD2 HD2  sing N N 350 
TYR CE1 CZ   doub Y N 351 
TYR CE1 HE1  sing N N 352 
TYR CE2 CZ   sing Y N 353 
TYR CE2 HE2  sing N N 354 
TYR CZ  OH   sing N N 355 
TYR OH  HH   sing N N 356 
TYR OXT HXT  sing N N 357 
VAL N   CA   sing N N 358 
VAL N   H    sing N N 359 
VAL N   H2   sing N N 360 
VAL CA  C    sing N N 361 
VAL CA  CB   sing N N 362 
VAL CA  HA   sing N N 363 
VAL C   O    doub N N 364 
VAL C   OXT  sing N N 365 
VAL CB  CG1  sing N N 366 
VAL CB  CG2  sing N N 367 
VAL CB  HB   sing N N 368 
VAL CG1 HG11 sing N N 369 
VAL CG1 HG12 sing N N 370 
VAL CG1 HG13 sing N N 371 
VAL CG2 HG21 sing N N 372 
VAL CG2 HG22 sing N N 373 
VAL CG2 HG23 sing N N 374 
VAL OXT HXT  sing N N 375 
# 
_pdbx_entity_nonpoly.entity_id   2 
_pdbx_entity_nonpoly.name        water 
_pdbx_entity_nonpoly.comp_id     HOH 
# 
_pdbx_initial_refinement_model.id               1 
_pdbx_initial_refinement_model.entity_id_list   ? 
_pdbx_initial_refinement_model.type             'experimental model' 
_pdbx_initial_refinement_model.source_name      PDB 
_pdbx_initial_refinement_model.accession_code   2B71 
_pdbx_initial_refinement_model.details          ? 
# 
